data_3JTI
# 
_entry.id   3JTI 
# 
_audit_conform.dict_name       mmcif_pdbx.dic 
_audit_conform.dict_version    5.398 
_audit_conform.dict_location   http://mmcif.pdb.org/dictionaries/ascii/mmcif_pdbx.dic 
# 
loop_
_database_2.database_id 
_database_2.database_code 
_database_2.pdbx_database_accession 
_database_2.pdbx_DOI 
PDB   3JTI         pdb_00003jti 10.2210/pdb3jti/pdb 
RCSB  RCSB055139   ?            ?                   
WWPDB D_1000055139 ?            ?                   
# 
loop_
_pdbx_audit_revision_history.ordinal 
_pdbx_audit_revision_history.data_content_type 
_pdbx_audit_revision_history.major_revision 
_pdbx_audit_revision_history.minor_revision 
_pdbx_audit_revision_history.revision_date 
1 'Structure model' 1 0 2010-07-21 
2 'Structure model' 1 1 2011-07-13 
3 'Structure model' 1 2 2023-11-01 
4 'Structure model' 1 3 2024-11-13 
# 
_pdbx_audit_revision_details.ordinal             1 
_pdbx_audit_revision_details.revision_ordinal    1 
_pdbx_audit_revision_details.data_content_type   'Structure model' 
_pdbx_audit_revision_details.provider            repository 
_pdbx_audit_revision_details.type                'Initial release' 
_pdbx_audit_revision_details.description         ? 
_pdbx_audit_revision_details.details             ? 
# 
loop_
_pdbx_audit_revision_group.ordinal 
_pdbx_audit_revision_group.revision_ordinal 
_pdbx_audit_revision_group.data_content_type 
_pdbx_audit_revision_group.group 
1 2 'Structure model' 'Version format compliance' 
2 3 'Structure model' 'Data collection'           
3 3 'Structure model' 'Database references'       
4 3 'Structure model' 'Derived calculations'      
5 3 'Structure model' 'Refinement description'    
6 4 'Structure model' 'Structure summary'         
# 
loop_
_pdbx_audit_revision_category.ordinal 
_pdbx_audit_revision_category.revision_ordinal 
_pdbx_audit_revision_category.data_content_type 
_pdbx_audit_revision_category.category 
1 3 'Structure model' chem_comp_atom                
2 3 'Structure model' chem_comp_bond                
3 3 'Structure model' database_2                    
4 3 'Structure model' pdbx_initial_refinement_model 
5 3 'Structure model' pdbx_struct_conn_angle        
6 3 'Structure model' struct_conn                   
7 3 'Structure model' struct_site                   
8 4 'Structure model' pdbx_entry_details            
9 4 'Structure model' pdbx_modification_feature     
# 
loop_
_pdbx_audit_revision_item.ordinal 
_pdbx_audit_revision_item.revision_ordinal 
_pdbx_audit_revision_item.data_content_type 
_pdbx_audit_revision_item.item 
1  3 'Structure model' '_database_2.pdbx_DOI'                         
2  3 'Structure model' '_database_2.pdbx_database_accession'          
3  3 'Structure model' '_pdbx_struct_conn_angle.ptnr1_auth_asym_id'   
4  3 'Structure model' '_pdbx_struct_conn_angle.ptnr1_auth_comp_id'   
5  3 'Structure model' '_pdbx_struct_conn_angle.ptnr1_auth_seq_id'    
6  3 'Structure model' '_pdbx_struct_conn_angle.ptnr1_label_asym_id'  
7  3 'Structure model' '_pdbx_struct_conn_angle.ptnr1_label_atom_id'  
8  3 'Structure model' '_pdbx_struct_conn_angle.ptnr1_label_comp_id'  
9  3 'Structure model' '_pdbx_struct_conn_angle.ptnr1_label_seq_id'   
10 3 'Structure model' '_pdbx_struct_conn_angle.ptnr3_auth_asym_id'   
11 3 'Structure model' '_pdbx_struct_conn_angle.ptnr3_auth_comp_id'   
12 3 'Structure model' '_pdbx_struct_conn_angle.ptnr3_auth_seq_id'    
13 3 'Structure model' '_pdbx_struct_conn_angle.ptnr3_label_asym_id'  
14 3 'Structure model' '_pdbx_struct_conn_angle.ptnr3_label_atom_id'  
15 3 'Structure model' '_pdbx_struct_conn_angle.ptnr3_label_comp_id'  
16 3 'Structure model' '_pdbx_struct_conn_angle.ptnr3_label_seq_id'   
17 3 'Structure model' '_pdbx_struct_conn_angle.value'                
18 3 'Structure model' '_struct_conn.pdbx_dist_value'                 
19 3 'Structure model' '_struct_conn.ptnr1_auth_asym_id'              
20 3 'Structure model' '_struct_conn.ptnr1_auth_comp_id'              
21 3 'Structure model' '_struct_conn.ptnr1_auth_seq_id'               
22 3 'Structure model' '_struct_conn.ptnr1_label_asym_id'             
23 3 'Structure model' '_struct_conn.ptnr1_label_atom_id'             
24 3 'Structure model' '_struct_conn.ptnr1_label_comp_id'             
25 3 'Structure model' '_struct_conn.ptnr1_label_seq_id'              
26 3 'Structure model' '_struct_conn.ptnr2_auth_asym_id'              
27 3 'Structure model' '_struct_conn.ptnr2_auth_comp_id'              
28 3 'Structure model' '_struct_conn.ptnr2_auth_seq_id'               
29 3 'Structure model' '_struct_conn.ptnr2_label_asym_id'             
30 3 'Structure model' '_struct_conn.ptnr2_label_atom_id'             
31 3 'Structure model' '_struct_conn.ptnr2_label_comp_id'             
32 3 'Structure model' '_struct_conn.ptnr2_label_seq_id'              
33 3 'Structure model' '_struct_site.pdbx_auth_asym_id'               
34 3 'Structure model' '_struct_site.pdbx_auth_comp_id'               
35 3 'Structure model' '_struct_site.pdbx_auth_seq_id'                
36 4 'Structure model' '_pdbx_entry_details.has_protein_modification' 
# 
_pdbx_database_status.status_code                     REL 
_pdbx_database_status.entry_id                        3JTI 
_pdbx_database_status.recvd_initial_deposition_date   2009-09-12 
_pdbx_database_status.deposit_site                    RCSB 
_pdbx_database_status.process_site                    PDBJ 
_pdbx_database_status.status_code_sf                  REL 
_pdbx_database_status.status_code_mr                  ? 
_pdbx_database_status.SG_entry                        ? 
_pdbx_database_status.pdb_format_compatible           Y 
_pdbx_database_status.status_code_cs                  ? 
_pdbx_database_status.status_code_nmr_data            ? 
_pdbx_database_status.methods_development_category    ? 
# 
_pdbx_database_related.db_name        PDB 
_pdbx_database_related.db_id          3GCI 
_pdbx_database_related.details        'complex with heptapeptide' 
_pdbx_database_related.content_type   unspecified 
# 
loop_
_audit_author.name 
_audit_author.pdbx_ordinal 
'Pandey, N.'     1 
'Mirza, Z.'      2 
'Vikram, G.'     3 
'Singh, N.'      4 
'Bhushan, A.'    5 
'Kaur, P.'       6 
'Srinivasan, A.' 7 
'Sharma, S.'     8 
'Singh, T.P.'    9 
# 
_citation.id                        primary 
_citation.title                     
;Crystal structure of the complex formed between Phospholipase A2 with beta-amyloid fragment, Lys-Gly-Ala-Ile-Ile-Gly-Leu-Met at 1.8 A resolution
;
_citation.journal_abbrev            'To be Published' 
_citation.journal_volume            ? 
_citation.page_first                ? 
_citation.page_last                 ? 
_citation.year                      ? 
_citation.journal_id_ASTM           ? 
_citation.country                   ? 
_citation.journal_id_ISSN           ? 
_citation.journal_id_CSD            0353 
_citation.book_publisher            ? 
_citation.pdbx_database_id_PubMed   ? 
_citation.pdbx_database_id_DOI      ? 
# 
loop_
_citation_author.citation_id 
_citation_author.name 
_citation_author.ordinal 
_citation_author.identifier_ORCID 
primary 'Pandey, N.'     1 ? 
primary 'Mirza, Z.'      2 ? 
primary 'Vikram, G.'     3 ? 
primary 'Singh, N.'      4 ? 
primary 'Bhushan, A.'    5 ? 
primary 'Kaur, P.'       6 ? 
primary 'Srinivasan, A.' 7 ? 
primary 'Sharma, S.'     8 ? 
primary 'Singh, T.P.'    9 ? 
# 
loop_
_entity.id 
_entity.type 
_entity.src_method 
_entity.pdbx_description 
_entity.formula_weight 
_entity.pdbx_number_of_molecules 
_entity.pdbx_ec 
_entity.pdbx_mutation 
_entity.pdbx_fragment 
_entity.details 
1 polymer     nat 'Phospholipase A2 isoform 3'               13128.515 1  3.1.1.4 ? ?                      ? 
2 polymer     syn 'octapeptide from Amyloid beta A4 protein' 803.046   1  ?       ? 'UNP residues 699-706' ? 
3 non-polymer syn 'CALCIUM ION'                              40.078    1  ?       ? ?                      ? 
4 water       nat water                                      18.015    95 ?       ? ?                      ? 
# 
loop_
_entity_name_com.entity_id 
_entity_name_com.name 
1 'Phosphatidylcholine 2-acylhydrolase' 
2 'P3(40)'                              
# 
loop_
_entity_poly.entity_id 
_entity_poly.type 
_entity_poly.nstd_linkage 
_entity_poly.nstd_monomer 
_entity_poly.pdbx_seq_one_letter_code 
_entity_poly.pdbx_seq_one_letter_code_can 
_entity_poly.pdbx_strand_id 
_entity_poly.pdbx_target_identifier 
1 'polypeptide(L)' no no 
;NLYQFKNMIQCTVPSRSWADFADYGCYCGKGGSGTPVDDLDRCCQTHDNCYNEAENISGCRPYFKTYSYECTQGTLTCKG
DNNACAASVCDCDRLAAICFAGAPYNDANYNIDLKARCN
;
;NLYQFKNMIQCTVPSRSWADFADYGCYCGKGGSGTPVDDLDRCCQTHDNCYNEAENISGCRPYFKTYSYECTQGTLTCKG
DNNACAASVCDCDRLAAICFAGAPYNDANYNIDLKARCN
;
A ? 
2 'polypeptide(L)' no no KGAIIGLM KGAIIGLM B ? 
# 
loop_
_pdbx_entity_nonpoly.entity_id 
_pdbx_entity_nonpoly.name 
_pdbx_entity_nonpoly.comp_id 
3 'CALCIUM ION' CA  
4 water         HOH 
# 
loop_
_entity_poly_seq.entity_id 
_entity_poly_seq.num 
_entity_poly_seq.mon_id 
_entity_poly_seq.hetero 
1 1   ASN n 
1 2   LEU n 
1 3   TYR n 
1 4   GLN n 
1 5   PHE n 
1 6   LYS n 
1 7   ASN n 
1 8   MET n 
1 9   ILE n 
1 10  GLN n 
1 11  CYS n 
1 12  THR n 
1 13  VAL n 
1 14  PRO n 
1 15  SER n 
1 16  ARG n 
1 17  SER n 
1 18  TRP n 
1 19  ALA n 
1 20  ASP n 
1 21  PHE n 
1 22  ALA n 
1 23  ASP n 
1 24  TYR n 
1 25  GLY n 
1 26  CYS n 
1 27  TYR n 
1 28  CYS n 
1 29  GLY n 
1 30  LYS n 
1 31  GLY n 
1 32  GLY n 
1 33  SER n 
1 34  GLY n 
1 35  THR n 
1 36  PRO n 
1 37  VAL n 
1 38  ASP n 
1 39  ASP n 
1 40  LEU n 
1 41  ASP n 
1 42  ARG n 
1 43  CYS n 
1 44  CYS n 
1 45  GLN n 
1 46  THR n 
1 47  HIS n 
1 48  ASP n 
1 49  ASN n 
1 50  CYS n 
1 51  TYR n 
1 52  ASN n 
1 53  GLU n 
1 54  ALA n 
1 55  GLU n 
1 56  ASN n 
1 57  ILE n 
1 58  SER n 
1 59  GLY n 
1 60  CYS n 
1 61  ARG n 
1 62  PRO n 
1 63  TYR n 
1 64  PHE n 
1 65  LYS n 
1 66  THR n 
1 67  TYR n 
1 68  SER n 
1 69  TYR n 
1 70  GLU n 
1 71  CYS n 
1 72  THR n 
1 73  GLN n 
1 74  GLY n 
1 75  THR n 
1 76  LEU n 
1 77  THR n 
1 78  CYS n 
1 79  LYS n 
1 80  GLY n 
1 81  ASP n 
1 82  ASN n 
1 83  ASN n 
1 84  ALA n 
1 85  CYS n 
1 86  ALA n 
1 87  ALA n 
1 88  SER n 
1 89  VAL n 
1 90  CYS n 
1 91  ASP n 
1 92  CYS n 
1 93  ASP n 
1 94  ARG n 
1 95  LEU n 
1 96  ALA n 
1 97  ALA n 
1 98  ILE n 
1 99  CYS n 
1 100 PHE n 
1 101 ALA n 
1 102 GLY n 
1 103 ALA n 
1 104 PRO n 
1 105 TYR n 
1 106 ASN n 
1 107 ASP n 
1 108 ALA n 
1 109 ASN n 
1 110 TYR n 
1 111 ASN n 
1 112 ILE n 
1 113 ASP n 
1 114 LEU n 
1 115 LYS n 
1 116 ALA n 
1 117 ARG n 
1 118 CYS n 
1 119 ASN n 
2 1   LYS n 
2 2   GLY n 
2 3   ALA n 
2 4   ILE n 
2 5   ILE n 
2 6   GLY n 
2 7   LEU n 
2 8   MET n 
# 
_entity_src_nat.entity_id                  1 
_entity_src_nat.pdbx_src_id                1 
_entity_src_nat.pdbx_alt_source_flag       sample 
_entity_src_nat.pdbx_beg_seq_num           ? 
_entity_src_nat.pdbx_end_seq_num           ? 
_entity_src_nat.common_name                'Andaman cobra' 
_entity_src_nat.pdbx_organism_scientific   'Naja sagittifera' 
_entity_src_nat.pdbx_ncbi_taxonomy_id      195058 
_entity_src_nat.genus                      ? 
_entity_src_nat.species                    ? 
_entity_src_nat.strain                     ? 
_entity_src_nat.tissue                     ? 
_entity_src_nat.tissue_fraction            ? 
_entity_src_nat.pdbx_secretion             ? 
_entity_src_nat.pdbx_fragment              ? 
_entity_src_nat.pdbx_variant               ? 
_entity_src_nat.pdbx_cell_line             ? 
_entity_src_nat.pdbx_atcc                  ? 
_entity_src_nat.pdbx_cellular_location     ? 
_entity_src_nat.pdbx_organ                 ? 
_entity_src_nat.pdbx_organelle             ? 
_entity_src_nat.pdbx_cell                  ? 
_entity_src_nat.pdbx_plasmid_name          ? 
_entity_src_nat.pdbx_plasmid_details       ? 
_entity_src_nat.details                    ? 
# 
_pdbx_entity_src_syn.entity_id              2 
_pdbx_entity_src_syn.pdbx_src_id            1 
_pdbx_entity_src_syn.pdbx_alt_source_flag   sample 
_pdbx_entity_src_syn.pdbx_beg_seq_num       ? 
_pdbx_entity_src_syn.pdbx_end_seq_num       ? 
_pdbx_entity_src_syn.organism_scientific    'HOMO SAPIENS' 
_pdbx_entity_src_syn.organism_common_name   human 
_pdbx_entity_src_syn.ncbi_taxonomy_id       9606 
_pdbx_entity_src_syn.details                'THIS PEPTIDE WAS CHEMICALLY SYNTHESIZED.' 
# 
loop_
_chem_comp.id 
_chem_comp.type 
_chem_comp.mon_nstd_flag 
_chem_comp.name 
_chem_comp.pdbx_synonyms 
_chem_comp.formula 
_chem_comp.formula_weight 
ALA 'L-peptide linking' y ALANINE         ? 'C3 H7 N O2'     89.093  
ARG 'L-peptide linking' y ARGININE        ? 'C6 H15 N4 O2 1' 175.209 
ASN 'L-peptide linking' y ASPARAGINE      ? 'C4 H8 N2 O3'    132.118 
ASP 'L-peptide linking' y 'ASPARTIC ACID' ? 'C4 H7 N O4'     133.103 
CA  non-polymer         . 'CALCIUM ION'   ? 'Ca 2'           40.078  
CYS 'L-peptide linking' y CYSTEINE        ? 'C3 H7 N O2 S'   121.158 
GLN 'L-peptide linking' y GLUTAMINE       ? 'C5 H10 N2 O3'   146.144 
GLU 'L-peptide linking' y 'GLUTAMIC ACID' ? 'C5 H9 N O4'     147.129 
GLY 'peptide linking'   y GLYCINE         ? 'C2 H5 N O2'     75.067  
HIS 'L-peptide linking' y HISTIDINE       ? 'C6 H10 N3 O2 1' 156.162 
HOH non-polymer         . WATER           ? 'H2 O'           18.015  
ILE 'L-peptide linking' y ISOLEUCINE      ? 'C6 H13 N O2'    131.173 
LEU 'L-peptide linking' y LEUCINE         ? 'C6 H13 N O2'    131.173 
LYS 'L-peptide linking' y LYSINE          ? 'C6 H15 N2 O2 1' 147.195 
MET 'L-peptide linking' y METHIONINE      ? 'C5 H11 N O2 S'  149.211 
PHE 'L-peptide linking' y PHENYLALANINE   ? 'C9 H11 N O2'    165.189 
PRO 'L-peptide linking' y PROLINE         ? 'C5 H9 N O2'     115.130 
SER 'L-peptide linking' y SERINE          ? 'C3 H7 N O3'     105.093 
THR 'L-peptide linking' y THREONINE       ? 'C4 H9 N O3'     119.119 
TRP 'L-peptide linking' y TRYPTOPHAN      ? 'C11 H12 N2 O2'  204.225 
TYR 'L-peptide linking' y TYROSINE        ? 'C9 H11 N O3'    181.189 
VAL 'L-peptide linking' y VALINE          ? 'C5 H11 N O2'    117.146 
# 
loop_
_pdbx_poly_seq_scheme.asym_id 
_pdbx_poly_seq_scheme.entity_id 
_pdbx_poly_seq_scheme.seq_id 
_pdbx_poly_seq_scheme.mon_id 
_pdbx_poly_seq_scheme.ndb_seq_num 
_pdbx_poly_seq_scheme.pdb_seq_num 
_pdbx_poly_seq_scheme.auth_seq_num 
_pdbx_poly_seq_scheme.pdb_mon_id 
_pdbx_poly_seq_scheme.auth_mon_id 
_pdbx_poly_seq_scheme.pdb_strand_id 
_pdbx_poly_seq_scheme.pdb_ins_code 
_pdbx_poly_seq_scheme.hetero 
A 1 1   ASN 1   1   1   ASN ASN A . n 
A 1 2   LEU 2   2   2   LEU LEU A . n 
A 1 3   TYR 3   3   3   TYR TYR A . n 
A 1 4   GLN 4   4   4   GLN GLN A . n 
A 1 5   PHE 5   5   5   PHE PHE A . n 
A 1 6   LYS 6   6   6   LYS LYS A . n 
A 1 7   ASN 7   7   7   ASN ASN A . n 
A 1 8   MET 8   8   8   MET MET A . n 
A 1 9   ILE 9   9   9   ILE ILE A . n 
A 1 10  GLN 10  10  10  GLN GLN A . n 
A 1 11  CYS 11  11  11  CYS CYS A . n 
A 1 12  THR 12  12  12  THR THR A . n 
A 1 13  VAL 13  13  13  VAL VAL A . n 
A 1 14  PRO 14  14  14  PRO PRO A . n 
A 1 15  SER 15  15  15  SER SER A . n 
A 1 16  ARG 16  17  17  ARG ARG A . n 
A 1 17  SER 17  18  18  SER SER A . n 
A 1 18  TRP 18  19  19  TRP TRP A . n 
A 1 19  ALA 19  20  20  ALA ALA A . n 
A 1 20  ASP 20  21  21  ASP ASP A . n 
A 1 21  PHE 21  22  22  PHE PHE A . n 
A 1 22  ALA 22  23  23  ALA ALA A . n 
A 1 23  ASP 23  24  24  ASP ASP A . n 
A 1 24  TYR 24  25  25  TYR TYR A . n 
A 1 25  GLY 25  26  26  GLY GLY A . n 
A 1 26  CYS 26  27  27  CYS CYS A . n 
A 1 27  TYR 27  28  28  TYR TYR A . n 
A 1 28  CYS 28  29  29  CYS CYS A . n 
A 1 29  GLY 29  30  30  GLY GLY A . n 
A 1 30  LYS 30  31  31  LYS LYS A . n 
A 1 31  GLY 31  32  32  GLY GLY A . n 
A 1 32  GLY 32  33  33  GLY GLY A . n 
A 1 33  SER 33  34  34  SER SER A . n 
A 1 34  GLY 34  35  35  GLY GLY A . n 
A 1 35  THR 35  36  36  THR THR A . n 
A 1 36  PRO 36  37  37  PRO PRO A . n 
A 1 37  VAL 37  38  38  VAL VAL A . n 
A 1 38  ASP 38  39  39  ASP ASP A . n 
A 1 39  ASP 39  40  40  ASP ASP A . n 
A 1 40  LEU 40  41  41  LEU LEU A . n 
A 1 41  ASP 41  42  42  ASP ASP A . n 
A 1 42  ARG 42  43  43  ARG ARG A . n 
A 1 43  CYS 43  44  44  CYS CYS A . n 
A 1 44  CYS 44  45  45  CYS CYS A . n 
A 1 45  GLN 45  46  46  GLN GLN A . n 
A 1 46  THR 46  47  47  THR THR A . n 
A 1 47  HIS 47  48  48  HIS HIS A . n 
A 1 48  ASP 48  49  49  ASP ASP A . n 
A 1 49  ASN 49  50  50  ASN ASN A . n 
A 1 50  CYS 50  51  51  CYS CYS A . n 
A 1 51  TYR 51  52  52  TYR TYR A . n 
A 1 52  ASN 52  53  53  ASN ASN A . n 
A 1 53  GLU 53  54  54  GLU GLU A . n 
A 1 54  ALA 54  55  55  ALA ALA A . n 
A 1 55  GLU 55  56  56  GLU GLU A . n 
A 1 56  ASN 56  57  57  ASN ASN A . n 
A 1 57  ILE 57  58  58  ILE ILE A . n 
A 1 58  SER 58  59  59  SER SER A . n 
A 1 59  GLY 59  60  60  GLY GLY A . n 
A 1 60  CYS 60  61  61  CYS CYS A . n 
A 1 61  ARG 61  62  62  ARG ARG A . n 
A 1 62  PRO 62  63  63  PRO PRO A . n 
A 1 63  TYR 63  64  64  TYR TYR A . n 
A 1 64  PHE 64  65  65  PHE PHE A . n 
A 1 65  LYS 65  66  66  LYS LYS A . n 
A 1 66  THR 66  67  67  THR THR A . n 
A 1 67  TYR 67  68  68  TYR TYR A . n 
A 1 68  SER 68  69  69  SER SER A . n 
A 1 69  TYR 69  70  70  TYR TYR A . n 
A 1 70  GLU 70  71  71  GLU GLU A . n 
A 1 71  CYS 71  72  72  CYS CYS A . n 
A 1 72  THR 72  73  73  THR THR A . n 
A 1 73  GLN 73  74  74  GLN GLN A . n 
A 1 74  GLY 74  75  75  GLY GLY A . n 
A 1 75  THR 75  76  76  THR THR A . n 
A 1 76  LEU 76  77  77  LEU LEU A . n 
A 1 77  THR 77  78  78  THR THR A . n 
A 1 78  CYS 78  79  79  CYS CYS A . n 
A 1 79  LYS 79  80  80  LYS LYS A . n 
A 1 80  GLY 80  81  81  GLY GLY A . n 
A 1 81  ASP 81  82  82  ASP ASP A . n 
A 1 82  ASN 82  83  83  ASN ASN A . n 
A 1 83  ASN 83  84  84  ASN ASN A . n 
A 1 84  ALA 84  85  85  ALA ALA A . n 
A 1 85  CYS 85  86  86  CYS CYS A . n 
A 1 86  ALA 86  87  87  ALA ALA A . n 
A 1 87  ALA 87  88  88  ALA ALA A . n 
A 1 88  SER 88  89  89  SER SER A . n 
A 1 89  VAL 89  90  90  VAL VAL A . n 
A 1 90  CYS 90  91  91  CYS CYS A . n 
A 1 91  ASP 91  92  92  ASP ASP A . n 
A 1 92  CYS 92  93  93  CYS CYS A . n 
A 1 93  ASP 93  94  94  ASP ASP A . n 
A 1 94  ARG 94  95  95  ARG ARG A . n 
A 1 95  LEU 95  96  96  LEU LEU A . n 
A 1 96  ALA 96  97  97  ALA ALA A . n 
A 1 97  ALA 97  98  98  ALA ALA A . n 
A 1 98  ILE 98  99  99  ILE ILE A . n 
A 1 99  CYS 99  100 100 CYS CYS A . n 
A 1 100 PHE 100 101 101 PHE PHE A . n 
A 1 101 ALA 101 102 102 ALA ALA A . n 
A 1 102 GLY 102 103 103 GLY GLY A . n 
A 1 103 ALA 103 104 104 ALA ALA A . n 
A 1 104 PRO 104 105 105 PRO PRO A . n 
A 1 105 TYR 105 106 106 TYR TYR A . n 
A 1 106 ASN 106 107 107 ASN ASN A . n 
A 1 107 ASP 107 108 108 ASP ASP A . n 
A 1 108 ALA 108 109 109 ALA ALA A . n 
A 1 109 ASN 109 110 110 ASN ASN A . n 
A 1 110 TYR 110 111 111 TYR TYR A . n 
A 1 111 ASN 111 112 112 ASN ASN A . n 
A 1 112 ILE 112 113 113 ILE ILE A . n 
A 1 113 ASP 113 114 114 ASP ASP A . n 
A 1 114 LEU 114 115 115 LEU LEU A . n 
A 1 115 LYS 115 116 116 LYS LYS A . n 
A 1 116 ALA 116 117 117 ALA ALA A . n 
A 1 117 ARG 117 118 118 ARG ARG A . n 
A 1 118 CYS 118 119 119 CYS CYS A . n 
A 1 119 ASN 119 120 120 ASN ASN A . n 
B 2 1   LYS 1   1   1   LYS LYS B . n 
B 2 2   GLY 2   2   2   GLY GLY B . n 
B 2 3   ALA 3   3   3   ALA ALA B . n 
B 2 4   ILE 4   4   4   ILE ILE B . n 
B 2 5   ILE 5   5   5   ILE ILE B . n 
B 2 6   GLY 6   6   6   GLY GLY B . n 
B 2 7   LEU 7   7   7   LEU LEU B . n 
B 2 8   MET 8   8   8   MET MET B . n 
# 
loop_
_pdbx_nonpoly_scheme.asym_id 
_pdbx_nonpoly_scheme.entity_id 
_pdbx_nonpoly_scheme.mon_id 
_pdbx_nonpoly_scheme.ndb_seq_num 
_pdbx_nonpoly_scheme.pdb_seq_num 
_pdbx_nonpoly_scheme.auth_seq_num 
_pdbx_nonpoly_scheme.pdb_mon_id 
_pdbx_nonpoly_scheme.auth_mon_id 
_pdbx_nonpoly_scheme.pdb_strand_id 
_pdbx_nonpoly_scheme.pdb_ins_code 
C 3 CA  1  201 201 CA  CA  A . 
D 4 HOH 1  202 202 HOH HOH A . 
D 4 HOH 2  203 203 HOH HOH A . 
D 4 HOH 3  204 204 HOH HOH A . 
D 4 HOH 4  205 205 HOH HOH A . 
D 4 HOH 5  206 206 HOH HOH A . 
D 4 HOH 6  207 207 HOH HOH A . 
D 4 HOH 7  208 208 HOH HOH A . 
D 4 HOH 8  209 209 HOH HOH A . 
D 4 HOH 9  210 210 HOH HOH A . 
D 4 HOH 10 212 212 HOH HOH A . 
D 4 HOH 11 213 213 HOH HOH A . 
D 4 HOH 12 214 214 HOH HOH A . 
D 4 HOH 13 215 215 HOH HOH A . 
D 4 HOH 14 217 217 HOH HOH A . 
D 4 HOH 15 218 218 HOH HOH A . 
D 4 HOH 16 219 219 HOH HOH A . 
D 4 HOH 17 220 220 HOH HOH A . 
D 4 HOH 18 221 221 HOH HOH A . 
D 4 HOH 19 222 222 HOH HOH A . 
D 4 HOH 20 223 223 HOH HOH A . 
D 4 HOH 21 224 224 HOH HOH A . 
D 4 HOH 22 225 225 HOH HOH A . 
D 4 HOH 23 226 226 HOH HOH A . 
D 4 HOH 24 227 227 HOH HOH A . 
D 4 HOH 25 228 228 HOH HOH A . 
D 4 HOH 26 229 229 HOH HOH A . 
D 4 HOH 27 230 230 HOH HOH A . 
D 4 HOH 28 231 231 HOH HOH A . 
D 4 HOH 29 232 232 HOH HOH A . 
D 4 HOH 30 233 233 HOH HOH A . 
D 4 HOH 31 234 234 HOH HOH A . 
D 4 HOH 32 235 235 HOH HOH A . 
D 4 HOH 33 236 236 HOH HOH A . 
D 4 HOH 34 237 237 HOH HOH A . 
D 4 HOH 35 238 238 HOH HOH A . 
D 4 HOH 36 239 239 HOH HOH A . 
D 4 HOH 37 240 240 HOH HOH A . 
D 4 HOH 38 241 241 HOH HOH A . 
D 4 HOH 39 242 242 HOH HOH A . 
D 4 HOH 40 243 243 HOH HOH A . 
D 4 HOH 41 245 245 HOH HOH A . 
D 4 HOH 42 246 246 HOH HOH A . 
D 4 HOH 43 247 247 HOH HOH A . 
D 4 HOH 44 248 248 HOH HOH A . 
D 4 HOH 45 249 249 HOH HOH A . 
D 4 HOH 46 250 250 HOH HOH A . 
D 4 HOH 47 251 251 HOH HOH A . 
D 4 HOH 48 252 252 HOH HOH A . 
D 4 HOH 49 254 254 HOH HOH A . 
D 4 HOH 50 255 255 HOH HOH A . 
D 4 HOH 51 257 257 HOH HOH A . 
D 4 HOH 52 258 258 HOH HOH A . 
D 4 HOH 53 259 259 HOH HOH A . 
D 4 HOH 54 260 260 HOH HOH A . 
D 4 HOH 55 261 261 HOH HOH A . 
D 4 HOH 56 262 262 HOH HOH A . 
D 4 HOH 57 263 263 HOH HOH A . 
D 4 HOH 58 264 264 HOH HOH A . 
D 4 HOH 59 265 265 HOH HOH A . 
D 4 HOH 60 266 266 HOH HOH A . 
D 4 HOH 61 267 267 HOH HOH A . 
D 4 HOH 62 268 268 HOH HOH A . 
D 4 HOH 63 269 269 HOH HOH A . 
D 4 HOH 64 270 270 HOH HOH A . 
D 4 HOH 65 271 271 HOH HOH A . 
D 4 HOH 66 272 272 HOH HOH A . 
D 4 HOH 67 273 273 HOH HOH A . 
D 4 HOH 68 274 274 HOH HOH A . 
D 4 HOH 69 275 275 HOH HOH A . 
D 4 HOH 70 276 276 HOH HOH A . 
D 4 HOH 71 277 277 HOH HOH A . 
D 4 HOH 72 278 278 HOH HOH A . 
D 4 HOH 73 280 280 HOH HOH A . 
D 4 HOH 74 281 281 HOH HOH A . 
D 4 HOH 75 282 282 HOH HOH A . 
D 4 HOH 76 283 283 HOH HOH A . 
D 4 HOH 77 284 284 HOH HOH A . 
D 4 HOH 78 285 285 HOH HOH A . 
D 4 HOH 79 286 286 HOH HOH A . 
D 4 HOH 80 289 289 HOH HOH A . 
D 4 HOH 81 290 290 HOH HOH A . 
D 4 HOH 82 292 292 HOH HOH A . 
D 4 HOH 83 293 293 HOH HOH A . 
D 4 HOH 84 294 294 HOH HOH A . 
D 4 HOH 85 295 295 HOH HOH A . 
D 4 HOH 86 296 296 HOH HOH A . 
D 4 HOH 87 297 297 HOH HOH A . 
D 4 HOH 88 298 298 HOH HOH A . 
D 4 HOH 89 299 299 HOH HOH A . 
D 4 HOH 90 300 300 HOH HOH A . 
D 4 HOH 91 301 301 HOH HOH A . 
D 4 HOH 92 302 302 HOH HOH A . 
D 4 HOH 93 303 303 HOH HOH A . 
E 4 HOH 1  279 279 HOH HOH B . 
E 4 HOH 2  305 305 HOH HOH B . 
# 
loop_
_software.name 
_software.classification 
_software.version 
_software.citation_id 
_software.pdbx_ordinal 
HKL-2000  'data collection' .        ? 1 
AMoRE     phasing           .        ? 2 
REFMAC    refinement        5.5.0072 ? 3 
DENZO     'data reduction'  .        ? 4 
SCALEPACK 'data scaling'    .        ? 5 
# 
_cell.entry_id           3JTI 
_cell.length_a           42.762 
_cell.length_b           42.762 
_cell.length_c           65.765 
_cell.angle_alpha        90.00 
_cell.angle_beta         90.00 
_cell.angle_gamma        90.00 
_cell.Z_PDB              4 
_cell.pdbx_unique_axis   ? 
_cell.length_a_esd       ? 
_cell.length_b_esd       ? 
_cell.length_c_esd       ? 
_cell.angle_alpha_esd    ? 
_cell.angle_beta_esd     ? 
_cell.angle_gamma_esd    ? 
# 
_symmetry.entry_id                         3JTI 
_symmetry.space_group_name_H-M             'P 41' 
_symmetry.pdbx_full_space_group_name_H-M   ? 
_symmetry.cell_setting                     ? 
_symmetry.Int_Tables_number                76 
_symmetry.space_group_name_Hall            ? 
# 
_exptl.entry_id          3JTI 
_exptl.method            'X-RAY DIFFRACTION' 
_exptl.crystals_number   1 
# 
_exptl_crystal.id                    1 
_exptl_crystal.density_meas          ? 
_exptl_crystal.density_Matthews      2.16 
_exptl_crystal.density_percent_sol   43.00 
_exptl_crystal.description           ? 
_exptl_crystal.F_000                 ? 
_exptl_crystal.preparation           ? 
# 
_exptl_crystal_grow.crystal_id      1 
_exptl_crystal_grow.method          'VAPOR DIFFUSION, HANGING DROP' 
_exptl_crystal_grow.temp            290 
_exptl_crystal_grow.temp_details    ? 
_exptl_crystal_grow.pH              6.0 
_exptl_crystal_grow.pdbx_details    '10MM SODIUM PHOSPHATE, 1mM CACL2, pH 6.0, VAPOR DIFFUSION, HANGING DROP, temperature 290K' 
_exptl_crystal_grow.pdbx_pH_range   . 
# 
_diffrn.id                     1 
_diffrn.ambient_temp           298 
_diffrn.ambient_temp_details   ? 
_diffrn.crystal_id             1 
# 
_diffrn_detector.diffrn_id              1 
_diffrn_detector.detector               'IMAGE PLATE' 
_diffrn_detector.type                   MARRESEARCH 
_diffrn_detector.pdbx_collection_date   2008-04-19 
_diffrn_detector.details                Mirror 
# 
_diffrn_radiation.diffrn_id                        1 
_diffrn_radiation.wavelength_id                    1 
_diffrn_radiation.pdbx_monochromatic_or_laue_m_l   M 
_diffrn_radiation.monochromator                    Graphite 
_diffrn_radiation.pdbx_diffrn_protocol             'SINGLE WAVELENGTH' 
_diffrn_radiation.pdbx_scattering_type             x-ray 
# 
_diffrn_radiation_wavelength.id           1 
_diffrn_radiation_wavelength.wavelength   1.5418 
_diffrn_radiation_wavelength.wt           1.0 
# 
_diffrn_source.diffrn_id                   1 
_diffrn_source.source                      'ROTATING ANODE' 
_diffrn_source.type                        'RIGAKU RU300' 
_diffrn_source.pdbx_synchrotron_site       ? 
_diffrn_source.pdbx_synchrotron_beamline   ? 
_diffrn_source.pdbx_wavelength             ? 
_diffrn_source.pdbx_wavelength_list        1.5418 
# 
_reflns.entry_id                     3JTI 
_reflns.observed_criterion_sigma_I   0.0 
_reflns.observed_criterion_sigma_F   0.0 
_reflns.d_resolution_low             42.8 
_reflns.d_resolution_high            1.8 
_reflns.number_obs                   10374 
_reflns.number_all                   10374 
_reflns.percent_possible_obs         98.4 
_reflns.pdbx_Rmerge_I_obs            ? 
_reflns.pdbx_Rsym_value              0.042 
_reflns.pdbx_netI_over_sigmaI        14.4 
_reflns.B_iso_Wilson_estimate        ? 
_reflns.pdbx_redundancy              ? 
_reflns.R_free_details               ? 
_reflns.limit_h_max                  ? 
_reflns.limit_h_min                  ? 
_reflns.limit_k_max                  ? 
_reflns.limit_k_min                  ? 
_reflns.limit_l_max                  ? 
_reflns.limit_l_min                  ? 
_reflns.observed_criterion_F_max     ? 
_reflns.observed_criterion_F_min     ? 
_reflns.pdbx_chi_squared             ? 
_reflns.pdbx_scaling_rejects         ? 
_reflns.pdbx_diffrn_id               1 
_reflns.pdbx_ordinal                 1 
# 
_reflns_shell.d_res_high             1.76 
_reflns_shell.d_res_low              1.8 
_reflns_shell.percent_possible_all   96.8 
_reflns_shell.Rmerge_I_obs           ? 
_reflns_shell.pdbx_Rsym_value        0.164 
_reflns_shell.meanI_over_sigI_obs    3.0 
_reflns_shell.pdbx_redundancy        ? 
_reflns_shell.percent_possible_obs   ? 
_reflns_shell.number_unique_all      ? 
_reflns_shell.number_measured_all    ? 
_reflns_shell.number_measured_obs    ? 
_reflns_shell.number_unique_obs      ? 
_reflns_shell.pdbx_chi_squared       ? 
_reflns_shell.pdbx_diffrn_id         ? 
_reflns_shell.pdbx_ordinal           1 
# 
_refine.entry_id                                 3JTI 
_refine.ls_number_reflns_obs                     10374 
_refine.ls_number_reflns_all                     10374 
_refine.pdbx_ls_sigma_I                          ? 
_refine.pdbx_ls_sigma_F                          ? 
_refine.pdbx_data_cutoff_high_absF               ? 
_refine.pdbx_data_cutoff_low_absF                ? 
_refine.pdbx_data_cutoff_high_rms_absF           ? 
_refine.ls_d_res_low                             35.85 
_refine.ls_d_res_high                            1.80 
_refine.ls_percent_reflns_obs                    98.42 
_refine.ls_R_factor_obs                          0.17291 
_refine.ls_R_factor_all                          ? 
_refine.ls_R_factor_R_work                       0.17097 
_refine.ls_R_factor_R_free                       0.21019 
_refine.ls_R_factor_R_free_error                 ? 
_refine.ls_R_factor_R_free_error_details         ? 
_refine.ls_percent_reflns_R_free                 4.8 
_refine.ls_number_reflns_R_free                  522 
_refine.ls_number_parameters                     ? 
_refine.ls_number_restraints                     ? 
_refine.occupancy_min                            ? 
_refine.occupancy_max                            ? 
_refine.correlation_coeff_Fo_to_Fc               0.962 
_refine.correlation_coeff_Fo_to_Fc_free          0.951 
_refine.B_iso_mean                               34.703 
_refine.aniso_B[1][1]                            -0.23 
_refine.aniso_B[2][2]                            -0.23 
_refine.aniso_B[3][3]                            0.46 
_refine.aniso_B[1][2]                            0.00 
_refine.aniso_B[1][3]                            0.00 
_refine.aniso_B[2][3]                            0.00 
_refine.solvent_model_details                    MASK 
_refine.solvent_model_param_ksol                 ? 
_refine.solvent_model_param_bsol                 ? 
_refine.pdbx_solvent_vdw_probe_radii             1.40 
_refine.pdbx_solvent_ion_probe_radii             0.80 
_refine.pdbx_solvent_shrinkage_radii             0.80 
_refine.pdbx_ls_cross_valid_method               THROUGHOUT 
_refine.details                                  'HYDROGENS HAVE BEEN ADDED IN THE RIDING POSITIONS' 
_refine.pdbx_starting_model                      'PDB ENTRY 3GCI' 
_refine.pdbx_method_to_determine_struct          'MOLECULAR REPLACEMENT' 
_refine.pdbx_isotropic_thermal_model             ? 
_refine.pdbx_stereochemistry_target_values       'MAXIMUM LIKELIHOOD' 
_refine.pdbx_stereochem_target_val_spec_case     ? 
_refine.pdbx_R_Free_selection_details            RANDOM 
_refine.pdbx_overall_ESU_R                       0.131 
_refine.pdbx_overall_ESU_R_Free                  0.124 
_refine.overall_SU_ML                            0.083 
_refine.overall_SU_B                             2.662 
_refine.ls_redundancy_reflns_obs                 ? 
_refine.B_iso_min                                ? 
_refine.B_iso_max                                ? 
_refine.overall_SU_R_Cruickshank_DPI             ? 
_refine.overall_SU_R_free                        ? 
_refine.ls_wR_factor_R_free                      ? 
_refine.ls_wR_factor_R_work                      ? 
_refine.overall_FOM_free_R_set                   ? 
_refine.overall_FOM_work_R_set                   ? 
_refine.pdbx_refine_id                           'X-RAY DIFFRACTION' 
_refine.pdbx_overall_phase_error                 ? 
_refine.pdbx_diffrn_id                           1 
_refine.pdbx_TLS_residual_ADP_flag               ? 
_refine.pdbx_overall_SU_R_free_Cruickshank_DPI   ? 
_refine.pdbx_overall_SU_R_Blow_DPI               ? 
_refine.pdbx_overall_SU_R_free_Blow_DPI          ? 
# 
_refine_hist.pdbx_refine_id                   'X-RAY DIFFRACTION' 
_refine_hist.cycle_id                         LAST 
_refine_hist.pdbx_number_atoms_protein        963 
_refine_hist.pdbx_number_atoms_nucleic_acid   0 
_refine_hist.pdbx_number_atoms_ligand         1 
_refine_hist.number_atoms_solvent             95 
_refine_hist.number_atoms_total               1059 
_refine_hist.d_res_high                       1.80 
_refine_hist.d_res_low                        35.85 
# 
loop_
_refine_ls_restr.type 
_refine_ls_restr.dev_ideal 
_refine_ls_restr.dev_ideal_target 
_refine_ls_restr.weight 
_refine_ls_restr.number 
_refine_ls_restr.pdbx_refine_id 
_refine_ls_restr.pdbx_restraint_function 
r_bond_refined_d             0.024  0.022  ? 987  'X-RAY DIFFRACTION' ? 
r_bond_other_d               ?      ?      ? ?    'X-RAY DIFFRACTION' ? 
r_angle_refined_deg          1.980  1.936  ? 1337 'X-RAY DIFFRACTION' ? 
r_angle_other_deg            ?      ?      ? ?    'X-RAY DIFFRACTION' ? 
r_dihedral_angle_1_deg       6.680  5.000  ? 124  'X-RAY DIFFRACTION' ? 
r_dihedral_angle_2_deg       33.683 24.898 ? 49   'X-RAY DIFFRACTION' ? 
r_dihedral_angle_3_deg       16.432 15.000 ? 150  'X-RAY DIFFRACTION' ? 
r_dihedral_angle_4_deg       17.208 15.000 ? 5    'X-RAY DIFFRACTION' ? 
r_chiral_restr               0.139  0.200  ? 138  'X-RAY DIFFRACTION' ? 
r_gen_planes_refined         0.010  0.021  ? 769  'X-RAY DIFFRACTION' ? 
r_gen_planes_other           ?      ?      ? ?    'X-RAY DIFFRACTION' ? 
r_nbd_refined                ?      ?      ? ?    'X-RAY DIFFRACTION' ? 
r_nbd_other                  ?      ?      ? ?    'X-RAY DIFFRACTION' ? 
r_nbtor_refined              ?      ?      ? ?    'X-RAY DIFFRACTION' ? 
r_nbtor_other                ?      ?      ? ?    'X-RAY DIFFRACTION' ? 
r_xyhbond_nbd_refined        ?      ?      ? ?    'X-RAY DIFFRACTION' ? 
r_xyhbond_nbd_other          ?      ?      ? ?    'X-RAY DIFFRACTION' ? 
r_metal_ion_refined          ?      ?      ? ?    'X-RAY DIFFRACTION' ? 
r_metal_ion_other            ?      ?      ? ?    'X-RAY DIFFRACTION' ? 
r_symmetry_vdw_refined       ?      ?      ? ?    'X-RAY DIFFRACTION' ? 
r_symmetry_vdw_other         ?      ?      ? ?    'X-RAY DIFFRACTION' ? 
r_symmetry_hbond_refined     ?      ?      ? ?    'X-RAY DIFFRACTION' ? 
r_symmetry_hbond_other       ?      ?      ? ?    'X-RAY DIFFRACTION' ? 
r_symmetry_metal_ion_refined ?      ?      ? ?    'X-RAY DIFFRACTION' ? 
r_symmetry_metal_ion_other   ?      ?      ? ?    'X-RAY DIFFRACTION' ? 
r_mcbond_it                  1.393  1.500  ? 625  'X-RAY DIFFRACTION' ? 
r_mcbond_other               ?      ?      ? ?    'X-RAY DIFFRACTION' ? 
r_mcangle_it                 2.725  2.000  ? 989  'X-RAY DIFFRACTION' ? 
r_scbond_it                  4.133  3.000  ? 362  'X-RAY DIFFRACTION' ? 
r_scangle_it                 6.370  4.500  ? 348  'X-RAY DIFFRACTION' ? 
r_rigid_bond_restr           ?      ?      ? ?    'X-RAY DIFFRACTION' ? 
r_sphericity_free            ?      ?      ? ?    'X-RAY DIFFRACTION' ? 
r_sphericity_bonded          ?      ?      ? ?    'X-RAY DIFFRACTION' ? 
# 
_refine_ls_shell.pdbx_total_number_of_bins_used   20 
_refine_ls_shell.d_res_high                       1.798 
_refine_ls_shell.d_res_low                        1.844 
_refine_ls_shell.number_reflns_R_work             761 
_refine_ls_shell.R_factor_R_work                  0.342 
_refine_ls_shell.percent_reflns_obs               96.33 
_refine_ls_shell.R_factor_R_free                  0.535 
_refine_ls_shell.R_factor_R_free_error            ? 
_refine_ls_shell.percent_reflns_R_free            ? 
_refine_ls_shell.number_reflns_R_free             27 
_refine_ls_shell.number_reflns_all                ? 
_refine_ls_shell.R_factor_all                     ? 
_refine_ls_shell.number_reflns_obs                ? 
_refine_ls_shell.redundancy_reflns_obs            ? 
_refine_ls_shell.pdbx_refine_id                   'X-RAY DIFFRACTION' 
# 
_struct.entry_id                  3JTI 
_struct.title                     
;Crystal structure of the complex formed between Phospholipase A2 with beta-amyloid fragment, Lys-Gly-Ala-Ile-Ile-Gly-Leu-Met at 1.8 A resolution
;
_struct.pdbx_model_details        ? 
_struct.pdbx_CASP_flag            ? 
_struct.pdbx_model_type_details   ? 
# 
_struct_keywords.entry_id        3JTI 
_struct_keywords.pdbx_keywords   HYDROLASE 
_struct_keywords.text            
;PHOSPHOLIPASE A2, HEPTAPEPTIDE, AMYLOID BETA, HYDROLASE, LIPID DEGRADATION, Disulfide bond, Metal-binding, Secreted, Amyloid, Amyloidosis, Protease inhibitor, Proteoglycan, Serine protease inhibitor
;
# 
loop_
_struct_asym.id 
_struct_asym.pdbx_blank_PDB_chainid_flag 
_struct_asym.pdbx_modified 
_struct_asym.entity_id 
_struct_asym.details 
A N N 1 ? 
B N N 2 ? 
C N N 3 ? 
D N N 4 ? 
E N N 4 ? 
# 
loop_
_struct_ref.id 
_struct_ref.db_name 
_struct_ref.db_code 
_struct_ref.pdbx_db_accession 
_struct_ref.entity_id 
_struct_ref.pdbx_seq_one_letter_code 
_struct_ref.pdbx_align_begin 
_struct_ref.pdbx_db_isoform 
1 UNP PA23_NAJSG P60045 1 
;NLYQFKNMIQCTVPSRSWQDFADYGCYCGKGGSGTPVDDLDRCCQVHDNCYNEAENISGCRPYFKTYSYECTQGTLTCKG
DNNACAASVCDCDRLAAICFAGAPYNDANYNIDLKARCN
;
8   ? 
2 UNP A4_HUMAN   P05067 2 KGAIIGLM 699 ? 
# 
loop_
_struct_ref_seq.align_id 
_struct_ref_seq.ref_id 
_struct_ref_seq.pdbx_PDB_id_code 
_struct_ref_seq.pdbx_strand_id 
_struct_ref_seq.seq_align_beg 
_struct_ref_seq.pdbx_seq_align_beg_ins_code 
_struct_ref_seq.seq_align_end 
_struct_ref_seq.pdbx_seq_align_end_ins_code 
_struct_ref_seq.pdbx_db_accession 
_struct_ref_seq.db_align_beg 
_struct_ref_seq.pdbx_db_align_beg_ins_code 
_struct_ref_seq.db_align_end 
_struct_ref_seq.pdbx_db_align_end_ins_code 
_struct_ref_seq.pdbx_auth_seq_align_beg 
_struct_ref_seq.pdbx_auth_seq_align_end 
1 1 3JTI A 1 ? 119 ? P60045 8   ? 126 ? 1 120 
2 2 3JTI B 1 ? 8   ? P05067 699 ? 706 ? 1 8   
# 
loop_
_struct_ref_seq_dif.align_id 
_struct_ref_seq_dif.pdbx_pdb_id_code 
_struct_ref_seq_dif.mon_id 
_struct_ref_seq_dif.pdbx_pdb_strand_id 
_struct_ref_seq_dif.seq_num 
_struct_ref_seq_dif.pdbx_pdb_ins_code 
_struct_ref_seq_dif.pdbx_seq_db_name 
_struct_ref_seq_dif.pdbx_seq_db_accession_code 
_struct_ref_seq_dif.db_mon_id 
_struct_ref_seq_dif.pdbx_seq_db_seq_num 
_struct_ref_seq_dif.details 
_struct_ref_seq_dif.pdbx_auth_seq_num 
_struct_ref_seq_dif.pdbx_ordinal 
1 3JTI ALA A 19 ? UNP P60045 GLN 26 'SEE REMARK 999' 20 1 
1 3JTI THR A 46 ? UNP P60045 VAL 53 'SEE REMARK 999' 47 2 
# 
_pdbx_struct_assembly.id                   1 
_pdbx_struct_assembly.details              author_and_software_defined_assembly 
_pdbx_struct_assembly.method_details       PISA 
_pdbx_struct_assembly.oligomeric_details   dimeric 
_pdbx_struct_assembly.oligomeric_count     2 
# 
loop_
_pdbx_struct_assembly_prop.biol_id 
_pdbx_struct_assembly_prop.type 
_pdbx_struct_assembly_prop.value 
_pdbx_struct_assembly_prop.details 
1 'ABSA (A^2)' 990  ? 
1 MORE         -8   ? 
1 'SSA (A^2)'  6820 ? 
# 
_pdbx_struct_assembly_gen.assembly_id       1 
_pdbx_struct_assembly_gen.oper_expression   1 
_pdbx_struct_assembly_gen.asym_id_list      A,B,C,D,E 
# 
_pdbx_struct_oper_list.id                   1 
_pdbx_struct_oper_list.type                 'identity operation' 
_pdbx_struct_oper_list.name                 1_555 
_pdbx_struct_oper_list.symmetry_operation   x,y,z 
_pdbx_struct_oper_list.matrix[1][1]         1.0000000000 
_pdbx_struct_oper_list.matrix[1][2]         0.0000000000 
_pdbx_struct_oper_list.matrix[1][3]         0.0000000000 
_pdbx_struct_oper_list.vector[1]            0.0000000000 
_pdbx_struct_oper_list.matrix[2][1]         0.0000000000 
_pdbx_struct_oper_list.matrix[2][2]         1.0000000000 
_pdbx_struct_oper_list.matrix[2][3]         0.0000000000 
_pdbx_struct_oper_list.vector[2]            0.0000000000 
_pdbx_struct_oper_list.matrix[3][1]         0.0000000000 
_pdbx_struct_oper_list.matrix[3][2]         0.0000000000 
_pdbx_struct_oper_list.matrix[3][3]         1.0000000000 
_pdbx_struct_oper_list.vector[3]            0.0000000000 
# 
loop_
_struct_biol.id 
_struct_biol.details 
1 ? 
2 ? 
# 
loop_
_struct_conf.conf_type_id 
_struct_conf.id 
_struct_conf.pdbx_PDB_helix_id 
_struct_conf.beg_label_comp_id 
_struct_conf.beg_label_asym_id 
_struct_conf.beg_label_seq_id 
_struct_conf.pdbx_beg_PDB_ins_code 
_struct_conf.end_label_comp_id 
_struct_conf.end_label_asym_id 
_struct_conf.end_label_seq_id 
_struct_conf.pdbx_end_PDB_ins_code 
_struct_conf.beg_auth_comp_id 
_struct_conf.beg_auth_asym_id 
_struct_conf.beg_auth_seq_id 
_struct_conf.end_auth_comp_id 
_struct_conf.end_auth_asym_id 
_struct_conf.end_auth_seq_id 
_struct_conf.pdbx_PDB_helix_class 
_struct_conf.details 
_struct_conf.pdbx_PDB_helix_length 
HELX_P HELX_P1 1 ASN A 1   ? VAL A 13  ? ASN A 1   VAL A 13  1 ? 13 
HELX_P HELX_P2 2 SER A 17  ? PHE A 21  ? SER A 18  PHE A 22  5 ? 5  
HELX_P HELX_P3 3 ASP A 38  ? GLU A 55  ? ASP A 39  GLU A 56  1 ? 18 
HELX_P HELX_P4 4 ASN A 83  ? ALA A 103 ? ASN A 84  ALA A 104 1 ? 21 
HELX_P HELX_P5 5 ASN A 106 ? TYR A 110 ? ASN A 107 TYR A 111 5 ? 5  
HELX_P HELX_P6 6 ASP A 113 ? CYS A 118 ? ASP A 114 CYS A 119 1 ? 6  
# 
_struct_conf_type.id          HELX_P 
_struct_conf_type.criteria    ? 
_struct_conf_type.reference   ? 
# 
loop_
_struct_conn.id 
_struct_conn.conn_type_id 
_struct_conn.pdbx_leaving_atom_flag 
_struct_conn.pdbx_PDB_id 
_struct_conn.ptnr1_label_asym_id 
_struct_conn.ptnr1_label_comp_id 
_struct_conn.ptnr1_label_seq_id 
_struct_conn.ptnr1_label_atom_id 
_struct_conn.pdbx_ptnr1_label_alt_id 
_struct_conn.pdbx_ptnr1_PDB_ins_code 
_struct_conn.pdbx_ptnr1_standard_comp_id 
_struct_conn.ptnr1_symmetry 
_struct_conn.ptnr2_label_asym_id 
_struct_conn.ptnr2_label_comp_id 
_struct_conn.ptnr2_label_seq_id 
_struct_conn.ptnr2_label_atom_id 
_struct_conn.pdbx_ptnr2_label_alt_id 
_struct_conn.pdbx_ptnr2_PDB_ins_code 
_struct_conn.ptnr1_auth_asym_id 
_struct_conn.ptnr1_auth_comp_id 
_struct_conn.ptnr1_auth_seq_id 
_struct_conn.ptnr2_auth_asym_id 
_struct_conn.ptnr2_auth_comp_id 
_struct_conn.ptnr2_auth_seq_id 
_struct_conn.ptnr2_symmetry 
_struct_conn.pdbx_ptnr3_label_atom_id 
_struct_conn.pdbx_ptnr3_label_seq_id 
_struct_conn.pdbx_ptnr3_label_comp_id 
_struct_conn.pdbx_ptnr3_label_asym_id 
_struct_conn.pdbx_ptnr3_label_alt_id 
_struct_conn.pdbx_ptnr3_PDB_ins_code 
_struct_conn.details 
_struct_conn.pdbx_dist_value 
_struct_conn.pdbx_value_order 
_struct_conn.pdbx_role 
disulf1 disulf ? ? A CYS 11 SG  ? ? ? 1_555 A CYS 71  SG ? ? A CYS 11  A CYS 72  1_555 ? ? ? ? ? ? ? 2.064 ? ? 
disulf2 disulf ? ? A CYS 26 SG  ? ? ? 1_555 A CYS 118 SG ? ? A CYS 27  A CYS 119 1_555 ? ? ? ? ? ? ? 1.996 ? ? 
disulf3 disulf ? ? A CYS 28 SG  ? ? ? 1_555 A CYS 44  SG ? ? A CYS 29  A CYS 45  1_555 ? ? ? ? ? ? ? 2.065 ? ? 
disulf4 disulf ? ? A CYS 43 SG  ? ? ? 1_555 A CYS 99  SG ? ? A CYS 44  A CYS 100 1_555 ? ? ? ? ? ? ? 2.062 ? ? 
disulf5 disulf ? ? A CYS 50 SG  ? ? ? 1_555 A CYS 92  SG ? ? A CYS 51  A CYS 93  1_555 ? ? ? ? ? ? ? 2.078 ? ? 
disulf6 disulf ? ? A CYS 60 SG  ? ? ? 1_555 A CYS 85  SG ? ? A CYS 61  A CYS 86  1_555 ? ? ? ? ? ? ? 2.011 ? ? 
disulf7 disulf ? ? A CYS 78 SG  ? ? ? 1_555 A CYS 90  SG ? ? A CYS 79  A CYS 91  1_555 ? ? ? ? ? ? ? 2.075 ? ? 
metalc1 metalc ? ? A TYR 27 O   ? ? ? 1_555 C CA  .   CA ? ? A TYR 28  A CA  201 1_555 ? ? ? ? ? ? ? 2.642 ? ? 
metalc2 metalc ? ? A GLY 29 O   ? ? ? 1_555 C CA  .   CA ? ? A GLY 30  A CA  201 1_555 ? ? ? ? ? ? ? 2.520 ? ? 
metalc3 metalc ? ? A GLY 31 O   ? ? ? 1_555 C CA  .   CA ? ? A GLY 32  A CA  201 1_555 ? ? ? ? ? ? ? 2.292 ? ? 
metalc4 metalc ? ? A ASP 48 OD2 ? ? ? 1_555 C CA  .   CA ? ? A ASP 49  A CA  201 1_555 ? ? ? ? ? ? ? 2.649 ? ? 
metalc5 metalc ? ? A ASP 48 OD1 ? ? ? 1_555 C CA  .   CA ? ? A ASP 49  A CA  201 1_555 ? ? ? ? ? ? ? 2.829 ? ? 
metalc6 metalc ? ? C CA  .  CA  ? ? ? 1_555 D HOH .   O  ? ? A CA  201 A HOH 221 1_555 ? ? ? ? ? ? ? 2.789 ? ? 
metalc7 metalc ? ? C CA  .  CA  ? ? ? 1_555 B LEU 7   O  ? ? A CA  201 B LEU 7   1_555 ? ? ? ? ? ? ? 2.399 ? ? 
# 
loop_
_struct_conn_type.id 
_struct_conn_type.criteria 
_struct_conn_type.reference 
disulf ? ? 
metalc ? ? 
# 
loop_
_pdbx_struct_conn_angle.id 
_pdbx_struct_conn_angle.ptnr1_label_atom_id 
_pdbx_struct_conn_angle.ptnr1_label_alt_id 
_pdbx_struct_conn_angle.ptnr1_label_asym_id 
_pdbx_struct_conn_angle.ptnr1_label_comp_id 
_pdbx_struct_conn_angle.ptnr1_label_seq_id 
_pdbx_struct_conn_angle.ptnr1_auth_atom_id 
_pdbx_struct_conn_angle.ptnr1_auth_asym_id 
_pdbx_struct_conn_angle.ptnr1_auth_comp_id 
_pdbx_struct_conn_angle.ptnr1_auth_seq_id 
_pdbx_struct_conn_angle.ptnr1_PDB_ins_code 
_pdbx_struct_conn_angle.ptnr1_symmetry 
_pdbx_struct_conn_angle.ptnr2_label_atom_id 
_pdbx_struct_conn_angle.ptnr2_label_alt_id 
_pdbx_struct_conn_angle.ptnr2_label_asym_id 
_pdbx_struct_conn_angle.ptnr2_label_comp_id 
_pdbx_struct_conn_angle.ptnr2_label_seq_id 
_pdbx_struct_conn_angle.ptnr2_auth_atom_id 
_pdbx_struct_conn_angle.ptnr2_auth_asym_id 
_pdbx_struct_conn_angle.ptnr2_auth_comp_id 
_pdbx_struct_conn_angle.ptnr2_auth_seq_id 
_pdbx_struct_conn_angle.ptnr2_PDB_ins_code 
_pdbx_struct_conn_angle.ptnr2_symmetry 
_pdbx_struct_conn_angle.ptnr3_label_atom_id 
_pdbx_struct_conn_angle.ptnr3_label_alt_id 
_pdbx_struct_conn_angle.ptnr3_label_asym_id 
_pdbx_struct_conn_angle.ptnr3_label_comp_id 
_pdbx_struct_conn_angle.ptnr3_label_seq_id 
_pdbx_struct_conn_angle.ptnr3_auth_atom_id 
_pdbx_struct_conn_angle.ptnr3_auth_asym_id 
_pdbx_struct_conn_angle.ptnr3_auth_comp_id 
_pdbx_struct_conn_angle.ptnr3_auth_seq_id 
_pdbx_struct_conn_angle.ptnr3_PDB_ins_code 
_pdbx_struct_conn_angle.ptnr3_symmetry 
_pdbx_struct_conn_angle.value 
_pdbx_struct_conn_angle.value_esd 
1  O   ? A TYR 27 ? A TYR 28  ? 1_555 CA ? C CA . ? A CA 201 ? 1_555 O   ? A GLY 29 ? A GLY 30  ? 1_555 85.4  ? 
2  O   ? A TYR 27 ? A TYR 28  ? 1_555 CA ? C CA . ? A CA 201 ? 1_555 O   ? A GLY 31 ? A GLY 32  ? 1_555 78.4  ? 
3  O   ? A GLY 29 ? A GLY 30  ? 1_555 CA ? C CA . ? A CA 201 ? 1_555 O   ? A GLY 31 ? A GLY 32  ? 1_555 84.4  ? 
4  O   ? A TYR 27 ? A TYR 28  ? 1_555 CA ? C CA . ? A CA 201 ? 1_555 OD2 ? A ASP 48 ? A ASP 49  ? 1_555 64.8  ? 
5  O   ? A GLY 29 ? A GLY 30  ? 1_555 CA ? C CA . ? A CA 201 ? 1_555 OD2 ? A ASP 48 ? A ASP 49  ? 1_555 150.1 ? 
6  O   ? A GLY 31 ? A GLY 32  ? 1_555 CA ? C CA . ? A CA 201 ? 1_555 OD2 ? A ASP 48 ? A ASP 49  ? 1_555 88.0  ? 
7  O   ? A TYR 27 ? A TYR 28  ? 1_555 CA ? C CA . ? A CA 201 ? 1_555 OD1 ? A ASP 48 ? A ASP 49  ? 1_555 82.2  ? 
8  O   ? A GLY 29 ? A GLY 30  ? 1_555 CA ? C CA . ? A CA 201 ? 1_555 OD1 ? A ASP 48 ? A ASP 49  ? 1_555 134.2 ? 
9  O   ? A GLY 31 ? A GLY 32  ? 1_555 CA ? C CA . ? A CA 201 ? 1_555 OD1 ? A ASP 48 ? A ASP 49  ? 1_555 134.8 ? 
10 OD2 ? A ASP 48 ? A ASP 49  ? 1_555 CA ? C CA . ? A CA 201 ? 1_555 OD1 ? A ASP 48 ? A ASP 49  ? 1_555 46.8  ? 
11 O   ? A TYR 27 ? A TYR 28  ? 1_555 CA ? C CA . ? A CA 201 ? 1_555 O   ? D HOH .  ? A HOH 221 ? 1_555 115.2 ? 
12 O   ? A GLY 29 ? A GLY 30  ? 1_555 CA ? C CA . ? A CA 201 ? 1_555 O   ? D HOH .  ? A HOH 221 ? 1_555 148.5 ? 
13 O   ? A GLY 31 ? A GLY 32  ? 1_555 CA ? C CA . ? A CA 201 ? 1_555 O   ? D HOH .  ? A HOH 221 ? 1_555 77.4  ? 
14 OD2 ? A ASP 48 ? A ASP 49  ? 1_555 CA ? C CA . ? A CA 201 ? 1_555 O   ? D HOH .  ? A HOH 221 ? 1_555 55.3  ? 
15 OD1 ? A ASP 48 ? A ASP 49  ? 1_555 CA ? C CA . ? A CA 201 ? 1_555 O   ? D HOH .  ? A HOH 221 ? 1_555 74.7  ? 
16 O   ? A TYR 27 ? A TYR 28  ? 1_555 CA ? C CA . ? A CA 201 ? 1_555 O   ? B LEU 7  ? B LEU 7   ? 1_555 132.3 ? 
17 O   ? A GLY 29 ? A GLY 30  ? 1_555 CA ? C CA . ? A CA 201 ? 1_555 O   ? B LEU 7  ? B LEU 7   ? 1_555 71.7  ? 
18 O   ? A GLY 31 ? A GLY 32  ? 1_555 CA ? C CA . ? A CA 201 ? 1_555 O   ? B LEU 7  ? B LEU 7   ? 1_555 137.1 ? 
19 OD2 ? A ASP 48 ? A ASP 49  ? 1_555 CA ? C CA . ? A CA 201 ? 1_555 O   ? B LEU 7  ? B LEU 7   ? 1_555 129.4 ? 
20 OD1 ? A ASP 48 ? A ASP 49  ? 1_555 CA ? C CA . ? A CA 201 ? 1_555 O   ? B LEU 7  ? B LEU 7   ? 1_555 84.8  ? 
21 O   ? D HOH .  ? A HOH 221 ? 1_555 CA ? C CA . ? A CA 201 ? 1_555 O   ? B LEU 7  ? B LEU 7   ? 1_555 105.0 ? 
# 
loop_
_pdbx_modification_feature.ordinal 
_pdbx_modification_feature.label_comp_id 
_pdbx_modification_feature.label_asym_id 
_pdbx_modification_feature.label_seq_id 
_pdbx_modification_feature.label_alt_id 
_pdbx_modification_feature.modified_residue_label_comp_id 
_pdbx_modification_feature.modified_residue_label_asym_id 
_pdbx_modification_feature.modified_residue_label_seq_id 
_pdbx_modification_feature.modified_residue_label_alt_id 
_pdbx_modification_feature.auth_comp_id 
_pdbx_modification_feature.auth_asym_id 
_pdbx_modification_feature.auth_seq_id 
_pdbx_modification_feature.PDB_ins_code 
_pdbx_modification_feature.symmetry 
_pdbx_modification_feature.modified_residue_auth_comp_id 
_pdbx_modification_feature.modified_residue_auth_asym_id 
_pdbx_modification_feature.modified_residue_auth_seq_id 
_pdbx_modification_feature.modified_residue_PDB_ins_code 
_pdbx_modification_feature.modified_residue_symmetry 
_pdbx_modification_feature.comp_id_linking_atom 
_pdbx_modification_feature.modified_residue_id_linking_atom 
_pdbx_modification_feature.modified_residue_id 
_pdbx_modification_feature.ref_pcm_id 
_pdbx_modification_feature.ref_comp_id 
_pdbx_modification_feature.type 
_pdbx_modification_feature.category 
1 CYS A 11 ? CYS A 71  ? CYS A 11 ? 1_555 CYS A 72  ? 1_555 SG SG . . . None 'Disulfide bridge' 
2 CYS A 26 ? CYS A 118 ? CYS A 27 ? 1_555 CYS A 119 ? 1_555 SG SG . . . None 'Disulfide bridge' 
3 CYS A 28 ? CYS A 44  ? CYS A 29 ? 1_555 CYS A 45  ? 1_555 SG SG . . . None 'Disulfide bridge' 
4 CYS A 43 ? CYS A 99  ? CYS A 44 ? 1_555 CYS A 100 ? 1_555 SG SG . . . None 'Disulfide bridge' 
5 CYS A 50 ? CYS A 92  ? CYS A 51 ? 1_555 CYS A 93  ? 1_555 SG SG . . . None 'Disulfide bridge' 
6 CYS A 60 ? CYS A 85  ? CYS A 61 ? 1_555 CYS A 86  ? 1_555 SG SG . . . None 'Disulfide bridge' 
7 CYS A 78 ? CYS A 90  ? CYS A 79 ? 1_555 CYS A 91  ? 1_555 SG SG . . . None 'Disulfide bridge' 
# 
loop_
_struct_mon_prot_cis.pdbx_id 
_struct_mon_prot_cis.label_comp_id 
_struct_mon_prot_cis.label_seq_id 
_struct_mon_prot_cis.label_asym_id 
_struct_mon_prot_cis.label_alt_id 
_struct_mon_prot_cis.pdbx_PDB_ins_code 
_struct_mon_prot_cis.auth_comp_id 
_struct_mon_prot_cis.auth_seq_id 
_struct_mon_prot_cis.auth_asym_id 
_struct_mon_prot_cis.pdbx_label_comp_id_2 
_struct_mon_prot_cis.pdbx_label_seq_id_2 
_struct_mon_prot_cis.pdbx_label_asym_id_2 
_struct_mon_prot_cis.pdbx_PDB_ins_code_2 
_struct_mon_prot_cis.pdbx_auth_comp_id_2 
_struct_mon_prot_cis.pdbx_auth_seq_id_2 
_struct_mon_prot_cis.pdbx_auth_asym_id_2 
_struct_mon_prot_cis.pdbx_PDB_model_num 
_struct_mon_prot_cis.pdbx_omega_angle 
1 ILE 4 B . ? ILE 4 B ILE 5 B ? ILE 5 B 1 -6.98  
2 GLY 6 B . ? GLY 6 B LEU 7 B ? LEU 7 B 1 -18.64 
# 
loop_
_struct_sheet.id 
_struct_sheet.type 
_struct_sheet.number_strands 
_struct_sheet.details 
A ? 2 ? 
B ? 2 ? 
# 
loop_
_struct_sheet_order.sheet_id 
_struct_sheet_order.range_id_1 
_struct_sheet_order.range_id_2 
_struct_sheet_order.offset 
_struct_sheet_order.sense 
A 1 2 ? anti-parallel 
B 1 2 ? anti-parallel 
# 
loop_
_struct_sheet_range.sheet_id 
_struct_sheet_range.id 
_struct_sheet_range.beg_label_comp_id 
_struct_sheet_range.beg_label_asym_id 
_struct_sheet_range.beg_label_seq_id 
_struct_sheet_range.pdbx_beg_PDB_ins_code 
_struct_sheet_range.end_label_comp_id 
_struct_sheet_range.end_label_asym_id 
_struct_sheet_range.end_label_seq_id 
_struct_sheet_range.pdbx_end_PDB_ins_code 
_struct_sheet_range.beg_auth_comp_id 
_struct_sheet_range.beg_auth_asym_id 
_struct_sheet_range.beg_auth_seq_id 
_struct_sheet_range.end_auth_comp_id 
_struct_sheet_range.end_auth_asym_id 
_struct_sheet_range.end_auth_seq_id 
A 1 ASP A 23 ? TYR A 24 ? ASP A 24 TYR A 25 
A 2 CYS A 28 ? GLY A 29 ? CYS A 29 GLY A 30 
B 1 TYR A 69 ? THR A 72 ? TYR A 70 THR A 73 
B 2 THR A 75 ? CYS A 78 ? THR A 76 CYS A 79 
# 
loop_
_pdbx_struct_sheet_hbond.sheet_id 
_pdbx_struct_sheet_hbond.range_id_1 
_pdbx_struct_sheet_hbond.range_id_2 
_pdbx_struct_sheet_hbond.range_1_label_atom_id 
_pdbx_struct_sheet_hbond.range_1_label_comp_id 
_pdbx_struct_sheet_hbond.range_1_label_asym_id 
_pdbx_struct_sheet_hbond.range_1_label_seq_id 
_pdbx_struct_sheet_hbond.range_1_PDB_ins_code 
_pdbx_struct_sheet_hbond.range_1_auth_atom_id 
_pdbx_struct_sheet_hbond.range_1_auth_comp_id 
_pdbx_struct_sheet_hbond.range_1_auth_asym_id 
_pdbx_struct_sheet_hbond.range_1_auth_seq_id 
_pdbx_struct_sheet_hbond.range_2_label_atom_id 
_pdbx_struct_sheet_hbond.range_2_label_comp_id 
_pdbx_struct_sheet_hbond.range_2_label_asym_id 
_pdbx_struct_sheet_hbond.range_2_label_seq_id 
_pdbx_struct_sheet_hbond.range_2_PDB_ins_code 
_pdbx_struct_sheet_hbond.range_2_auth_atom_id 
_pdbx_struct_sheet_hbond.range_2_auth_comp_id 
_pdbx_struct_sheet_hbond.range_2_auth_asym_id 
_pdbx_struct_sheet_hbond.range_2_auth_seq_id 
A 1 2 N TYR A 24 ? N TYR A 25 O CYS A 28 ? O CYS A 29 
B 1 2 N GLU A 70 ? N GLU A 71 O THR A 77 ? O THR A 78 
# 
_struct_site.id                   AC1 
_struct_site.pdbx_evidence_code   Software 
_struct_site.pdbx_auth_asym_id    A 
_struct_site.pdbx_auth_comp_id    CA 
_struct_site.pdbx_auth_seq_id     201 
_struct_site.pdbx_auth_ins_code   ? 
_struct_site.pdbx_num_residues    7 
_struct_site.details              'BINDING SITE FOR RESIDUE CA A 201' 
# 
loop_
_struct_site_gen.id 
_struct_site_gen.site_id 
_struct_site_gen.pdbx_num_res 
_struct_site_gen.label_comp_id 
_struct_site_gen.label_asym_id 
_struct_site_gen.label_seq_id 
_struct_site_gen.pdbx_auth_ins_code 
_struct_site_gen.auth_comp_id 
_struct_site_gen.auth_asym_id 
_struct_site_gen.auth_seq_id 
_struct_site_gen.label_atom_id 
_struct_site_gen.label_alt_id 
_struct_site_gen.symmetry 
_struct_site_gen.details 
1 AC1 7 TYR A 27 ? TYR A 28  . ? 1_555 ? 
2 AC1 7 GLY A 29 ? GLY A 30  . ? 1_555 ? 
3 AC1 7 GLY A 31 ? GLY A 32  . ? 1_555 ? 
4 AC1 7 ASP A 48 ? ASP A 49  . ? 1_555 ? 
5 AC1 7 HOH D .  ? HOH A 221 . ? 1_555 ? 
6 AC1 7 LEU B 7  ? LEU B 7   . ? 1_555 ? 
7 AC1 7 MET B 8  ? MET B 8   . ? 1_555 ? 
# 
_pdbx_entry_details.entry_id                   3JTI 
_pdbx_entry_details.sequence_details           
;IN CHAIN A, RESIDUE NUMBER 16 IS SIMPLY SKIPPED.
THE AUTHORS BELIEVE THAT THE SEQRES IS CORRECT AND THESE 
MUTATIONS ARE PRESENT IN THE DEPOSITED SEQUENCE.
;
_pdbx_entry_details.nonpolymer_details         ? 
_pdbx_entry_details.compound_details           ? 
_pdbx_entry_details.source_details             ? 
_pdbx_entry_details.has_ligand_of_interest     ? 
_pdbx_entry_details.has_protein_modification   Y 
# 
loop_
_pdbx_validate_rmsd_angle.id 
_pdbx_validate_rmsd_angle.PDB_model_num 
_pdbx_validate_rmsd_angle.auth_atom_id_1 
_pdbx_validate_rmsd_angle.auth_asym_id_1 
_pdbx_validate_rmsd_angle.auth_comp_id_1 
_pdbx_validate_rmsd_angle.auth_seq_id_1 
_pdbx_validate_rmsd_angle.PDB_ins_code_1 
_pdbx_validate_rmsd_angle.label_alt_id_1 
_pdbx_validate_rmsd_angle.auth_atom_id_2 
_pdbx_validate_rmsd_angle.auth_asym_id_2 
_pdbx_validate_rmsd_angle.auth_comp_id_2 
_pdbx_validate_rmsd_angle.auth_seq_id_2 
_pdbx_validate_rmsd_angle.PDB_ins_code_2 
_pdbx_validate_rmsd_angle.label_alt_id_2 
_pdbx_validate_rmsd_angle.auth_atom_id_3 
_pdbx_validate_rmsd_angle.auth_asym_id_3 
_pdbx_validate_rmsd_angle.auth_comp_id_3 
_pdbx_validate_rmsd_angle.auth_seq_id_3 
_pdbx_validate_rmsd_angle.PDB_ins_code_3 
_pdbx_validate_rmsd_angle.label_alt_id_3 
_pdbx_validate_rmsd_angle.angle_value 
_pdbx_validate_rmsd_angle.angle_target_value 
_pdbx_validate_rmsd_angle.angle_deviation 
_pdbx_validate_rmsd_angle.angle_standard_deviation 
_pdbx_validate_rmsd_angle.linker_flag 
1 1 O A SER 15 ? ? C A SER 15 ? ? N  A ARG 17 ? ? 112.88 122.70 -9.82 1.60 Y 
2 1 C B GLY 2  ? ? N B ALA 3  ? ? CA B ALA 3  ? ? 144.00 121.70 22.30 2.50 Y 
# 
loop_
_pdbx_validate_torsion.id 
_pdbx_validate_torsion.PDB_model_num 
_pdbx_validate_torsion.auth_comp_id 
_pdbx_validate_torsion.auth_asym_id 
_pdbx_validate_torsion.auth_seq_id 
_pdbx_validate_torsion.PDB_ins_code 
_pdbx_validate_torsion.label_alt_id 
_pdbx_validate_torsion.phi 
_pdbx_validate_torsion.psi 
1 1 SER A 15 ? ? -71.80  43.32   
2 1 ARG A 17 ? ? 178.61  135.66  
3 1 ALA B 3  ? ? -115.90 -72.16  
4 1 ILE B 4  ? ? -154.33 -158.51 
5 1 ILE B 5  ? ? -142.43 -65.65  
# 
_pdbx_validate_peptide_omega.id               1 
_pdbx_validate_peptide_omega.PDB_model_num    1 
_pdbx_validate_peptide_omega.auth_comp_id_1   GLY 
_pdbx_validate_peptide_omega.auth_asym_id_1   B 
_pdbx_validate_peptide_omega.auth_seq_id_1    2 
_pdbx_validate_peptide_omega.PDB_ins_code_1   ? 
_pdbx_validate_peptide_omega.label_alt_id_1   ? 
_pdbx_validate_peptide_omega.auth_comp_id_2   ALA 
_pdbx_validate_peptide_omega.auth_asym_id_2   B 
_pdbx_validate_peptide_omega.auth_seq_id_2    3 
_pdbx_validate_peptide_omega.PDB_ins_code_2   ? 
_pdbx_validate_peptide_omega.label_alt_id_2   ? 
_pdbx_validate_peptide_omega.omega            -137.62 
# 
loop_
_chem_comp_atom.comp_id 
_chem_comp_atom.atom_id 
_chem_comp_atom.type_symbol 
_chem_comp_atom.pdbx_aromatic_flag 
_chem_comp_atom.pdbx_stereo_config 
_chem_comp_atom.pdbx_ordinal 
ALA N    N  N N 1   
ALA CA   C  N S 2   
ALA C    C  N N 3   
ALA O    O  N N 4   
ALA CB   C  N N 5   
ALA OXT  O  N N 6   
ALA H    H  N N 7   
ALA H2   H  N N 8   
ALA HA   H  N N 9   
ALA HB1  H  N N 10  
ALA HB2  H  N N 11  
ALA HB3  H  N N 12  
ALA HXT  H  N N 13  
ARG N    N  N N 14  
ARG CA   C  N S 15  
ARG C    C  N N 16  
ARG O    O  N N 17  
ARG CB   C  N N 18  
ARG CG   C  N N 19  
ARG CD   C  N N 20  
ARG NE   N  N N 21  
ARG CZ   C  N N 22  
ARG NH1  N  N N 23  
ARG NH2  N  N N 24  
ARG OXT  O  N N 25  
ARG H    H  N N 26  
ARG H2   H  N N 27  
ARG HA   H  N N 28  
ARG HB2  H  N N 29  
ARG HB3  H  N N 30  
ARG HG2  H  N N 31  
ARG HG3  H  N N 32  
ARG HD2  H  N N 33  
ARG HD3  H  N N 34  
ARG HE   H  N N 35  
ARG HH11 H  N N 36  
ARG HH12 H  N N 37  
ARG HH21 H  N N 38  
ARG HH22 H  N N 39  
ARG HXT  H  N N 40  
ASN N    N  N N 41  
ASN CA   C  N S 42  
ASN C    C  N N 43  
ASN O    O  N N 44  
ASN CB   C  N N 45  
ASN CG   C  N N 46  
ASN OD1  O  N N 47  
ASN ND2  N  N N 48  
ASN OXT  O  N N 49  
ASN H    H  N N 50  
ASN H2   H  N N 51  
ASN HA   H  N N 52  
ASN HB2  H  N N 53  
ASN HB3  H  N N 54  
ASN HD21 H  N N 55  
ASN HD22 H  N N 56  
ASN HXT  H  N N 57  
ASP N    N  N N 58  
ASP CA   C  N S 59  
ASP C    C  N N 60  
ASP O    O  N N 61  
ASP CB   C  N N 62  
ASP CG   C  N N 63  
ASP OD1  O  N N 64  
ASP OD2  O  N N 65  
ASP OXT  O  N N 66  
ASP H    H  N N 67  
ASP H2   H  N N 68  
ASP HA   H  N N 69  
ASP HB2  H  N N 70  
ASP HB3  H  N N 71  
ASP HD2  H  N N 72  
ASP HXT  H  N N 73  
CA  CA   CA N N 74  
CYS N    N  N N 75  
CYS CA   C  N R 76  
CYS C    C  N N 77  
CYS O    O  N N 78  
CYS CB   C  N N 79  
CYS SG   S  N N 80  
CYS OXT  O  N N 81  
CYS H    H  N N 82  
CYS H2   H  N N 83  
CYS HA   H  N N 84  
CYS HB2  H  N N 85  
CYS HB3  H  N N 86  
CYS HG   H  N N 87  
CYS HXT  H  N N 88  
GLN N    N  N N 89  
GLN CA   C  N S 90  
GLN C    C  N N 91  
GLN O    O  N N 92  
GLN CB   C  N N 93  
GLN CG   C  N N 94  
GLN CD   C  N N 95  
GLN OE1  O  N N 96  
GLN NE2  N  N N 97  
GLN OXT  O  N N 98  
GLN H    H  N N 99  
GLN H2   H  N N 100 
GLN HA   H  N N 101 
GLN HB2  H  N N 102 
GLN HB3  H  N N 103 
GLN HG2  H  N N 104 
GLN HG3  H  N N 105 
GLN HE21 H  N N 106 
GLN HE22 H  N N 107 
GLN HXT  H  N N 108 
GLU N    N  N N 109 
GLU CA   C  N S 110 
GLU C    C  N N 111 
GLU O    O  N N 112 
GLU CB   C  N N 113 
GLU CG   C  N N 114 
GLU CD   C  N N 115 
GLU OE1  O  N N 116 
GLU OE2  O  N N 117 
GLU OXT  O  N N 118 
GLU H    H  N N 119 
GLU H2   H  N N 120 
GLU HA   H  N N 121 
GLU HB2  H  N N 122 
GLU HB3  H  N N 123 
GLU HG2  H  N N 124 
GLU HG3  H  N N 125 
GLU HE2  H  N N 126 
GLU HXT  H  N N 127 
GLY N    N  N N 128 
GLY CA   C  N N 129 
GLY C    C  N N 130 
GLY O    O  N N 131 
GLY OXT  O  N N 132 
GLY H    H  N N 133 
GLY H2   H  N N 134 
GLY HA2  H  N N 135 
GLY HA3  H  N N 136 
GLY HXT  H  N N 137 
HIS N    N  N N 138 
HIS CA   C  N S 139 
HIS C    C  N N 140 
HIS O    O  N N 141 
HIS CB   C  N N 142 
HIS CG   C  Y N 143 
HIS ND1  N  Y N 144 
HIS CD2  C  Y N 145 
HIS CE1  C  Y N 146 
HIS NE2  N  Y N 147 
HIS OXT  O  N N 148 
HIS H    H  N N 149 
HIS H2   H  N N 150 
HIS HA   H  N N 151 
HIS HB2  H  N N 152 
HIS HB3  H  N N 153 
HIS HD1  H  N N 154 
HIS HD2  H  N N 155 
HIS HE1  H  N N 156 
HIS HE2  H  N N 157 
HIS HXT  H  N N 158 
HOH O    O  N N 159 
HOH H1   H  N N 160 
HOH H2   H  N N 161 
ILE N    N  N N 162 
ILE CA   C  N S 163 
ILE C    C  N N 164 
ILE O    O  N N 165 
ILE CB   C  N S 166 
ILE CG1  C  N N 167 
ILE CG2  C  N N 168 
ILE CD1  C  N N 169 
ILE OXT  O  N N 170 
ILE H    H  N N 171 
ILE H2   H  N N 172 
ILE HA   H  N N 173 
ILE HB   H  N N 174 
ILE HG12 H  N N 175 
ILE HG13 H  N N 176 
ILE HG21 H  N N 177 
ILE HG22 H  N N 178 
ILE HG23 H  N N 179 
ILE HD11 H  N N 180 
ILE HD12 H  N N 181 
ILE HD13 H  N N 182 
ILE HXT  H  N N 183 
LEU N    N  N N 184 
LEU CA   C  N S 185 
LEU C    C  N N 186 
LEU O    O  N N 187 
LEU CB   C  N N 188 
LEU CG   C  N N 189 
LEU CD1  C  N N 190 
LEU CD2  C  N N 191 
LEU OXT  O  N N 192 
LEU H    H  N N 193 
LEU H2   H  N N 194 
LEU HA   H  N N 195 
LEU HB2  H  N N 196 
LEU HB3  H  N N 197 
LEU HG   H  N N 198 
LEU HD11 H  N N 199 
LEU HD12 H  N N 200 
LEU HD13 H  N N 201 
LEU HD21 H  N N 202 
LEU HD22 H  N N 203 
LEU HD23 H  N N 204 
LEU HXT  H  N N 205 
LYS N    N  N N 206 
LYS CA   C  N S 207 
LYS C    C  N N 208 
LYS O    O  N N 209 
LYS CB   C  N N 210 
LYS CG   C  N N 211 
LYS CD   C  N N 212 
LYS CE   C  N N 213 
LYS NZ   N  N N 214 
LYS OXT  O  N N 215 
LYS H    H  N N 216 
LYS H2   H  N N 217 
LYS HA   H  N N 218 
LYS HB2  H  N N 219 
LYS HB3  H  N N 220 
LYS HG2  H  N N 221 
LYS HG3  H  N N 222 
LYS HD2  H  N N 223 
LYS HD3  H  N N 224 
LYS HE2  H  N N 225 
LYS HE3  H  N N 226 
LYS HZ1  H  N N 227 
LYS HZ2  H  N N 228 
LYS HZ3  H  N N 229 
LYS HXT  H  N N 230 
MET N    N  N N 231 
MET CA   C  N S 232 
MET C    C  N N 233 
MET O    O  N N 234 
MET CB   C  N N 235 
MET CG   C  N N 236 
MET SD   S  N N 237 
MET CE   C  N N 238 
MET OXT  O  N N 239 
MET H    H  N N 240 
MET H2   H  N N 241 
MET HA   H  N N 242 
MET HB2  H  N N 243 
MET HB3  H  N N 244 
MET HG2  H  N N 245 
MET HG3  H  N N 246 
MET HE1  H  N N 247 
MET HE2  H  N N 248 
MET HE3  H  N N 249 
MET HXT  H  N N 250 
PHE N    N  N N 251 
PHE CA   C  N S 252 
PHE C    C  N N 253 
PHE O    O  N N 254 
PHE CB   C  N N 255 
PHE CG   C  Y N 256 
PHE CD1  C  Y N 257 
PHE CD2  C  Y N 258 
PHE CE1  C  Y N 259 
PHE CE2  C  Y N 260 
PHE CZ   C  Y N 261 
PHE OXT  O  N N 262 
PHE H    H  N N 263 
PHE H2   H  N N 264 
PHE HA   H  N N 265 
PHE HB2  H  N N 266 
PHE HB3  H  N N 267 
PHE HD1  H  N N 268 
PHE HD2  H  N N 269 
PHE HE1  H  N N 270 
PHE HE2  H  N N 271 
PHE HZ   H  N N 272 
PHE HXT  H  N N 273 
PRO N    N  N N 274 
PRO CA   C  N S 275 
PRO C    C  N N 276 
PRO O    O  N N 277 
PRO CB   C  N N 278 
PRO CG   C  N N 279 
PRO CD   C  N N 280 
PRO OXT  O  N N 281 
PRO H    H  N N 282 
PRO HA   H  N N 283 
PRO HB2  H  N N 284 
PRO HB3  H  N N 285 
PRO HG2  H  N N 286 
PRO HG3  H  N N 287 
PRO HD2  H  N N 288 
PRO HD3  H  N N 289 
PRO HXT  H  N N 290 
SER N    N  N N 291 
SER CA   C  N S 292 
SER C    C  N N 293 
SER O    O  N N 294 
SER CB   C  N N 295 
SER OG   O  N N 296 
SER OXT  O  N N 297 
SER H    H  N N 298 
SER H2   H  N N 299 
SER HA   H  N N 300 
SER HB2  H  N N 301 
SER HB3  H  N N 302 
SER HG   H  N N 303 
SER HXT  H  N N 304 
THR N    N  N N 305 
THR CA   C  N S 306 
THR C    C  N N 307 
THR O    O  N N 308 
THR CB   C  N R 309 
THR OG1  O  N N 310 
THR CG2  C  N N 311 
THR OXT  O  N N 312 
THR H    H  N N 313 
THR H2   H  N N 314 
THR HA   H  N N 315 
THR HB   H  N N 316 
THR HG1  H  N N 317 
THR HG21 H  N N 318 
THR HG22 H  N N 319 
THR HG23 H  N N 320 
THR HXT  H  N N 321 
TRP N    N  N N 322 
TRP CA   C  N S 323 
TRP C    C  N N 324 
TRP O    O  N N 325 
TRP CB   C  N N 326 
TRP CG   C  Y N 327 
TRP CD1  C  Y N 328 
TRP CD2  C  Y N 329 
TRP NE1  N  Y N 330 
TRP CE2  C  Y N 331 
TRP CE3  C  Y N 332 
TRP CZ2  C  Y N 333 
TRP CZ3  C  Y N 334 
TRP CH2  C  Y N 335 
TRP OXT  O  N N 336 
TRP H    H  N N 337 
TRP H2   H  N N 338 
TRP HA   H  N N 339 
TRP HB2  H  N N 340 
TRP HB3  H  N N 341 
TRP HD1  H  N N 342 
TRP HE1  H  N N 343 
TRP HE3  H  N N 344 
TRP HZ2  H  N N 345 
TRP HZ3  H  N N 346 
TRP HH2  H  N N 347 
TRP HXT  H  N N 348 
TYR N    N  N N 349 
TYR CA   C  N S 350 
TYR C    C  N N 351 
TYR O    O  N N 352 
TYR CB   C  N N 353 
TYR CG   C  Y N 354 
TYR CD1  C  Y N 355 
TYR CD2  C  Y N 356 
TYR CE1  C  Y N 357 
TYR CE2  C  Y N 358 
TYR CZ   C  Y N 359 
TYR OH   O  N N 360 
TYR OXT  O  N N 361 
TYR H    H  N N 362 
TYR H2   H  N N 363 
TYR HA   H  N N 364 
TYR HB2  H  N N 365 
TYR HB3  H  N N 366 
TYR HD1  H  N N 367 
TYR HD2  H  N N 368 
TYR HE1  H  N N 369 
TYR HE2  H  N N 370 
TYR HH   H  N N 371 
TYR HXT  H  N N 372 
VAL N    N  N N 373 
VAL CA   C  N S 374 
VAL C    C  N N 375 
VAL O    O  N N 376 
VAL CB   C  N N 377 
VAL CG1  C  N N 378 
VAL CG2  C  N N 379 
VAL OXT  O  N N 380 
VAL H    H  N N 381 
VAL H2   H  N N 382 
VAL HA   H  N N 383 
VAL HB   H  N N 384 
VAL HG11 H  N N 385 
VAL HG12 H  N N 386 
VAL HG13 H  N N 387 
VAL HG21 H  N N 388 
VAL HG22 H  N N 389 
VAL HG23 H  N N 390 
VAL HXT  H  N N 391 
# 
loop_
_chem_comp_bond.comp_id 
_chem_comp_bond.atom_id_1 
_chem_comp_bond.atom_id_2 
_chem_comp_bond.value_order 
_chem_comp_bond.pdbx_aromatic_flag 
_chem_comp_bond.pdbx_stereo_config 
_chem_comp_bond.pdbx_ordinal 
ALA N   CA   sing N N 1   
ALA N   H    sing N N 2   
ALA N   H2   sing N N 3   
ALA CA  C    sing N N 4   
ALA CA  CB   sing N N 5   
ALA CA  HA   sing N N 6   
ALA C   O    doub N N 7   
ALA C   OXT  sing N N 8   
ALA CB  HB1  sing N N 9   
ALA CB  HB2  sing N N 10  
ALA CB  HB3  sing N N 11  
ALA OXT HXT  sing N N 12  
ARG N   CA   sing N N 13  
ARG N   H    sing N N 14  
ARG N   H2   sing N N 15  
ARG CA  C    sing N N 16  
ARG CA  CB   sing N N 17  
ARG CA  HA   sing N N 18  
ARG C   O    doub N N 19  
ARG C   OXT  sing N N 20  
ARG CB  CG   sing N N 21  
ARG CB  HB2  sing N N 22  
ARG CB  HB3  sing N N 23  
ARG CG  CD   sing N N 24  
ARG CG  HG2  sing N N 25  
ARG CG  HG3  sing N N 26  
ARG CD  NE   sing N N 27  
ARG CD  HD2  sing N N 28  
ARG CD  HD3  sing N N 29  
ARG NE  CZ   sing N N 30  
ARG NE  HE   sing N N 31  
ARG CZ  NH1  sing N N 32  
ARG CZ  NH2  doub N N 33  
ARG NH1 HH11 sing N N 34  
ARG NH1 HH12 sing N N 35  
ARG NH2 HH21 sing N N 36  
ARG NH2 HH22 sing N N 37  
ARG OXT HXT  sing N N 38  
ASN N   CA   sing N N 39  
ASN N   H    sing N N 40  
ASN N   H2   sing N N 41  
ASN CA  C    sing N N 42  
ASN CA  CB   sing N N 43  
ASN CA  HA   sing N N 44  
ASN C   O    doub N N 45  
ASN C   OXT  sing N N 46  
ASN CB  CG   sing N N 47  
ASN CB  HB2  sing N N 48  
ASN CB  HB3  sing N N 49  
ASN CG  OD1  doub N N 50  
ASN CG  ND2  sing N N 51  
ASN ND2 HD21 sing N N 52  
ASN ND2 HD22 sing N N 53  
ASN OXT HXT  sing N N 54  
ASP N   CA   sing N N 55  
ASP N   H    sing N N 56  
ASP N   H2   sing N N 57  
ASP CA  C    sing N N 58  
ASP CA  CB   sing N N 59  
ASP CA  HA   sing N N 60  
ASP C   O    doub N N 61  
ASP C   OXT  sing N N 62  
ASP CB  CG   sing N N 63  
ASP CB  HB2  sing N N 64  
ASP CB  HB3  sing N N 65  
ASP CG  OD1  doub N N 66  
ASP CG  OD2  sing N N 67  
ASP OD2 HD2  sing N N 68  
ASP OXT HXT  sing N N 69  
CYS N   CA   sing N N 70  
CYS N   H    sing N N 71  
CYS N   H2   sing N N 72  
CYS CA  C    sing N N 73  
CYS CA  CB   sing N N 74  
CYS CA  HA   sing N N 75  
CYS C   O    doub N N 76  
CYS C   OXT  sing N N 77  
CYS CB  SG   sing N N 78  
CYS CB  HB2  sing N N 79  
CYS CB  HB3  sing N N 80  
CYS SG  HG   sing N N 81  
CYS OXT HXT  sing N N 82  
GLN N   CA   sing N N 83  
GLN N   H    sing N N 84  
GLN N   H2   sing N N 85  
GLN CA  C    sing N N 86  
GLN CA  CB   sing N N 87  
GLN CA  HA   sing N N 88  
GLN C   O    doub N N 89  
GLN C   OXT  sing N N 90  
GLN CB  CG   sing N N 91  
GLN CB  HB2  sing N N 92  
GLN CB  HB3  sing N N 93  
GLN CG  CD   sing N N 94  
GLN CG  HG2  sing N N 95  
GLN CG  HG3  sing N N 96  
GLN CD  OE1  doub N N 97  
GLN CD  NE2  sing N N 98  
GLN NE2 HE21 sing N N 99  
GLN NE2 HE22 sing N N 100 
GLN OXT HXT  sing N N 101 
GLU N   CA   sing N N 102 
GLU N   H    sing N N 103 
GLU N   H2   sing N N 104 
GLU CA  C    sing N N 105 
GLU CA  CB   sing N N 106 
GLU CA  HA   sing N N 107 
GLU C   O    doub N N 108 
GLU C   OXT  sing N N 109 
GLU CB  CG   sing N N 110 
GLU CB  HB2  sing N N 111 
GLU CB  HB3  sing N N 112 
GLU CG  CD   sing N N 113 
GLU CG  HG2  sing N N 114 
GLU CG  HG3  sing N N 115 
GLU CD  OE1  doub N N 116 
GLU CD  OE2  sing N N 117 
GLU OE2 HE2  sing N N 118 
GLU OXT HXT  sing N N 119 
GLY N   CA   sing N N 120 
GLY N   H    sing N N 121 
GLY N   H2   sing N N 122 
GLY CA  C    sing N N 123 
GLY CA  HA2  sing N N 124 
GLY CA  HA3  sing N N 125 
GLY C   O    doub N N 126 
GLY C   OXT  sing N N 127 
GLY OXT HXT  sing N N 128 
HIS N   CA   sing N N 129 
HIS N   H    sing N N 130 
HIS N   H2   sing N N 131 
HIS CA  C    sing N N 132 
HIS CA  CB   sing N N 133 
HIS CA  HA   sing N N 134 
HIS C   O    doub N N 135 
HIS C   OXT  sing N N 136 
HIS CB  CG   sing N N 137 
HIS CB  HB2  sing N N 138 
HIS CB  HB3  sing N N 139 
HIS CG  ND1  sing Y N 140 
HIS CG  CD2  doub Y N 141 
HIS ND1 CE1  doub Y N 142 
HIS ND1 HD1  sing N N 143 
HIS CD2 NE2  sing Y N 144 
HIS CD2 HD2  sing N N 145 
HIS CE1 NE2  sing Y N 146 
HIS CE1 HE1  sing N N 147 
HIS NE2 HE2  sing N N 148 
HIS OXT HXT  sing N N 149 
HOH O   H1   sing N N 150 
HOH O   H2   sing N N 151 
ILE N   CA   sing N N 152 
ILE N   H    sing N N 153 
ILE N   H2   sing N N 154 
ILE CA  C    sing N N 155 
ILE CA  CB   sing N N 156 
ILE CA  HA   sing N N 157 
ILE C   O    doub N N 158 
ILE C   OXT  sing N N 159 
ILE CB  CG1  sing N N 160 
ILE CB  CG2  sing N N 161 
ILE CB  HB   sing N N 162 
ILE CG1 CD1  sing N N 163 
ILE CG1 HG12 sing N N 164 
ILE CG1 HG13 sing N N 165 
ILE CG2 HG21 sing N N 166 
ILE CG2 HG22 sing N N 167 
ILE CG2 HG23 sing N N 168 
ILE CD1 HD11 sing N N 169 
ILE CD1 HD12 sing N N 170 
ILE CD1 HD13 sing N N 171 
ILE OXT HXT  sing N N 172 
LEU N   CA   sing N N 173 
LEU N   H    sing N N 174 
LEU N   H2   sing N N 175 
LEU CA  C    sing N N 176 
LEU CA  CB   sing N N 177 
LEU CA  HA   sing N N 178 
LEU C   O    doub N N 179 
LEU C   OXT  sing N N 180 
LEU CB  CG   sing N N 181 
LEU CB  HB2  sing N N 182 
LEU CB  HB3  sing N N 183 
LEU CG  CD1  sing N N 184 
LEU CG  CD2  sing N N 185 
LEU CG  HG   sing N N 186 
LEU CD1 HD11 sing N N 187 
LEU CD1 HD12 sing N N 188 
LEU CD1 HD13 sing N N 189 
LEU CD2 HD21 sing N N 190 
LEU CD2 HD22 sing N N 191 
LEU CD2 HD23 sing N N 192 
LEU OXT HXT  sing N N 193 
LYS N   CA   sing N N 194 
LYS N   H    sing N N 195 
LYS N   H2   sing N N 196 
LYS CA  C    sing N N 197 
LYS CA  CB   sing N N 198 
LYS CA  HA   sing N N 199 
LYS C   O    doub N N 200 
LYS C   OXT  sing N N 201 
LYS CB  CG   sing N N 202 
LYS CB  HB2  sing N N 203 
LYS CB  HB3  sing N N 204 
LYS CG  CD   sing N N 205 
LYS CG  HG2  sing N N 206 
LYS CG  HG3  sing N N 207 
LYS CD  CE   sing N N 208 
LYS CD  HD2  sing N N 209 
LYS CD  HD3  sing N N 210 
LYS CE  NZ   sing N N 211 
LYS CE  HE2  sing N N 212 
LYS CE  HE3  sing N N 213 
LYS NZ  HZ1  sing N N 214 
LYS NZ  HZ2  sing N N 215 
LYS NZ  HZ3  sing N N 216 
LYS OXT HXT  sing N N 217 
MET N   CA   sing N N 218 
MET N   H    sing N N 219 
MET N   H2   sing N N 220 
MET CA  C    sing N N 221 
MET CA  CB   sing N N 222 
MET CA  HA   sing N N 223 
MET C   O    doub N N 224 
MET C   OXT  sing N N 225 
MET CB  CG   sing N N 226 
MET CB  HB2  sing N N 227 
MET CB  HB3  sing N N 228 
MET CG  SD   sing N N 229 
MET CG  HG2  sing N N 230 
MET CG  HG3  sing N N 231 
MET SD  CE   sing N N 232 
MET CE  HE1  sing N N 233 
MET CE  HE2  sing N N 234 
MET CE  HE3  sing N N 235 
MET OXT HXT  sing N N 236 
PHE N   CA   sing N N 237 
PHE N   H    sing N N 238 
PHE N   H2   sing N N 239 
PHE CA  C    sing N N 240 
PHE CA  CB   sing N N 241 
PHE CA  HA   sing N N 242 
PHE C   O    doub N N 243 
PHE C   OXT  sing N N 244 
PHE CB  CG   sing N N 245 
PHE CB  HB2  sing N N 246 
PHE CB  HB3  sing N N 247 
PHE CG  CD1  doub Y N 248 
PHE CG  CD2  sing Y N 249 
PHE CD1 CE1  sing Y N 250 
PHE CD1 HD1  sing N N 251 
PHE CD2 CE2  doub Y N 252 
PHE CD2 HD2  sing N N 253 
PHE CE1 CZ   doub Y N 254 
PHE CE1 HE1  sing N N 255 
PHE CE2 CZ   sing Y N 256 
PHE CE2 HE2  sing N N 257 
PHE CZ  HZ   sing N N 258 
PHE OXT HXT  sing N N 259 
PRO N   CA   sing N N 260 
PRO N   CD   sing N N 261 
PRO N   H    sing N N 262 
PRO CA  C    sing N N 263 
PRO CA  CB   sing N N 264 
PRO CA  HA   sing N N 265 
PRO C   O    doub N N 266 
PRO C   OXT  sing N N 267 
PRO CB  CG   sing N N 268 
PRO CB  HB2  sing N N 269 
PRO CB  HB3  sing N N 270 
PRO CG  CD   sing N N 271 
PRO CG  HG2  sing N N 272 
PRO CG  HG3  sing N N 273 
PRO CD  HD2  sing N N 274 
PRO CD  HD3  sing N N 275 
PRO OXT HXT  sing N N 276 
SER N   CA   sing N N 277 
SER N   H    sing N N 278 
SER N   H2   sing N N 279 
SER CA  C    sing N N 280 
SER CA  CB   sing N N 281 
SER CA  HA   sing N N 282 
SER C   O    doub N N 283 
SER C   OXT  sing N N 284 
SER CB  OG   sing N N 285 
SER CB  HB2  sing N N 286 
SER CB  HB3  sing N N 287 
SER OG  HG   sing N N 288 
SER OXT HXT  sing N N 289 
THR N   CA   sing N N 290 
THR N   H    sing N N 291 
THR N   H2   sing N N 292 
THR CA  C    sing N N 293 
THR CA  CB   sing N N 294 
THR CA  HA   sing N N 295 
THR C   O    doub N N 296 
THR C   OXT  sing N N 297 
THR CB  OG1  sing N N 298 
THR CB  CG2  sing N N 299 
THR CB  HB   sing N N 300 
THR OG1 HG1  sing N N 301 
THR CG2 HG21 sing N N 302 
THR CG2 HG22 sing N N 303 
THR CG2 HG23 sing N N 304 
THR OXT HXT  sing N N 305 
TRP N   CA   sing N N 306 
TRP N   H    sing N N 307 
TRP N   H2   sing N N 308 
TRP CA  C    sing N N 309 
TRP CA  CB   sing N N 310 
TRP CA  HA   sing N N 311 
TRP C   O    doub N N 312 
TRP C   OXT  sing N N 313 
TRP CB  CG   sing N N 314 
TRP CB  HB2  sing N N 315 
TRP CB  HB3  sing N N 316 
TRP CG  CD1  doub Y N 317 
TRP CG  CD2  sing Y N 318 
TRP CD1 NE1  sing Y N 319 
TRP CD1 HD1  sing N N 320 
TRP CD2 CE2  doub Y N 321 
TRP CD2 CE3  sing Y N 322 
TRP NE1 CE2  sing Y N 323 
TRP NE1 HE1  sing N N 324 
TRP CE2 CZ2  sing Y N 325 
TRP CE3 CZ3  doub Y N 326 
TRP CE3 HE3  sing N N 327 
TRP CZ2 CH2  doub Y N 328 
TRP CZ2 HZ2  sing N N 329 
TRP CZ3 CH2  sing Y N 330 
TRP CZ3 HZ3  sing N N 331 
TRP CH2 HH2  sing N N 332 
TRP OXT HXT  sing N N 333 
TYR N   CA   sing N N 334 
TYR N   H    sing N N 335 
TYR N   H2   sing N N 336 
TYR CA  C    sing N N 337 
TYR CA  CB   sing N N 338 
TYR CA  HA   sing N N 339 
TYR C   O    doub N N 340 
TYR C   OXT  sing N N 341 
TYR CB  CG   sing N N 342 
TYR CB  HB2  sing N N 343 
TYR CB  HB3  sing N N 344 
TYR CG  CD1  doub Y N 345 
TYR CG  CD2  sing Y N 346 
TYR CD1 CE1  sing Y N 347 
TYR CD1 HD1  sing N N 348 
TYR CD2 CE2  doub Y N 349 
TYR CD2 HD2  sing N N 350 
TYR CE1 CZ   doub Y N 351 
TYR CE1 HE1  sing N N 352 
TYR CE2 CZ   sing Y N 353 
TYR CE2 HE2  sing N N 354 
TYR CZ  OH   sing N N 355 
TYR OH  HH   sing N N 356 
TYR OXT HXT  sing N N 357 
VAL N   CA   sing N N 358 
VAL N   H    sing N N 359 
VAL N   H2   sing N N 360 
VAL CA  C    sing N N 361 
VAL CA  CB   sing N N 362 
VAL CA  HA   sing N N 363 
VAL C   O    doub N N 364 
VAL C   OXT  sing N N 365 
VAL CB  CG1  sing N N 366 
VAL CB  CG2  sing N N 367 
VAL CB  HB   sing N N 368 
VAL CG1 HG11 sing N N 369 
VAL CG1 HG12 sing N N 370 
VAL CG1 HG13 sing N N 371 
VAL CG2 HG21 sing N N 372 
VAL CG2 HG22 sing N N 373 
VAL CG2 HG23 sing N N 374 
VAL OXT HXT  sing N N 375 
# 
_pdbx_initial_refinement_model.id               1 
_pdbx_initial_refinement_model.entity_id_list   ? 
_pdbx_initial_refinement_model.type             'experimental model' 
_pdbx_initial_refinement_model.source_name      PDB 
_pdbx_initial_refinement_model.accession_code   3GCI 
_pdbx_initial_refinement_model.details          'PDB ENTRY 3GCI' 
# 
_atom_sites.entry_id                    3JTI 
_atom_sites.fract_transf_matrix[1][1]   -0.01158619 
_atom_sites.fract_transf_matrix[1][2]   0.02030970 
_atom_sites.fract_transf_matrix[1][3]   -0.00036674 
_atom_sites.fract_transf_matrix[2][1]   -0.01664782 
_atom_sites.fract_transf_matrix[2][2]   -0.00925217 
_atom_sites.fract_transf_matrix[2][3]   0.01356855 
_atom_sites.fract_transf_matrix[3][1]   0.00756827 
_atom_sites.fract_transf_matrix[3][2]   0.00454110 
_atom_sites.fract_transf_matrix[3][3]   0.01238233 
_atom_sites.fract_transf_vector[1]      -0.455865 
_atom_sites.fract_transf_vector[2]      0.232209 
_atom_sites.fract_transf_vector[3]      0.008443 
# 
loop_
_atom_type.symbol 
C  
CA 
N  
O  
S  
# 
loop_
_atom_site.group_PDB 
_atom_site.id 
_atom_site.type_symbol 
_atom_site.label_atom_id 
_atom_site.label_alt_id 
_atom_site.label_comp_id 
_atom_site.label_asym_id 
_atom_site.label_entity_id 
_atom_site.label_seq_id 
_atom_site.pdbx_PDB_ins_code 
_atom_site.Cartn_x 
_atom_site.Cartn_y 
_atom_site.Cartn_z 
_atom_site.occupancy 
_atom_site.B_iso_or_equiv 
_atom_site.pdbx_formal_charge 
_atom_site.auth_seq_id 
_atom_site.auth_comp_id 
_atom_site.auth_asym_id 
_atom_site.auth_atom_id 
_atom_site.pdbx_PDB_model_num 
ATOM   1    N  N   . ASN A 1 1   ? 7.853   1.171   6.436   1.00 14.12  ? 1   ASN A N   1 
ATOM   2    C  CA  . ASN A 1 1   ? 6.973   2.225   7.063   1.00 15.97  ? 1   ASN A CA  1 
ATOM   3    C  C   . ASN A 1 1   ? 6.269   3.029   5.978   1.00 17.18  ? 1   ASN A C   1 
ATOM   4    O  O   . ASN A 1 1   ? 6.546   2.837   4.768   1.00 16.80  ? 1   ASN A O   1 
ATOM   5    C  CB  . ASN A 1 1   ? 7.763   3.091   8.126   1.00 17.65  ? 1   ASN A CB  1 
ATOM   6    C  CG  . ASN A 1 1   ? 8.831   3.971   7.460   1.00 20.45  ? 1   ASN A CG  1 
ATOM   7    O  OD1 . ASN A 1 1   ? 8.636   4.441   6.330   1.00 17.07  ? 1   ASN A OD1 1 
ATOM   8    N  ND2 . ASN A 1 1   ? 9.975   4.175   8.144   1.00 23.81  ? 1   ASN A ND2 1 
ATOM   9    N  N   . LEU A 1 2   ? 5.303   3.868   6.337   1.00 17.51  ? 2   LEU A N   1 
ATOM   10   C  CA  . LEU A 1 2   ? 4.501   4.525   5.309   1.00 19.80  ? 2   LEU A CA  1 
ATOM   11   C  C   . LEU A 1 2   ? 5.365   5.428   4.396   1.00 17.85  ? 2   LEU A C   1 
ATOM   12   O  O   . LEU A 1 2   ? 5.099   5.524   3.236   1.00 20.44  ? 2   LEU A O   1 
ATOM   13   C  CB  . LEU A 1 2   ? 3.372   5.394   5.941   1.00 20.85  ? 2   LEU A CB  1 
ATOM   14   C  CG  . LEU A 1 2   ? 2.296   4.471   6.538   1.00 29.90  ? 2   LEU A CG  1 
ATOM   15   C  CD1 . LEU A 1 2   ? 1.021   5.241   6.902   1.00 33.77  ? 2   LEU A CD1 1 
ATOM   16   C  CD2 . LEU A 1 2   ? 1.924   3.248   5.600   1.00 37.43  ? 2   LEU A CD2 1 
ATOM   17   N  N   . TYR A 1 3   ? 6.342   6.123   4.957   1.00 18.35  ? 3   TYR A N   1 
ATOM   18   C  CA  . TYR A 1 3   ? 7.260   6.940   4.147   1.00 18.38  ? 3   TYR A CA  1 
ATOM   19   C  C   . TYR A 1 3   ? 7.962   6.056   3.032   1.00 16.92  ? 3   TYR A C   1 
ATOM   20   O  O   . TYR A 1 3   ? 8.113   6.473   1.873   1.00 17.26  ? 3   TYR A O   1 
ATOM   21   C  CB  . TYR A 1 3   ? 8.314   7.570   5.066   1.00 18.05  ? 3   TYR A CB  1 
ATOM   22   C  CG  . TYR A 1 3   ? 9.463   8.270   4.356   1.00 21.10  ? 3   TYR A CG  1 
ATOM   23   C  CD1 . TYR A 1 3   ? 9.273   9.520   3.764   1.00 24.67  ? 3   TYR A CD1 1 
ATOM   24   C  CD2 . TYR A 1 3   ? 10.714  7.637   4.198   1.00 23.95  ? 3   TYR A CD2 1 
ATOM   25   C  CE1 . TYR A 1 3   ? 10.333  10.164  3.053   1.00 24.00  ? 3   TYR A CE1 1 
ATOM   26   C  CE2 . TYR A 1 3   ? 11.778  8.299   3.524   1.00 21.01  ? 3   TYR A CE2 1 
ATOM   27   C  CZ  . TYR A 1 3   ? 11.555  9.560   2.991   1.00 25.73  ? 3   TYR A CZ  1 
ATOM   28   O  OH  . TYR A 1 3   ? 12.570  10.193  2.292   1.00 25.35  ? 3   TYR A OH  1 
ATOM   29   N  N   . GLN A 1 4   ? 8.447   4.874   3.409   1.00 17.65  ? 4   GLN A N   1 
ATOM   30   C  CA  . GLN A 1 4   ? 9.056   3.939   2.434   1.00 16.97  ? 4   GLN A CA  1 
ATOM   31   C  C   . GLN A 1 4   ? 8.059   3.432   1.444   1.00 16.28  ? 4   GLN A C   1 
ATOM   32   O  O   . GLN A 1 4   ? 8.331   3.364   0.241   1.00 15.93  ? 4   GLN A O   1 
ATOM   33   C  CB  . GLN A 1 4   ? 9.692   2.729   3.186   1.00 16.74  ? 4   GLN A CB  1 
ATOM   34   C  CG  . GLN A 1 4   ? 10.807  3.163   4.127   1.00 19.32  ? 4   GLN A CG  1 
ATOM   35   C  CD  . GLN A 1 4   ? 11.357  1.997   4.902   1.00 16.64  ? 4   GLN A CD  1 
ATOM   36   O  OE1 . GLN A 1 4   ? 10.619  1.323   5.668   1.00 16.87  ? 4   GLN A OE1 1 
ATOM   37   N  NE2 . GLN A 1 4   ? 12.671  1.771   4.780   1.00 17.59  ? 4   GLN A NE2 1 
ATOM   38   N  N   . PHE A 1 5   ? 6.828   3.108   1.895   1.00 15.92  ? 5   PHE A N   1 
ATOM   39   C  CA  . PHE A 1 5   ? 5.817   2.709   0.908   1.00 16.61  ? 5   PHE A CA  1 
ATOM   40   C  C   . PHE A 1 5   ? 5.557   3.867   -0.067  1.00 17.82  ? 5   PHE A C   1 
ATOM   41   O  O   . PHE A 1 5   ? 5.485   3.634   -1.285  1.00 17.89  ? 5   PHE A O   1 
ATOM   42   C  CB  . PHE A 1 5   ? 4.525   2.322   1.648   1.00 15.78  ? 5   PHE A CB  1 
ATOM   43   C  CG  . PHE A 1 5   ? 3.419   1.768   0.768   1.00 19.35  ? 5   PHE A CG  1 
ATOM   44   C  CD1 . PHE A 1 5   ? 3.669   0.838   -0.252  1.00 17.57  ? 5   PHE A CD1 1 
ATOM   45   C  CD2 . PHE A 1 5   ? 2.076   2.171   1.039   1.00 22.06  ? 5   PHE A CD2 1 
ATOM   46   C  CE1 . PHE A 1 5   ? 2.616   0.310   -1.046  1.00 20.46  ? 5   PHE A CE1 1 
ATOM   47   C  CE2 . PHE A 1 5   ? 1.012   1.687   0.273   1.00 23.23  ? 5   PHE A CE2 1 
ATOM   48   C  CZ  . PHE A 1 5   ? 1.256   0.773   -0.785  1.00 22.43  ? 5   PHE A CZ  1 
ATOM   49   N  N   . LYS A 1 6   ? 5.435   5.114   0.444   1.00 17.65  ? 6   LYS A N   1 
ATOM   50   C  CA  . LYS A 1 6   ? 5.275   6.279   -0.438  1.00 19.72  ? 6   LYS A CA  1 
ATOM   51   C  C   . LYS A 1 6   ? 6.411   6.332   -1.508  1.00 19.57  ? 6   LYS A C   1 
ATOM   52   O  O   . LYS A 1 6   ? 6.132   6.556   -2.720  1.00 19.73  ? 6   LYS A O   1 
ATOM   53   C  CB  . LYS A 1 6   ? 5.206   7.556   0.420   1.00 19.65  ? 6   LYS A CB  1 
ATOM   54   C  CG  . LYS A 1 6   ? 5.400   8.902   -0.280  1.00 30.22  ? 6   LYS A CG  1 
ATOM   55   C  CD  . LYS A 1 6   ? 5.955   9.882   0.765   1.00 35.99  ? 6   LYS A CD  1 
ATOM   56   C  CE  . LYS A 1 6   ? 6.663   11.113  0.147   1.00 41.78  ? 6   LYS A CE  1 
ATOM   57   N  NZ  . LYS A 1 6   ? 7.625   11.809  1.138   1.00 46.72  ? 6   LYS A NZ  1 
ATOM   58   N  N   . ASN A 1 7   ? 7.645   6.089   -1.096  1.00 18.83  ? 7   ASN A N   1 
ATOM   59   C  CA  . ASN A 1 7   ? 8.790   6.053   -2.030  1.00 19.66  ? 7   ASN A CA  1 
ATOM   60   C  C   . ASN A 1 7   ? 8.754   4.889   -3.031  1.00 19.95  ? 7   ASN A C   1 
ATOM   61   O  O   . ASN A 1 7   ? 9.136   5.104   -4.203  1.00 18.68  ? 7   ASN A O   1 
ATOM   62   C  CB  . ASN A 1 7   ? 10.104  6.095   -1.240  1.00 20.48  ? 7   ASN A CB  1 
ATOM   63   C  CG  . ASN A 1 7   ? 10.447  7.512   -0.806  1.00 23.52  ? 7   ASN A CG  1 
ATOM   64   O  OD1 . ASN A 1 7   ? 11.151  8.198   -1.556  1.00 23.72  ? 7   ASN A OD1 1 
ATOM   65   N  ND2 . ASN A 1 7   ? 9.887   7.995   0.323   1.00 22.38  ? 7   ASN A ND2 1 
ATOM   66   N  N   . MET A 1 8   ? 8.229   3.691   -2.626  1.00 17.97  ? 8   MET A N   1 
ATOM   67   C  CA  . MET A 1 8   ? 8.032   2.595   -3.559  1.00 18.35  ? 8   MET A CA  1 
ATOM   68   C  C   . MET A 1 8   ? 7.045   2.985   -4.630  1.00 20.41  ? 8   MET A C   1 
ATOM   69   O  O   . MET A 1 8   ? 7.271   2.649   -5.805  1.00 21.28  ? 8   MET A O   1 
ATOM   70   C  CB  . MET A 1 8   ? 7.527   1.344   -2.863  1.00 18.64  ? 8   MET A CB  1 
ATOM   71   C  CG  . MET A 1 8   ? 8.559   0.640   -1.988  1.00 17.61  ? 8   MET A CG  1 
ATOM   72   S  SD  . MET A 1 8   ? 7.795   -0.960  -1.600  1.00 17.55  ? 8   MET A SD  1 
ATOM   73   C  CE  . MET A 1 8   ? 9.041   -1.808  -0.635  1.00 17.75  ? 8   MET A CE  1 
ATOM   74   N  N   . ILE A 1 9   ? 5.959   3.652   -4.243  1.00 20.00  ? 9   ILE A N   1 
ATOM   75   C  CA  . ILE A 1 9   ? 4.984   4.120   -5.232  1.00 22.46  ? 9   ILE A CA  1 
ATOM   76   C  C   . ILE A 1 9   ? 5.629   5.142   -6.192  1.00 23.65  ? 9   ILE A C   1 
ATOM   77   O  O   . ILE A 1 9   ? 5.377   5.069   -7.377  1.00 25.23  ? 9   ILE A O   1 
ATOM   78   C  CB  . ILE A 1 9   ? 3.760   4.727   -4.566  1.00 22.36  ? 9   ILE A CB  1 
ATOM   79   C  CG1 . ILE A 1 9   ? 3.016   3.641   -3.787  1.00 25.25  ? 9   ILE A CG1 1 
ATOM   80   C  CG2 . ILE A 1 9   ? 2.787   5.293   -5.648  1.00 25.60  ? 9   ILE A CG2 1 
ATOM   81   C  CD1 . ILE A 1 9   ? 2.129   4.193   -2.729  1.00 30.56  ? 9   ILE A CD1 1 
ATOM   82   N  N   . GLN A 1 10  ? 6.374   6.112   -5.666  1.00 24.64  ? 10  GLN A N   1 
ATOM   83   C  CA  . GLN A 1 10  ? 7.116   7.126   -6.494  1.00 26.84  ? 10  GLN A CA  1 
ATOM   84   C  C   . GLN A 1 10  ? 8.083   6.440   -7.492  1.00 28.23  ? 10  GLN A C   1 
ATOM   85   O  O   . GLN A 1 10  ? 8.287   6.945   -8.649  1.00 27.35  ? 10  GLN A O   1 
ATOM   86   C  CB  . GLN A 1 10  ? 7.820   8.155   -5.593  1.00 26.58  ? 10  GLN A CB  1 
ATOM   87   C  CG  . GLN A 1 10  ? 6.926   9.093   -4.841  1.00 29.72  ? 10  GLN A CG  1 
ATOM   88   C  CD  . GLN A 1 10  ? 7.658   10.117  -3.939  1.00 37.80  ? 10  GLN A CD  1 
ATOM   89   O  OE1 . GLN A 1 10  ? 7.104   11.178  -3.626  1.00 44.72  ? 10  GLN A OE1 1 
ATOM   90   N  NE2 . GLN A 1 10  ? 8.869   9.799   -3.487  1.00 37.10  ? 10  GLN A NE2 1 
ATOM   91   N  N   . CYS A 1 11  ? 8.634   5.305   -7.078  1.00 27.74  ? 11  CYS A N   1 
ATOM   92   C  CA  . CYS A 1 11  ? 9.585   4.568   -7.896  1.00 30.81  ? 11  CYS A CA  1 
ATOM   93   C  C   . CYS A 1 11  ? 8.926   3.640   -8.916  1.00 30.56  ? 11  CYS A C   1 
ATOM   94   O  O   . CYS A 1 11  ? 9.594   3.167   -9.836  1.00 31.31  ? 11  CYS A O   1 
ATOM   95   C  CB  . CYS A 1 11  ? 10.542  3.768   -7.008  1.00 31.04  ? 11  CYS A CB  1 
ATOM   96   S  SG  . CYS A 1 11  ? 11.495  2.506   -7.884  1.00 38.47  ? 11  CYS A SG  1 
ATOM   97   N  N   . THR A 1 12  ? 7.630   3.370   -8.768  1.00 28.71  ? 12  THR A N   1 
ATOM   98   C  CA  . THR A 1 12  ? 6.979   2.440   -9.718  1.00 30.03  ? 12  THR A CA  1 
ATOM   99   C  C   . THR A 1 12  ? 5.927   3.141   -10.525 1.00 29.95  ? 12  THR A C   1 
ATOM   100  O  O   . THR A 1 12  ? 5.612   2.655   -11.603 1.00 30.90  ? 12  THR A O   1 
ATOM   101  C  CB  . THR A 1 12  ? 6.302   1.199   -9.088  1.00 29.97  ? 12  THR A CB  1 
ATOM   102  O  OG1 . THR A 1 12  ? 5.242   1.656   -8.226  1.00 31.92  ? 12  THR A OG1 1 
ATOM   103  C  CG2 . THR A 1 12  ? 7.344   0.359   -8.333  1.00 31.48  ? 12  THR A CG2 1 
ATOM   104  N  N   . VAL A 1 13  ? 5.404   4.244   -10.009 1.00 30.57  ? 13  VAL A N   1 
ATOM   105  C  CA  . VAL A 1 13  ? 4.421   5.089   -10.703 1.00 32.62  ? 13  VAL A CA  1 
ATOM   106  C  C   . VAL A 1 13  ? 4.888   6.550   -10.685 1.00 35.31  ? 13  VAL A C   1 
ATOM   107  O  O   . VAL A 1 13  ? 4.299   7.379   -9.999  1.00 33.38  ? 13  VAL A O   1 
ATOM   108  C  CB  . VAL A 1 13  ? 3.007   4.995   -10.047 1.00 32.92  ? 13  VAL A CB  1 
ATOM   109  C  CG1 . VAL A 1 13  ? 1.988   5.749   -10.881 1.00 34.25  ? 13  VAL A CG1 1 
ATOM   110  C  CG2 . VAL A 1 13  ? 2.561   3.571   -9.900  1.00 32.11  ? 13  VAL A CG2 1 
ATOM   111  N  N   . PRO A 1 14  ? 5.942   6.860   -11.432 1.00 38.53  ? 14  PRO A N   1 
ATOM   112  C  CA  . PRO A 1 14  ? 6.499   8.220   -11.447 1.00 41.57  ? 14  PRO A CA  1 
ATOM   113  C  C   . PRO A 1 14  ? 5.543   9.247   -12.055 1.00 43.61  ? 14  PRO A C   1 
ATOM   114  O  O   . PRO A 1 14  ? 5.616   10.432  -11.732 1.00 44.49  ? 14  PRO A O   1 
ATOM   115  C  CB  . PRO A 1 14  ? 7.742   8.074   -12.328 1.00 42.16  ? 14  PRO A CB  1 
ATOM   116  C  CG  . PRO A 1 14  ? 7.424   6.936   -13.232 1.00 39.75  ? 14  PRO A CG  1 
ATOM   117  C  CD  . PRO A 1 14  ? 6.598   5.982   -12.417 1.00 39.38  ? 14  PRO A CD  1 
ATOM   118  N  N   . SER A 1 15  ? 4.751   9.033   -13.088 1.00 46.06  ? 15  SER A N   1 
ATOM   119  C  CA  . SER A 1 15  ? 3.747   9.880   -13.721 1.00 48.30  ? 15  SER A CA  1 
ATOM   120  C  C   . SER A 1 15  ? 2.509   10.024  -12.842 1.00 48.55  ? 15  SER A C   1 
ATOM   121  O  O   . SER A 1 15  ? 1.402   9.680   -13.254 1.00 49.24  ? 15  SER A O   1 
ATOM   122  C  CB  . SER A 1 15  ? 3.358   9.317   -15.089 1.00 48.60  ? 15  SER A CB  1 
ATOM   123  O  OG  . SER A 1 15  ? 2.737   8.050   -14.962 1.00 52.16  ? 15  SER A OG  1 
ATOM   124  N  N   . ARG A 1 16  ? 2.531   10.233  -11.525 1.00 49.92  ? 17  ARG A N   1 
ATOM   125  C  CA  . ARG A 1 16  ? 1.377   10.390  -10.649 1.00 49.31  ? 17  ARG A CA  1 
ATOM   126  C  C   . ARG A 1 16  ? 1.797   10.580  -9.194  1.00 48.89  ? 17  ARG A C   1 
ATOM   127  O  O   . ARG A 1 16  ? 2.674   9.876   -8.694  1.00 49.29  ? 17  ARG A O   1 
ATOM   128  C  CB  . ARG A 1 16  ? 0.442   9.186   -10.773 1.00 50.12  ? 17  ARG A CB  1 
ATOM   129  C  CG  . ARG A 1 16  ? -0.545  9.283   -11.926 1.00 50.85  ? 17  ARG A CG  1 
ATOM   130  C  CD  . ARG A 1 16  ? -1.763  8.407   -11.685 1.00 49.65  ? 17  ARG A CD  1 
ATOM   131  N  NE  . ARG A 1 16  ? -2.638  8.354   -12.853 1.00 49.41  ? 17  ARG A NE  1 
ATOM   132  C  CZ  . ARG A 1 16  ? -3.811  8.973   -12.935 1.00 47.13  ? 17  ARG A CZ  1 
ATOM   133  N  NH1 . ARG A 1 16  ? -4.255  9.696   -11.916 1.00 45.46  ? 17  ARG A NH1 1 
ATOM   134  N  NH2 . ARG A 1 16  ? -4.541  8.869   -14.037 1.00 45.26  ? 17  ARG A NH2 1 
ATOM   135  N  N   . SER A 1 17  ? 1.163   11.535  -8.523  1.00 47.33  ? 18  SER A N   1 
ATOM   136  C  CA  . SER A 1 17  ? 1.447   11.809  -7.146  1.00 46.26  ? 18  SER A CA  1 
ATOM   137  C  C   . SER A 1 17  ? 0.956   10.606  -6.375  1.00 45.36  ? 18  SER A C   1 
ATOM   138  O  O   . SER A 1 17  ? -0.068  10.012  -6.741  1.00 46.22  ? 18  SER A O   1 
ATOM   139  C  CB  . SER A 1 17  ? 0.789   13.098  -6.685  1.00 46.21  ? 18  SER A CB  1 
ATOM   140  O  OG  . SER A 1 17  ? 0.990   13.285  -5.287  1.00 47.86  ? 18  SER A OG  1 
ATOM   141  N  N   . TRP A 1 18  ? 1.705   10.223  -5.356  1.00 43.38  ? 19  TRP A N   1 
ATOM   142  C  CA  . TRP A 1 18  ? 1.292   9.185   -4.455  1.00 42.47  ? 19  TRP A CA  1 
ATOM   143  C  C   . TRP A 1 18  ? -0.015  9.511   -3.729  1.00 40.83  ? 19  TRP A C   1 
ATOM   144  O  O   . TRP A 1 18  ? -0.678  8.584   -3.249  1.00 40.11  ? 19  TRP A O   1 
ATOM   145  C  CB  . TRP A 1 18  ? 2.406   8.915   -3.426  1.00 43.46  ? 19  TRP A CB  1 
ATOM   146  C  CG  . TRP A 1 18  ? 2.664   10.104  -2.532  1.00 46.98  ? 19  TRP A CG  1 
ATOM   147  C  CD1 . TRP A 1 18  ? 3.578   11.109  -2.753  1.00 51.32  ? 19  TRP A CD1 1 
ATOM   148  C  CD2 . TRP A 1 18  ? 1.997   10.438  -1.298  1.00 48.37  ? 19  TRP A CD2 1 
ATOM   149  N  NE1 . TRP A 1 18  ? 3.525   12.041  -1.729  1.00 52.26  ? 19  TRP A NE1 1 
ATOM   150  C  CE2 . TRP A 1 18  ? 2.560   11.662  -0.833  1.00 51.18  ? 19  TRP A CE2 1 
ATOM   151  C  CE3 . TRP A 1 18  ? 0.981   9.828   -0.546  1.00 48.31  ? 19  TRP A CE3 1 
ATOM   152  C  CZ2 . TRP A 1 18  ? 2.153   12.275  0.354   1.00 50.76  ? 19  TRP A CZ2 1 
ATOM   153  C  CZ3 . TRP A 1 18  ? 0.576   10.433  0.632   1.00 49.89  ? 19  TRP A CZ3 1 
ATOM   154  C  CH2 . TRP A 1 18  ? 1.163   11.656  1.071   1.00 52.13  ? 19  TRP A CH2 1 
ATOM   155  N  N   . ALA A 1 19  ? -0.388  10.797  -3.583  1.00 37.96  ? 20  ALA A N   1 
ATOM   156  C  CA  . ALA A 1 19  ? -1.639  11.160  -2.885  1.00 36.22  ? 20  ALA A CA  1 
ATOM   157  C  C   . ALA A 1 19  ? -2.888  10.621  -3.604  1.00 33.61  ? 20  ALA A C   1 
ATOM   158  O  O   . ALA A 1 19  ? -3.977  10.523  -3.017  1.00 32.79  ? 20  ALA A O   1 
ATOM   159  C  CB  . ALA A 1 19  ? -1.751  12.700  -2.696  1.00 37.10  ? 20  ALA A CB  1 
ATOM   160  N  N   . ASP A 1 20  ? -2.699  10.284  -4.877  1.00 32.27  ? 21  ASP A N   1 
ATOM   161  C  CA  . ASP A 1 20  ? -3.759  9.753   -5.747  1.00 30.99  ? 21  ASP A CA  1 
ATOM   162  C  C   . ASP A 1 20  ? -4.216  8.411   -5.230  1.00 29.02  ? 21  ASP A C   1 
ATOM   163  O  O   . ASP A 1 20  ? -5.315  7.939   -5.507  1.00 28.01  ? 21  ASP A O   1 
ATOM   164  C  CB  . ASP A 1 20  ? -3.285  9.645   -7.188  1.00 30.54  ? 21  ASP A CB  1 
ATOM   165  C  CG  . ASP A 1 20  ? -3.124  11.021  -7.841  1.00 36.75  ? 21  ASP A CG  1 
ATOM   166  O  OD1 . ASP A 1 20  ? -3.392  12.070  -7.182  1.00 38.88  ? 21  ASP A OD1 1 
ATOM   167  O  OD2 . ASP A 1 20  ? -2.739  11.055  -9.005  1.00 39.26  ? 21  ASP A OD2 1 
ATOM   168  N  N   . PHE A 1 21  ? -3.314  7.763   -4.519  1.00 27.17  ? 22  PHE A N   1 
ATOM   169  C  CA  . PHE A 1 21  ? -3.547  6.420   -4.022  1.00 26.08  ? 22  PHE A CA  1 
ATOM   170  C  C   . PHE A 1 21  ? -3.945  6.413   -2.566  1.00 26.25  ? 22  PHE A C   1 
ATOM   171  O  O   . PHE A 1 21  ? -4.147  5.328   -1.985  1.00 27.49  ? 22  PHE A O   1 
ATOM   172  C  CB  . PHE A 1 21  ? -2.269  5.545   -4.233  1.00 26.52  ? 22  PHE A CB  1 
ATOM   173  C  CG  . PHE A 1 21  ? -1.818  5.436   -5.681  1.00 27.12  ? 22  PHE A CG  1 
ATOM   174  C  CD1 . PHE A 1 21  ? -2.423  4.505   -6.549  1.00 28.21  ? 22  PHE A CD1 1 
ATOM   175  C  CD2 . PHE A 1 21  ? -0.800  6.252   -6.185  1.00 28.44  ? 22  PHE A CD2 1 
ATOM   176  C  CE1 . PHE A 1 21  ? -2.061  4.403   -7.891  1.00 29.19  ? 22  PHE A CE1 1 
ATOM   177  C  CE2 . PHE A 1 21  ? -0.429  6.147   -7.556  1.00 26.15  ? 22  PHE A CE2 1 
ATOM   178  C  CZ  . PHE A 1 21  ? -1.052  5.201   -8.390  1.00 28.24  ? 22  PHE A CZ  1 
ATOM   179  N  N   . ALA A 1 22  ? -3.998  7.590   -1.949  1.00 25.43  ? 23  ALA A N   1 
ATOM   180  C  CA  . ALA A 1 22  ? -4.179  7.691   -0.501  1.00 24.79  ? 23  ALA A CA  1 
ATOM   181  C  C   . ALA A 1 22  ? -5.649  7.606   -0.111  1.00 24.90  ? 23  ALA A C   1 
ATOM   182  O  O   . ALA A 1 22  ? -5.980  7.314   1.039   1.00 24.68  ? 23  ALA A O   1 
ATOM   183  C  CB  . ALA A 1 22  ? -3.340  8.835   0.056   1.00 26.71  ? 23  ALA A CB  1 
ATOM   184  N  N   . ASP A 1 23  ? -6.526  7.934   -1.052  1.00 25.28  ? 24  ASP A N   1 
ATOM   185  C  CA  . ASP A 1 23  ? -7.957  7.979   -0.785  1.00 24.81  ? 24  ASP A CA  1 
ATOM   186  C  C   . ASP A 1 23  ? -8.709  7.552   -2.033  1.00 23.64  ? 24  ASP A C   1 
ATOM   187  O  O   . ASP A 1 23  ? -9.291  8.376   -2.738  1.00 25.06  ? 24  ASP A O   1 
ATOM   188  C  CB  . ASP A 1 23  ? -8.384  9.386   -0.365  1.00 27.03  ? 24  ASP A CB  1 
ATOM   189  C  CG  . ASP A 1 23  ? -9.848  9.459   0.021   1.00 30.60  ? 24  ASP A CG  1 
ATOM   190  O  OD1 . ASP A 1 23  ? -10.527 8.412   -0.013  1.00 29.41  ? 24  ASP A OD1 1 
ATOM   191  O  OD2 . ASP A 1 23  ? -10.320 10.565  0.360   1.00 36.53  ? 24  ASP A OD2 1 
ATOM   192  N  N   . TYR A 1 24  ? -8.681  6.254   -2.300  1.00 21.23  ? 25  TYR A N   1 
ATOM   193  C  CA  . TYR A 1 24  ? -9.247  5.713   -3.512  1.00 19.07  ? 25  TYR A CA  1 
ATOM   194  C  C   . TYR A 1 24  ? -10.051 4.493   -3.227  1.00 19.57  ? 25  TYR A C   1 
ATOM   195  O  O   . TYR A 1 24  ? -9.647  3.597   -2.466  1.00 18.87  ? 25  TYR A O   1 
ATOM   196  C  CB  . TYR A 1 24  ? -8.154  5.427   -4.518  1.00 20.62  ? 25  TYR A CB  1 
ATOM   197  C  CG  . TYR A 1 24  ? -8.616  4.912   -5.924  1.00 20.36  ? 25  TYR A CG  1 
ATOM   198  C  CD1 . TYR A 1 24  ? -8.997  3.558   -6.147  1.00 21.01  ? 25  TYR A CD1 1 
ATOM   199  C  CD2 . TYR A 1 24  ? -8.601  5.796   -7.049  1.00 21.47  ? 25  TYR A CD2 1 
ATOM   200  C  CE1 . TYR A 1 24  ? -9.374  3.107   -7.441  1.00 23.69  ? 25  TYR A CE1 1 
ATOM   201  C  CE2 . TYR A 1 24  ? -8.973  5.377   -8.310  1.00 20.86  ? 25  TYR A CE2 1 
ATOM   202  C  CZ  . TYR A 1 24  ? -9.361  4.046   -8.496  1.00 23.36  ? 25  TYR A CZ  1 
ATOM   203  O  OH  . TYR A 1 24  ? -9.688  3.648   -9.755  1.00 27.45  ? 25  TYR A OH  1 
ATOM   204  N  N   . GLY A 1 25  ? -11.267 4.463   -3.773  1.00 18.62  ? 26  GLY A N   1 
ATOM   205  C  CA  . GLY A 1 25  ? -12.082 3.268   -3.636  1.00 19.30  ? 26  GLY A CA  1 
ATOM   206  C  C   . GLY A 1 25  ? -12.406 2.979   -2.187  1.00 18.29  ? 26  GLY A C   1 
ATOM   207  O  O   . GLY A 1 25  ? -12.416 3.882   -1.327  1.00 19.76  ? 26  GLY A O   1 
ATOM   208  N  N   . CYS A 1 26  ? -12.668 1.704   -1.900  1.00 19.02  ? 27  CYS A N   1 
ATOM   209  C  CA  . CYS A 1 26  ? -13.036 1.290   -0.542  1.00 18.98  ? 27  CYS A CA  1 
ATOM   210  C  C   . CYS A 1 26  ? -11.847 0.878   0.297   1.00 20.46  ? 27  CYS A C   1 
ATOM   211  O  O   . CYS A 1 26  ? -11.986 0.816   1.514   1.00 19.86  ? 27  CYS A O   1 
ATOM   212  C  CB  . CYS A 1 26  ? -14.045 0.127   -0.540  1.00 21.20  ? 27  CYS A CB  1 
ATOM   213  S  SG  . CYS A 1 26  ? -15.751 0.641   -1.090  1.00 20.22  ? 27  CYS A SG  1 
ATOM   214  N  N   . TYR A 1 27  ? -10.708 0.559   -0.338  1.00 19.04  ? 28  TYR A N   1 
ATOM   215  C  CA  . TYR A 1 27  ? -9.575  0.001   0.418   1.00 19.87  ? 28  TYR A CA  1 
ATOM   216  C  C   . TYR A 1 27  ? -8.278  0.850   0.428   1.00 20.49  ? 28  TYR A C   1 
ATOM   217  O  O   . TYR A 1 27  ? -7.460  0.658   1.297   1.00 21.99  ? 28  TYR A O   1 
ATOM   218  C  CB  . TYR A 1 27  ? -9.253  -1.406  -0.110  1.00 18.70  ? 28  TYR A CB  1 
ATOM   219  C  CG  . TYR A 1 27  ? -10.328 -2.403  0.333   1.00 20.85  ? 28  TYR A CG  1 
ATOM   220  C  CD1 . TYR A 1 27  ? -11.440 -2.631  -0.474  1.00 19.92  ? 28  TYR A CD1 1 
ATOM   221  C  CD2 . TYR A 1 27  ? -10.232 -3.061  1.548   1.00 20.52  ? 28  TYR A CD2 1 
ATOM   222  C  CE1 . TYR A 1 27  ? -12.494 -3.488  -0.022  1.00 22.24  ? 28  TYR A CE1 1 
ATOM   223  C  CE2 . TYR A 1 27  ? -11.211 -3.936  1.987   1.00 21.31  ? 28  TYR A CE2 1 
ATOM   224  C  CZ  . TYR A 1 27  ? -12.341 -4.149  1.194   1.00 24.91  ? 28  TYR A CZ  1 
ATOM   225  O  OH  . TYR A 1 27  ? -13.320 -5.024  1.608   1.00 26.16  ? 28  TYR A OH  1 
ATOM   226  N  N   . CYS A 1 28  ? -8.071  1.681   -0.585  1.00 19.13  ? 29  CYS A N   1 
ATOM   227  C  CA  . CYS A 1 28  ? -6.861  2.483   -0.700  1.00 21.15  ? 29  CYS A CA  1 
ATOM   228  C  C   . CYS A 1 28  ? -6.848  3.589   0.343   1.00 22.64  ? 29  CYS A C   1 
ATOM   229  O  O   . CYS A 1 28  ? -7.671  4.504   0.297   1.00 23.90  ? 29  CYS A O   1 
ATOM   230  C  CB  . CYS A 1 28  ? -6.746  3.083   -2.104  1.00 19.46  ? 29  CYS A CB  1 
ATOM   231  S  SG  . CYS A 1 28  ? -6.537  1.865   -3.422  1.00 18.84  ? 29  CYS A SG  1 
ATOM   232  N  N   . GLY A 1 29  ? -5.966  3.553   1.323   1.00 25.26  ? 30  GLY A N   1 
ATOM   233  C  CA  . GLY A 1 29  ? -5.907  4.564   2.385   1.00 28.38  ? 30  GLY A CA  1 
ATOM   234  C  C   . GLY A 1 29  ? -6.779  4.218   3.559   1.00 32.60  ? 30  GLY A C   1 
ATOM   235  O  O   . GLY A 1 29  ? -7.043  3.051   3.818   1.00 32.86  ? 30  GLY A O   1 
ATOM   236  N  N   . LYS A 1 30  ? -7.320  5.210   4.256   1.00 37.00  ? 31  LYS A N   1 
ATOM   237  C  CA  . LYS A 1 30  ? -8.343  4.909   5.300   1.00 41.65  ? 31  LYS A CA  1 
ATOM   238  C  C   . LYS A 1 30  ? -9.217  3.666   5.048   1.00 42.84  ? 31  LYS A C   1 
ATOM   239  O  O   . LYS A 1 30  ? -9.253  2.797   5.913   1.00 45.89  ? 31  LYS A O   1 
ATOM   240  C  CB  . LYS A 1 30  ? -9.260  6.107   5.676   1.00 41.99  ? 31  LYS A CB  1 
ATOM   241  C  CG  . LYS A 1 30  ? -9.836  5.980   7.135   1.00 46.60  ? 31  LYS A CG  1 
ATOM   242  C  CD  . LYS A 1 30  ? -10.875 7.076   7.544   1.00 48.24  ? 31  LYS A CD  1 
ATOM   243  C  CE  . LYS A 1 30  ? -11.238 6.984   9.046   1.00 47.02  ? 31  LYS A CE  1 
ATOM   244  N  NZ  . LYS A 1 30  ? -11.513 8.341   9.651   1.00 44.07  ? 31  LYS A NZ  1 
ATOM   245  N  N   . GLY A 1 31  ? -9.914  3.540   3.917   1.00 44.10  ? 32  GLY A N   1 
ATOM   246  C  CA  . GLY A 1 31  ? -10.931 2.453   3.813   1.00 43.52  ? 32  GLY A CA  1 
ATOM   247  C  C   . GLY A 1 31  ? -10.406 1.049   4.190   1.00 43.19  ? 32  GLY A C   1 
ATOM   248  O  O   . GLY A 1 31  ? -9.280  0.711   3.842   1.00 44.18  ? 32  GLY A O   1 
ATOM   249  N  N   . GLY A 1 32  ? -11.166 0.222   4.915   1.00 40.51  ? 33  GLY A N   1 
ATOM   250  C  CA  . GLY A 1 32  ? -10.880 -1.206  4.894   1.00 37.29  ? 33  GLY A CA  1 
ATOM   251  C  C   . GLY A 1 32  ? -12.145 -2.099  4.888   1.00 36.77  ? 33  GLY A C   1 
ATOM   252  O  O   . GLY A 1 32  ? -12.200 -3.007  5.698   1.00 37.51  ? 33  GLY A O   1 
ATOM   253  N  N   . SER A 1 33  ? -13.136 -1.910  3.986   1.00 34.56  ? 34  SER A N   1 
ATOM   254  C  CA  . SER A 1 33  ? -14.435 -2.691  4.015   1.00 32.40  ? 34  SER A CA  1 
ATOM   255  C  C   . SER A 1 33  ? -15.225 -2.670  2.721   1.00 31.41  ? 34  SER A C   1 
ATOM   256  O  O   . SER A 1 33  ? -14.965 -1.820  1.885   1.00 31.46  ? 34  SER A O   1 
ATOM   257  C  CB  . SER A 1 33  ? -15.378 -2.138  5.090   1.00 33.18  ? 34  SER A CB  1 
ATOM   258  O  OG  . SER A 1 33  ? -15.972 -0.914  4.614   1.00 35.21  ? 34  SER A OG  1 
ATOM   259  N  N   . GLY A 1 34  ? -16.182 -3.594  2.561   1.00 29.57  ? 35  GLY A N   1 
ATOM   260  C  CA  . GLY A 1 34  ? -17.155 -3.641  1.443   1.00 29.72  ? 35  GLY A CA  1 
ATOM   261  C  C   . GLY A 1 34  ? -16.565 -4.267  0.186   1.00 29.81  ? 35  GLY A C   1 
ATOM   262  O  O   . GLY A 1 34  ? -15.531 -4.934  0.264   1.00 29.51  ? 35  GLY A O   1 
ATOM   263  N  N   . THR A 1 35  ? -17.174 -3.997  -0.962  1.00 29.33  ? 36  THR A N   1 
ATOM   264  C  CA  . THR A 1 35  ? -16.743 -4.580  -2.249  1.00 30.53  ? 36  THR A CA  1 
ATOM   265  C  C   . THR A 1 35  ? -15.721 -3.665  -2.921  1.00 28.63  ? 36  THR A C   1 
ATOM   266  O  O   . THR A 1 35  ? -15.978 -2.472  -3.139  1.00 27.79  ? 36  THR A O   1 
ATOM   267  C  CB  . THR A 1 35  ? -17.940 -4.867  -3.243  1.00 32.47  ? 36  THR A CB  1 
ATOM   268  O  OG1 . THR A 1 35  ? -18.943 -5.617  -2.561  1.00 37.27  ? 36  THR A OG1 1 
ATOM   269  C  CG2 . THR A 1 35  ? -17.455 -5.707  -4.481  1.00 34.09  ? 36  THR A CG2 1 
ATOM   270  N  N   . PRO A 1 36  ? -14.521 -4.188  -3.184  1.00 26.13  ? 37  PRO A N   1 
ATOM   271  C  CA  . PRO A 1 36  ? -13.559 -3.347  -3.905  1.00 24.53  ? 37  PRO A CA  1 
ATOM   272  C  C   . PRO A 1 36  ? -14.160 -2.887  -5.235  1.00 25.44  ? 37  PRO A C   1 
ATOM   273  O  O   . PRO A 1 36  ? -14.842 -3.681  -5.957  1.00 24.90  ? 37  PRO A O   1 
ATOM   274  C  CB  . PRO A 1 36  ? -12.363 -4.289  -4.176  1.00 22.93  ? 37  PRO A CB  1 
ATOM   275  C  CG  . PRO A 1 36  ? -12.644 -5.560  -3.452  1.00 25.99  ? 37  PRO A CG  1 
ATOM   276  C  CD  . PRO A 1 36  ? -14.054 -5.573  -2.959  1.00 27.19  ? 37  PRO A CD  1 
ATOM   277  N  N   . VAL A 1 37  ? -13.948 -1.641  -5.578  1.00 25.06  ? 38  VAL A N   1 
ATOM   278  C  CA  . VAL A 1 37  ? -14.695 -1.075  -6.695  1.00 26.23  ? 38  VAL A CA  1 
ATOM   279  C  C   . VAL A 1 37  ? -14.091 -1.337  -8.047  1.00 27.31  ? 38  VAL A C   1 
ATOM   280  O  O   . VAL A 1 37  ? -14.766 -1.167  -9.051  1.00 28.23  ? 38  VAL A O   1 
ATOM   281  C  CB  . VAL A 1 37  ? -14.922 0.441   -6.536  1.00 27.11  ? 38  VAL A CB  1 
ATOM   282  C  CG1 . VAL A 1 37  ? -15.646 0.725   -5.273  1.00 27.95  ? 38  VAL A CG1 1 
ATOM   283  C  CG2 . VAL A 1 37  ? -13.596 1.209   -6.619  1.00 26.92  ? 38  VAL A CG2 1 
ATOM   284  N  N   . ASP A 1 38  ? -12.809 -1.715  -8.110  1.00 25.19  ? 39  ASP A N   1 
ATOM   285  C  CA  . ASP A 1 38  ? -12.107 -1.945  -9.363  1.00 25.89  ? 39  ASP A CA  1 
ATOM   286  C  C   . ASP A 1 38  ? -10.757 -2.601  -9.092  1.00 25.49  ? 39  ASP A C   1 
ATOM   287  O  O   . ASP A 1 38  ? -10.472 -2.995  -7.953  1.00 23.45  ? 39  ASP A O   1 
ATOM   288  C  CB  . ASP A 1 38  ? -11.925 -0.658  -10.229 1.00 25.63  ? 39  ASP A CB  1 
ATOM   289  C  CG  . ASP A 1 38  ? -10.995 0.342   -9.632  1.00 28.25  ? 39  ASP A CG  1 
ATOM   290  O  OD1 . ASP A 1 38  ? -10.347 0.064   -8.584  1.00 24.24  ? 39  ASP A OD1 1 
ATOM   291  O  OD2 . ASP A 1 38  ? -10.901 1.464   -10.206 1.00 23.81  ? 39  ASP A OD2 1 
ATOM   292  N  N   . ASP A 1 39  ? -9.947  -2.759  -10.147 1.00 25.62  ? 40  ASP A N   1 
ATOM   293  C  CA  . ASP A 1 39  ? -8.648  -3.450  -10.011 1.00 26.49  ? 40  ASP A CA  1 
ATOM   294  C  C   . ASP A 1 39  ? -7.662  -2.810  -9.034  1.00 23.97  ? 40  ASP A C   1 
ATOM   295  O  O   . ASP A 1 39  ? -6.955  -3.538  -8.278  1.00 23.90  ? 40  ASP A O   1 
ATOM   296  C  CB  . ASP A 1 39  ? -7.933  -3.587  -11.344 1.00 27.05  ? 40  ASP A CB  1 
ATOM   297  C  CG  . ASP A 1 39  ? -8.520  -4.694  -12.204 1.00 37.42  ? 40  ASP A CG  1 
ATOM   298  O  OD1 . ASP A 1 39  ? -8.307  -5.900  -11.909 1.00 45.69  ? 40  ASP A OD1 1 
ATOM   299  O  OD2 . ASP A 1 39  ? -9.187  -4.365  -13.207 1.00 45.90  ? 40  ASP A OD2 1 
ATOM   300  N  N   . LEU A 1 40  ? -7.549  -1.493  -9.121  1.00 22.73  ? 41  LEU A N   1 
ATOM   301  C  CA  . LEU A 1 40  ? -6.709  -0.766  -8.227  1.00 22.42  ? 41  LEU A CA  1 
ATOM   302  C  C   . LEU A 1 40  ? -7.182  -0.918  -6.797  1.00 22.36  ? 41  LEU A C   1 
ATOM   303  O  O   . LEU A 1 40  ? -6.352  -1.158  -5.902  1.00 22.21  ? 41  LEU A O   1 
ATOM   304  C  CB  . LEU A 1 40  ? -6.574  0.715   -8.633  1.00 22.78  ? 41  LEU A CB  1 
ATOM   305  C  CG  . LEU A 1 40  ? -5.757  1.631   -7.711  1.00 22.87  ? 41  LEU A CG  1 
ATOM   306  C  CD1 . LEU A 1 40  ? -4.315  1.116   -7.589  1.00 25.52  ? 41  LEU A CD1 1 
ATOM   307  C  CD2 . LEU A 1 40  ? -5.735  3.071   -8.309  1.00 25.05  ? 41  LEU A CD2 1 
ATOM   308  N  N   . ASP A 1 41  ? -8.495  -0.852  -6.546  1.00 20.60  ? 42  ASP A N   1 
ATOM   309  C  CA  . ASP A 1 41  ? -8.997  -1.132  -5.192  1.00 18.62  ? 42  ASP A CA  1 
ATOM   310  C  C   . ASP A 1 41  ? -8.679  -2.533  -4.708  1.00 18.01  ? 42  ASP A C   1 
ATOM   311  O  O   . ASP A 1 41  ? -8.429  -2.706  -3.504  1.00 17.88  ? 42  ASP A O   1 
ATOM   312  C  CB  . ASP A 1 41  ? -10.532 -0.903  -5.113  1.00 18.07  ? 42  ASP A CB  1 
ATOM   313  C  CG  . ASP A 1 41  ? -11.025 -0.341  -3.795  1.00 22.29  ? 42  ASP A CG  1 
ATOM   314  O  OD1 . ASP A 1 41  ? -10.229 0.174   -2.918  1.00 18.63  ? 42  ASP A OD1 1 
ATOM   315  O  OD2 . ASP A 1 41  ? -12.291 -0.342  -3.637  1.00 19.94  ? 42  ASP A OD2 1 
ATOM   316  N  N   . ARG A 1 42  ? -8.716  -3.524  -5.603  1.00 18.75  ? 43  ARG A N   1 
ATOM   317  C  CA  . ARG A 1 42  ? -8.327  -4.891  -5.283  1.00 18.56  ? 43  ARG A CA  1 
ATOM   318  C  C   . ARG A 1 42  ? -6.833  -4.938  -4.855  1.00 18.09  ? 43  ARG A C   1 
ATOM   319  O  O   . ARG A 1 42  ? -6.536  -5.661  -3.943  1.00 20.30  ? 43  ARG A O   1 
ATOM   320  C  CB  . ARG A 1 42  ? -8.586  -5.861  -6.428  1.00 19.84  ? 43  ARG A CB  1 
ATOM   321  C  CG  . ARG A 1 42  ? -10.109 -6.050  -6.611  1.00 23.08  ? 43  ARG A CG  1 
ATOM   322  C  CD  . ARG A 1 42  ? -10.571 -7.148  -7.543  1.00 34.07  ? 43  ARG A CD  1 
ATOM   323  N  NE  . ARG A 1 42  ? -12.034 -7.322  -7.476  1.00 36.11  ? 43  ARG A NE  1 
ATOM   324  C  CZ  . ARG A 1 42  ? -12.707 -8.062  -6.565  1.00 36.15  ? 43  ARG A CZ  1 
ATOM   325  N  NH1 . ARG A 1 42  ? -12.101 -8.759  -5.604  1.00 31.33  ? 43  ARG A NH1 1 
ATOM   326  N  NH2 . ARG A 1 42  ? -14.022 -8.109  -6.624  1.00 37.57  ? 43  ARG A NH2 1 
ATOM   327  N  N   . CYS A 1 43  ? -5.969  -4.171  -5.477  1.00 19.57  ? 44  CYS A N   1 
ATOM   328  C  CA  . CYS A 1 43  ? -4.539  -4.092  -5.072  1.00 17.65  ? 44  CYS A CA  1 
ATOM   329  C  C   . CYS A 1 43  ? -4.512  -3.638  -3.653  1.00 18.51  ? 44  CYS A C   1 
ATOM   330  O  O   . CYS A 1 43  ? -3.753  -4.168  -2.824  1.00 17.27  ? 44  CYS A O   1 
ATOM   331  C  CB  . CYS A 1 43  ? -3.794  -3.033  -5.871  1.00 20.98  ? 44  CYS A CB  1 
ATOM   332  S  SG  . CYS A 1 43  ? -3.548  -3.357  -7.590  1.00 22.15  ? 44  CYS A SG  1 
ATOM   333  N  N   . CYS A 1 44  ? -5.380  -2.680  -3.364  1.00 14.97  ? 45  CYS A N   1 
ATOM   334  C  CA  . CYS A 1 44  ? -5.351  -2.088  -2.017  1.00 16.42  ? 45  CYS A CA  1 
ATOM   335  C  C   . CYS A 1 44  ? -5.956  -2.970  -0.931  1.00 15.98  ? 45  CYS A C   1 
ATOM   336  O  O   . CYS A 1 44  ? -5.534  -2.919  0.231   1.00 15.04  ? 45  CYS A O   1 
ATOM   337  C  CB  . CYS A 1 44  ? -6.131  -0.749  -2.015  1.00 15.11  ? 45  CYS A CB  1 
ATOM   338  S  SG  . CYS A 1 44  ? -5.093  0.458   -2.975  1.00 19.84  ? 45  CYS A SG  1 
ATOM   339  N  N   . GLN A 1 45  ? -6.924  -3.820  -1.312  1.00 15.82  ? 46  GLN A N   1 
ATOM   340  C  CA  . GLN A 1 45  ? -7.545  -4.743  -0.382  1.00 15.38  ? 46  GLN A CA  1 
ATOM   341  C  C   . GLN A 1 45  ? -6.484  -5.861  -0.020  1.00 14.55  ? 46  GLN A C   1 
ATOM   342  O  O   . GLN A 1 45  ? -6.362  -6.253  1.161   1.00 17.24  ? 46  GLN A O   1 
ATOM   343  C  CB  . GLN A 1 45  ? -8.777  -5.442  -1.062  1.00 16.01  ? 46  GLN A CB  1 
ATOM   344  C  CG  . GLN A 1 45  ? -9.500  -6.374  -0.125  1.00 17.63  ? 46  GLN A CG  1 
ATOM   345  C  CD  . GLN A 1 45  ? -10.550 -7.220  -0.845  1.00 23.98  ? 46  GLN A CD  1 
ATOM   346  O  OE1 . GLN A 1 45  ? -10.324 -7.663  -1.970  1.00 29.98  ? 46  GLN A OE1 1 
ATOM   347  N  NE2 . GLN A 1 45  ? -11.728 -7.380  -0.226  1.00 25.66  ? 46  GLN A NE2 1 
ATOM   348  N  N   . THR A 1 46  ? -5.748  -6.339  -1.015  1.00 14.70  ? 47  THR A N   1 
ATOM   349  C  CA  . THR A 1 46  ? -4.753  -7.421  -0.762  1.00 15.60  ? 47  THR A CA  1 
ATOM   350  C  C   . THR A 1 46  ? -3.703  -6.797  0.175   1.00 14.47  ? 47  THR A C   1 
ATOM   351  O  O   . THR A 1 46  ? -3.260  -7.417  1.152   1.00 14.10  ? 47  THR A O   1 
ATOM   352  C  CB  . THR A 1 46  ? -4.116  -7.927  -2.028  1.00 17.74  ? 47  THR A CB  1 
ATOM   353  O  OG1 . THR A 1 46  ? -5.122  -8.702  -2.760  1.00 28.39  ? 47  THR A OG1 1 
ATOM   354  C  CG2 . THR A 1 46  ? -2.961  -8.946  -1.667  1.00 20.27  ? 47  THR A CG2 1 
ATOM   355  N  N   . HIS A 1 47  ? -3.315  -5.567  -0.120  1.00 14.05  ? 48  HIS A N   1 
ATOM   356  C  CA  . HIS A 1 47  ? -2.301  -4.854  0.749   1.00 14.58  ? 48  HIS A CA  1 
ATOM   357  C  C   . HIS A 1 47  ? -2.803  -4.699  2.165   1.00 14.81  ? 48  HIS A C   1 
ATOM   358  O  O   . HIS A 1 47  ? -2.076  -4.985  3.124   1.00 14.53  ? 48  HIS A O   1 
ATOM   359  C  CB  . HIS A 1 47  ? -1.996  -3.518  0.120   1.00 16.91  ? 48  HIS A CB  1 
ATOM   360  C  CG  . HIS A 1 47  ? -0.896  -2.786  0.817   1.00 18.01  ? 48  HIS A CG  1 
ATOM   361  N  ND1 . HIS A 1 47  ? -1.112  -1.625  1.547   1.00 21.81  ? 48  HIS A ND1 1 
ATOM   362  C  CD2 . HIS A 1 47  ? 0.410   -3.096  0.966   1.00 16.17  ? 48  HIS A CD2 1 
ATOM   363  C  CE1 . HIS A 1 47  ? 0.039   -1.218  2.063   1.00 21.12  ? 48  HIS A CE1 1 
ATOM   364  N  NE2 . HIS A 1 47  ? 0.989   -2.068  1.692   1.00 16.24  ? 48  HIS A NE2 1 
ATOM   365  N  N   . ASP A 1 48  ? -4.049  -4.246  2.345   1.00 14.80  ? 49  ASP A N   1 
ATOM   366  C  CA  . ASP A 1 48  ? -4.611  -4.161  3.683   1.00 15.18  ? 49  ASP A CA  1 
ATOM   367  C  C   . ASP A 1 48  ? -4.652  -5.521  4.444   1.00 14.55  ? 49  ASP A C   1 
ATOM   368  O  O   . ASP A 1 48  ? -4.349  -5.605  5.623   1.00 14.14  ? 49  ASP A O   1 
ATOM   369  C  CB  . ASP A 1 48  ? -6.054  -3.625  3.605   1.00 16.12  ? 49  ASP A CB  1 
ATOM   370  C  CG  . ASP A 1 48  ? -6.137  -2.187  3.087   1.00 22.25  ? 49  ASP A CG  1 
ATOM   371  O  OD1 . ASP A 1 48  ? -5.131  -1.431  3.078   1.00 19.95  ? 49  ASP A OD1 1 
ATOM   372  O  OD2 . ASP A 1 48  ? -7.243  -1.808  2.679   1.00 25.57  ? 49  ASP A OD2 1 
ATOM   373  N  N   . ASN A 1 49  ? -5.085  -6.576  3.776   1.00 14.07  ? 50  ASN A N   1 
ATOM   374  C  CA  . ASN A 1 49  ? -5.086  -7.921  4.390   1.00 14.82  ? 50  ASN A CA  1 
ATOM   375  C  C   . ASN A 1 49  ? -3.659  -8.401  4.691   1.00 13.01  ? 50  ASN A C   1 
ATOM   376  O  O   . ASN A 1 49  ? -3.452  -9.040  5.717   1.00 13.85  ? 50  ASN A O   1 
ATOM   377  C  CB  . ASN A 1 49  ? -5.689  -8.925  3.402   1.00 14.50  ? 50  ASN A CB  1 
ATOM   378  C  CG  . ASN A 1 49  ? -7.227  -8.787  3.242   1.00 18.74  ? 50  ASN A CG  1 
ATOM   379  O  OD1 . ASN A 1 49  ? -7.903  -7.887  3.806   1.00 23.63  ? 50  ASN A OD1 1 
ATOM   380  N  ND2 . ASN A 1 49  ? -7.756  -9.636  2.432   1.00 18.10  ? 50  ASN A ND2 1 
ATOM   381  N  N   . CYS A 1 50  ? -2.721  -8.065  3.810   1.00 12.65  ? 51  CYS A N   1 
ATOM   382  C  CA  . CYS A 1 50  ? -1.316  -8.371  4.019   1.00 14.65  ? 51  CYS A CA  1 
ATOM   383  C  C   . CYS A 1 50  ? -0.846  -7.771  5.336   1.00 13.61  ? 51  CYS A C   1 
ATOM   384  O  O   . CYS A 1 50  ? -0.222  -8.455  6.148   1.00 14.49  ? 51  CYS A O   1 
ATOM   385  C  CB  . CYS A 1 50  ? -0.471  -7.830  2.864   1.00 15.04  ? 51  CYS A CB  1 
ATOM   386  S  SG  . CYS A 1 50  ? 1.145   -8.621  2.686   1.00 16.53  ? 51  CYS A SG  1 
ATOM   387  N  N   . TYR A 1 51  ? -1.152  -6.494  5.555   1.00 14.81  ? 52  TYR A N   1 
ATOM   388  C  CA  . TYR A 1 51  ? -0.791  -5.850  6.849   1.00 13.83  ? 52  TYR A CA  1 
ATOM   389  C  C   . TYR A 1 51  ? -1.411  -6.484  8.031   1.00 15.29  ? 52  TYR A C   1 
ATOM   390  O  O   . TYR A 1 51  ? -0.792  -6.570  9.085   1.00 14.72  ? 52  TYR A O   1 
ATOM   391  C  CB  . TYR A 1 51  ? -1.187  -4.399  6.830   1.00 14.10  ? 52  TYR A CB  1 
ATOM   392  C  CG  . TYR A 1 51  ? -0.147  -3.421  6.221   1.00 14.26  ? 52  TYR A CG  1 
ATOM   393  C  CD1 . TYR A 1 51  ? 0.924   -3.862  5.410   1.00 15.32  ? 52  TYR A CD1 1 
ATOM   394  C  CD2 . TYR A 1 51  ? -0.267  -2.038  6.466   1.00 16.84  ? 52  TYR A CD2 1 
ATOM   395  C  CE1 . TYR A 1 51  ? 1.851   -2.958  4.833   1.00 13.58  ? 52  TYR A CE1 1 
ATOM   396  C  CE2 . TYR A 1 51  ? 0.659   -1.134  5.857   1.00 19.58  ? 52  TYR A CE2 1 
ATOM   397  C  CZ  . TYR A 1 51  ? 1.690   -1.580  5.095   1.00 18.30  ? 52  TYR A CZ  1 
ATOM   398  O  OH  . TYR A 1 51  ? 2.529   -0.585  4.588   1.00 18.06  ? 52  TYR A OH  1 
ATOM   399  N  N   . ASN A 1 52  ? -2.676  -6.903  7.887   1.00 15.23  ? 53  ASN A N   1 
ATOM   400  C  CA  . ASN A 1 52  ? -3.344  -7.518  8.988   1.00 16.74  ? 53  ASN A CA  1 
ATOM   401  C  C   . ASN A 1 52  ? -2.663  -8.804  9.398   1.00 16.56  ? 53  ASN A C   1 
ATOM   402  O  O   . ASN A 1 52  ? -2.532  -9.126  10.601  1.00 17.66  ? 53  ASN A O   1 
ATOM   403  C  CB  . ASN A 1 52  ? -4.821  -7.778  8.610   1.00 16.54  ? 53  ASN A CB  1 
ATOM   404  C  CG  . ASN A 1 52  ? -5.673  -6.533  8.743   1.00 24.17  ? 53  ASN A CG  1 
ATOM   405  O  OD1 . ASN A 1 52  ? -5.268  -5.538  9.319   1.00 23.80  ? 53  ASN A OD1 1 
ATOM   406  N  ND2 . ASN A 1 52  ? -6.833  -6.567  8.164   1.00 24.94  ? 53  ASN A ND2 1 
ATOM   407  N  N   . GLU A 1 53  ? -2.164  -9.517  8.404   1.00 15.62  ? 54  GLU A N   1 
ATOM   408  C  CA  . GLU A 1 53  ? -1.396  -10.740 8.687   1.00 17.05  ? 54  GLU A CA  1 
ATOM   409  C  C   . GLU A 1 53  ? -0.094  -10.464 9.290   1.00 17.86  ? 54  GLU A C   1 
ATOM   410  O  O   . GLU A 1 53  ? 0.304   -11.151 10.232  1.00 17.73  ? 54  GLU A O   1 
ATOM   411  C  CB  . GLU A 1 53  ? -1.159  -11.539 7.426   1.00 18.81  ? 54  GLU A CB  1 
ATOM   412  C  CG  . GLU A 1 53  ? -2.362  -12.198 6.950   1.00 24.50  ? 54  GLU A CG  1 
ATOM   413  C  CD  . GLU A 1 53  ? -2.801  -13.414 7.830   1.00 26.30  ? 54  GLU A CD  1 
ATOM   414  O  OE1 . GLU A 1 53  ? -1.966  -14.142 8.378   1.00 27.88  ? 54  GLU A OE1 1 
ATOM   415  O  OE2 . GLU A 1 53  ? -4.010  -13.596 7.854   1.00 33.07  ? 54  GLU A OE2 1 
ATOM   416  N  N   . ALA A 1 54  ? 0.586   -9.441  8.806   1.00 17.39  ? 55  ALA A N   1 
ATOM   417  C  CA  . ALA A 1 54  ? 1.886   -9.117  9.387   1.00 18.16  ? 55  ALA A CA  1 
ATOM   418  C  C   . ALA A 1 54  ? 1.782   -8.701  10.841  1.00 19.63  ? 55  ALA A C   1 
ATOM   419  O  O   . ALA A 1 54  ? 2.711   -8.933  11.604  1.00 18.85  ? 55  ALA A O   1 
ATOM   420  C  CB  . ALA A 1 54  ? 2.578   -7.989  8.568   1.00 17.30  ? 55  ALA A CB  1 
ATOM   421  N  N   . GLU A 1 55  ? 0.687   -8.066  11.206  1.00 18.34  ? 56  GLU A N   1 
ATOM   422  C  CA  . GLU A 1 55  ? 0.409   -7.622  12.557  1.00 21.14  ? 56  GLU A CA  1 
ATOM   423  C  C   . GLU A 1 55  ? 0.282   -8.737  13.577  1.00 20.97  ? 56  GLU A C   1 
ATOM   424  O  O   . GLU A 1 55  ? 0.379   -8.478  14.795  1.00 22.56  ? 56  GLU A O   1 
ATOM   425  C  CB  . GLU A 1 55  ? -0.880  -6.857  12.548  1.00 23.62  ? 56  GLU A CB  1 
ATOM   426  C  CG  . GLU A 1 55  ? -0.682  -5.440  12.214  1.00 27.30  ? 56  GLU A CG  1 
ATOM   427  C  CD  . GLU A 1 55  ? -1.871  -4.790  11.513  1.00 40.21  ? 56  GLU A CD  1 
ATOM   428  O  OE1 . GLU A 1 55  ? -3.058  -5.130  11.849  1.00 45.14  ? 56  GLU A OE1 1 
ATOM   429  O  OE2 . GLU A 1 55  ? -1.605  -3.912  10.621  1.00 42.52  ? 56  GLU A OE2 1 
ATOM   430  N  N   . ASN A 1 56  ? 0.162   -9.969  13.116  1.00 20.98  ? 57  ASN A N   1 
ATOM   431  C  CA  . ASN A 1 56  ? 0.127   -11.149 13.988  1.00 21.75  ? 57  ASN A CA  1 
ATOM   432  C  C   . ASN A 1 56  ? 1.543   -11.475 14.501  1.00 22.95  ? 57  ASN A C   1 
ATOM   433  O  O   . ASN A 1 56  ? 1.702   -12.250 15.462  1.00 23.67  ? 57  ASN A O   1 
ATOM   434  C  CB  . ASN A 1 56  ? -0.411  -12.382 13.259  1.00 21.85  ? 57  ASN A CB  1 
ATOM   435  C  CG  . ASN A 1 56  ? -1.910  -12.296 12.959  1.00 28.86  ? 57  ASN A CG  1 
ATOM   436  O  OD1 . ASN A 1 56  ? -2.575  -11.348 13.354  1.00 41.57  ? 57  ASN A OD1 1 
ATOM   437  N  ND2 . ASN A 1 56  ? -2.446  -13.300 12.251  1.00 35.92  ? 57  ASN A ND2 1 
ATOM   438  N  N   . ILE A 1 57  ? 2.568   -10.896 13.885  1.00 20.61  ? 58  ILE A N   1 
ATOM   439  C  CA  . ILE A 1 57  ? 3.962   -11.139 14.341  1.00 19.64  ? 58  ILE A CA  1 
ATOM   440  C  C   . ILE A 1 57  ? 4.190   -10.242 15.545  1.00 19.98  ? 58  ILE A C   1 
ATOM   441  O  O   . ILE A 1 57  ? 3.848   -9.103  15.534  1.00 16.57  ? 58  ILE A O   1 
ATOM   442  C  CB  . ILE A 1 57  ? 5.027   -10.887 13.251  1.00 20.80  ? 58  ILE A CB  1 
ATOM   443  C  CG1 . ILE A 1 57  ? 4.820   -11.775 11.995  1.00 20.51  ? 58  ILE A CG1 1 
ATOM   444  C  CG2 . ILE A 1 57  ? 6.483   -11.116 13.818  1.00 22.17  ? 58  ILE A CG2 1 
ATOM   445  C  CD1 . ILE A 1 57  ? 5.629   -11.207 10.737  1.00 21.30  ? 58  ILE A CD1 1 
ATOM   446  N  N   . SER A 1 58  ? 4.744   -10.798 16.640  1.00 22.22  ? 59  SER A N   1 
ATOM   447  C  CA  . SER A 1 58  ? 4.890   -10.041 17.858  1.00 23.56  ? 59  SER A CA  1 
ATOM   448  C  C   . SER A 1 58  ? 5.730   -8.798  17.680  1.00 21.77  ? 59  SER A C   1 
ATOM   449  O  O   . SER A 1 58  ? 6.822   -8.859  17.179  1.00 23.09  ? 59  SER A O   1 
ATOM   450  C  CB  . SER A 1 58  ? 5.535   -10.963 18.918  1.00 26.96  ? 59  SER A CB  1 
ATOM   451  O  OG  . SER A 1 58  ? 5.788   -10.173 20.076  1.00 34.04  ? 59  SER A OG  1 
ATOM   452  N  N   . GLY A 1 59  ? 5.194   -7.636  18.049  1.00 20.55  ? 60  GLY A N   1 
ATOM   453  C  CA  . GLY A 1 59  ? 5.926   -6.421  17.943  1.00 20.04  ? 60  GLY A CA  1 
ATOM   454  C  C   . GLY A 1 59  ? 6.001   -5.806  16.550  1.00 18.26  ? 60  GLY A C   1 
ATOM   455  O  O   . GLY A 1 59  ? 6.763   -4.883  16.348  1.00 20.81  ? 60  GLY A O   1 
ATOM   456  N  N   . CYS A 1 60  ? 5.233   -6.347  15.635  1.00 16.60  ? 61  CYS A N   1 
ATOM   457  C  CA  . CYS A 1 60  ? 5.246   -5.942  14.191  1.00 16.35  ? 61  CYS A CA  1 
ATOM   458  C  C   . CYS A 1 60  ? 4.126   -4.930  13.854  1.00 15.51  ? 61  CYS A C   1 
ATOM   459  O  O   . CYS A 1 60  ? 2.930   -5.293  13.903  1.00 17.81  ? 61  CYS A O   1 
ATOM   460  C  CB  . CYS A 1 60  ? 5.131   -7.208  13.336  1.00 15.03  ? 61  CYS A CB  1 
ATOM   461  S  SG  . CYS A 1 60  ? 5.598   -6.898  11.588  1.00 17.13  ? 61  CYS A SG  1 
ATOM   462  N  N   . ARG A 1 61  ? 4.527   -3.698  13.541  1.00 13.09  ? 62  ARG A N   1 
ATOM   463  C  CA  . ARG A 1 61  ? 3.618   -2.583  13.281  1.00 14.58  ? 62  ARG A CA  1 
ATOM   464  C  C   . ARG A 1 61  ? 3.922   -2.046  11.869  1.00 14.24  ? 62  ARG A C   1 
ATOM   465  O  O   . ARG A 1 61  ? 4.802   -1.226  11.682  1.00 14.57  ? 62  ARG A O   1 
ATOM   466  C  CB  . ARG A 1 61  ? 3.854   -1.491  14.336  1.00 15.61  ? 62  ARG A CB  1 
ATOM   467  C  CG  . ARG A 1 61  ? 3.746   -2.078  15.730  1.00 17.34  ? 62  ARG A CG  1 
ATOM   468  C  CD  . ARG A 1 61  ? 4.157   -1.070  16.812  1.00 24.31  ? 62  ARG A CD  1 
ATOM   469  N  NE  . ARG A 1 61  ? 5.594   -0.941  17.036  1.00 24.27  ? 62  ARG A NE  1 
ATOM   470  C  CZ  . ARG A 1 61  ? 6.230   -1.593  18.007  1.00 27.59  ? 62  ARG A CZ  1 
ATOM   471  N  NH1 . ARG A 1 61  ? 5.576   -2.458  18.814  1.00 25.87  ? 62  ARG A NH1 1 
ATOM   472  N  NH2 . ARG A 1 61  ? 7.517   -1.414  18.136  1.00 34.14  ? 62  ARG A NH2 1 
ATOM   473  N  N   . PRO A 1 62  ? 3.154   -2.497  10.864  1.00 15.71  ? 63  PRO A N   1 
ATOM   474  C  CA  . PRO A 1 62  ? 3.452   -2.255  9.457   1.00 16.85  ? 63  PRO A CA  1 
ATOM   475  C  C   . PRO A 1 62  ? 3.557   -0.812  9.079   1.00 16.90  ? 63  PRO A C   1 
ATOM   476  O  O   . PRO A 1 62  ? 4.368   -0.485  8.215   1.00 18.29  ? 63  PRO A O   1 
ATOM   477  C  CB  . PRO A 1 62  ? 2.259   -2.895  8.761   1.00 18.34  ? 63  PRO A CB  1 
ATOM   478  C  CG  . PRO A 1 62  ? 2.024   -4.102  9.611   1.00 18.05  ? 63  PRO A CG  1 
ATOM   479  C  CD  . PRO A 1 62  ? 2.109   -3.520  11.001  1.00 16.81  ? 63  PRO A CD  1 
ATOM   480  N  N   . TYR A 1 63  ? 2.782   0.086   9.729   1.00 17.32  ? 64  TYR A N   1 
ATOM   481  C  CA  . TYR A 1 63  ? 2.846   1.488   9.336   1.00 18.59  ? 64  TYR A CA  1 
ATOM   482  C  C   . TYR A 1 63  ? 4.163   2.107   9.781   1.00 16.63  ? 64  TYR A C   1 
ATOM   483  O  O   . TYR A 1 63  ? 4.628   3.109   9.200   1.00 18.98  ? 64  TYR A O   1 
ATOM   484  C  CB  . TYR A 1 63  ? 1.731   2.312   9.984   1.00 20.07  ? 64  TYR A CB  1 
ATOM   485  C  CG  . TYR A 1 63  ? 0.526   2.570   9.111   1.00 26.01  ? 64  TYR A CG  1 
ATOM   486  C  CD1 . TYR A 1 63  ? 0.022   1.612   8.262   1.00 31.20  ? 64  TYR A CD1 1 
ATOM   487  C  CD2 . TYR A 1 63  ? -0.215  3.757   9.286   1.00 34.16  ? 64  TYR A CD2 1 
ATOM   488  C  CE1 . TYR A 1 63  ? -1.112  1.851   7.466   1.00 37.67  ? 64  TYR A CE1 1 
ATOM   489  C  CE2 . TYR A 1 63  ? -1.384  4.001   8.522   1.00 39.50  ? 64  TYR A CE2 1 
ATOM   490  C  CZ  . TYR A 1 63  ? -1.800  3.030   7.613   1.00 40.58  ? 64  TYR A CZ  1 
ATOM   491  O  OH  . TYR A 1 63  ? -2.925  3.238   6.872   1.00 47.15  ? 64  TYR A OH  1 
ATOM   492  N  N   . PHE A 1 64  ? 4.762   1.533   10.830  1.00 16.26  ? 65  PHE A N   1 
ATOM   493  C  CA  . PHE A 1 64  ? 5.955   2.140   11.455  1.00 16.35  ? 65  PHE A CA  1 
ATOM   494  C  C   . PHE A 1 64  ? 7.251   1.389   11.298  1.00 16.44  ? 65  PHE A C   1 
ATOM   495  O  O   . PHE A 1 64  ? 8.298   1.990   11.463  1.00 18.43  ? 65  PHE A O   1 
ATOM   496  C  CB  . PHE A 1 64  ? 5.659   2.264   12.967  1.00 14.93  ? 65  PHE A CB  1 
ATOM   497  C  CG  . PHE A 1 64  ? 4.426   3.143   13.240  1.00 16.25  ? 65  PHE A CG  1 
ATOM   498  C  CD1 . PHE A 1 64  ? 4.544   4.506   13.213  1.00 21.16  ? 65  PHE A CD1 1 
ATOM   499  C  CD2 . PHE A 1 64  ? 3.188   2.559   13.506  1.00 16.88  ? 65  PHE A CD2 1 
ATOM   500  C  CE1 . PHE A 1 64  ? 3.428   5.330   13.406  1.00 22.58  ? 65  PHE A CE1 1 
ATOM   501  C  CE2 . PHE A 1 64  ? 2.034   3.382   13.695  1.00 19.31  ? 65  PHE A CE2 1 
ATOM   502  C  CZ  . PHE A 1 64  ? 2.172   4.770   13.656  1.00 20.64  ? 65  PHE A CZ  1 
ATOM   503  N  N   . LYS A 1 65  ? 7.189   0.117   10.915  1.00 16.24  ? 66  LYS A N   1 
ATOM   504  C  CA  . LYS A 1 65  ? 8.398   -0.703  10.859  1.00 15.83  ? 66  LYS A CA  1 
ATOM   505  C  C   . LYS A 1 65  ? 9.270   -0.279  9.672   1.00 17.14  ? 66  LYS A C   1 
ATOM   506  O  O   . LYS A 1 65  ? 8.784   -0.238  8.546   1.00 18.73  ? 66  LYS A O   1 
ATOM   507  C  CB  . LYS A 1 65  ? 8.053   -2.204  10.665  1.00 16.26  ? 66  LYS A CB  1 
ATOM   508  C  CG  . LYS A 1 65  ? 9.353   -3.052  10.505  1.00 17.69  ? 66  LYS A CG  1 
ATOM   509  C  CD  . LYS A 1 65  ? 10.066  -3.306  11.828  1.00 18.49  ? 66  LYS A CD  1 
ATOM   510  C  CE  . LYS A 1 65  ? 11.363  -4.038  11.606  1.00 22.88  ? 66  LYS A CE  1 
ATOM   511  N  NZ  . LYS A 1 65  ? 12.193  -3.884  12.831  1.00 25.18  ? 66  LYS A NZ  1 
ATOM   512  N  N   . THR A 1 66  ? 10.547  -0.001  9.929   1.00 16.77  ? 67  THR A N   1 
ATOM   513  C  CA  . THR A 1 66  ? 11.431  0.447   8.848   1.00 18.21  ? 67  THR A CA  1 
ATOM   514  C  C   . THR A 1 66  ? 12.067  -0.848  8.320   1.00 18.39  ? 67  THR A C   1 
ATOM   515  O  O   . THR A 1 66  ? 12.626  -1.614  9.100   1.00 21.05  ? 67  THR A O   1 
ATOM   516  C  CB  . THR A 1 66  ? 12.507  1.391   9.486   1.00 19.19  ? 67  THR A CB  1 
ATOM   517  O  OG1 . THR A 1 66  ? 11.800  2.545   9.900   1.00 21.94  ? 67  THR A OG1 1 
ATOM   518  C  CG2 . THR A 1 66  ? 13.460  1.817   8.434   1.00 21.35  ? 67  THR A CG2 1 
ATOM   519  N  N   . TYR A 1 67  ? 12.009  -1.106  7.024   1.00 17.77  ? 68  TYR A N   1 
ATOM   520  C  CA  . TYR A 1 67  ? 12.640  -2.255  6.466   1.00 16.76  ? 68  TYR A CA  1 
ATOM   521  C  C   . TYR A 1 67  ? 13.750  -1.813  5.516   1.00 17.01  ? 68  TYR A C   1 
ATOM   522  O  O   . TYR A 1 67  ? 14.022  -0.609  5.350   1.00 19.82  ? 68  TYR A O   1 
ATOM   523  C  CB  . TYR A 1 67  ? 11.620  -3.110  5.693   1.00 16.58  ? 68  TYR A CB  1 
ATOM   524  C  CG  . TYR A 1 67  ? 10.651  -2.293  4.811   1.00 15.59  ? 68  TYR A CG  1 
ATOM   525  C  CD1 . TYR A 1 67  ? 11.098  -1.723  3.596   1.00 16.79  ? 68  TYR A CD1 1 
ATOM   526  C  CD2 . TYR A 1 67  ? 9.265   -2.178  5.157   1.00 16.11  ? 68  TYR A CD2 1 
ATOM   527  C  CE1 . TYR A 1 67  ? 10.200  -0.966  2.791   1.00 17.69  ? 68  TYR A CE1 1 
ATOM   528  C  CE2 . TYR A 1 67  ? 8.388   -1.511  4.360   1.00 14.98  ? 68  TYR A CE2 1 
ATOM   529  C  CZ  . TYR A 1 67  ? 8.851   -0.880  3.178   1.00 19.23  ? 68  TYR A CZ  1 
ATOM   530  O  OH  . TYR A 1 67  ? 7.989   -0.201  2.342   1.00 15.85  ? 68  TYR A OH  1 
ATOM   531  N  N   . SER A 1 68  ? 14.402  -2.803  4.927   1.00 18.13  ? 69  SER A N   1 
ATOM   532  C  CA  . SER A 1 68  ? 15.531  -2.495  4.000   1.00 19.85  ? 69  SER A CA  1 
ATOM   533  C  C   . SER A 1 68  ? 15.079  -2.806  2.570   1.00 17.70  ? 69  SER A C   1 
ATOM   534  O  O   . SER A 1 68  ? 14.732  -3.947  2.292   1.00 17.77  ? 69  SER A O   1 
ATOM   535  C  CB  . SER A 1 68  ? 16.774  -3.375  4.382   1.00 20.25  ? 69  SER A CB  1 
ATOM   536  O  OG  . SER A 1 68  ? 17.846  -3.108  3.491   1.00 27.82  ? 69  SER A OG  1 
ATOM   537  N  N   . TYR A 1 69  ? 15.177  -1.840  1.631   1.00 18.05  ? 70  TYR A N   1 
ATOM   538  C  CA  . TYR A 1 69  ? 14.732  -2.134  0.228   1.00 16.80  ? 70  TYR A CA  1 
ATOM   539  C  C   . TYR A 1 69  ? 15.558  -1.249  -0.713  1.00 17.73  ? 70  TYR A C   1 
ATOM   540  O  O   . TYR A 1 69  ? 16.252  -0.342  -0.265  1.00 17.89  ? 70  TYR A O   1 
ATOM   541  C  CB  . TYR A 1 69  ? 13.189  -1.907  0.054   1.00 16.60  ? 70  TYR A CB  1 
ATOM   542  C  CG  . TYR A 1 69  ? 12.809  -0.429  0.014   1.00 18.95  ? 70  TYR A CG  1 
ATOM   543  C  CD1 . TYR A 1 69  ? 12.908  0.372   1.184   1.00 18.29  ? 70  TYR A CD1 1 
ATOM   544  C  CD2 . TYR A 1 69  ? 12.435  0.194   -1.202  1.00 19.99  ? 70  TYR A CD2 1 
ATOM   545  C  CE1 . TYR A 1 69  ? 12.612  1.746   1.154   1.00 18.24  ? 70  TYR A CE1 1 
ATOM   546  C  CE2 . TYR A 1 69  ? 12.144  1.554   -1.236  1.00 22.54  ? 70  TYR A CE2 1 
ATOM   547  C  CZ  . TYR A 1 69  ? 12.231  2.320   -0.066  1.00 20.68  ? 70  TYR A CZ  1 
ATOM   548  O  OH  . TYR A 1 69  ? 11.973  3.672   -0.060  1.00 27.33  ? 70  TYR A OH  1 
ATOM   549  N  N   . GLU A 1 70  ? 15.450  -1.495  -2.010  1.00 18.33  ? 71  GLU A N   1 
ATOM   550  C  CA  . GLU A 1 70  ? 16.137  -0.670  -2.976  1.00 19.90  ? 71  GLU A CA  1 
ATOM   551  C  C   . GLU A 1 70  ? 15.182  -0.505  -4.129  1.00 20.09  ? 71  GLU A C   1 
ATOM   552  O  O   . GLU A 1 70  ? 14.420  -1.396  -4.492  1.00 19.74  ? 71  GLU A O   1 
ATOM   553  C  CB  . GLU A 1 70  ? 17.446  -1.399  -3.415  1.00 21.49  ? 71  GLU A CB  1 
ATOM   554  C  CG  . GLU A 1 70  ? 17.987  -0.826  -4.652  1.00 27.62  ? 71  GLU A CG  1 
ATOM   555  C  CD  . GLU A 1 70  ? 19.402  -1.212  -4.838  1.00 39.80  ? 71  GLU A CD  1 
ATOM   556  O  OE1 . GLU A 1 70  ? 19.897  -2.011  -3.987  1.00 40.62  ? 71  GLU A OE1 1 
ATOM   557  O  OE2 . GLU A 1 70  ? 19.992  -0.740  -5.852  1.00 43.86  ? 71  GLU A OE2 1 
ATOM   558  N  N   . CYS A 1 71  ? 15.246  0.667   -4.751  1.00 21.48  ? 72  CYS A N   1 
ATOM   559  C  CA  . CYS A 1 71  ? 14.492  0.943   -5.968  1.00 24.42  ? 72  CYS A CA  1 
ATOM   560  C  C   . CYS A 1 71  ? 15.429  1.596   -6.975  1.00 24.93  ? 72  CYS A C   1 
ATOM   561  O  O   . CYS A 1 71  ? 15.793  2.762   -6.823  1.00 25.05  ? 72  CYS A O   1 
ATOM   562  C  CB  . CYS A 1 71  ? 13.307  1.863   -5.672  1.00 27.21  ? 72  CYS A CB  1 
ATOM   563  S  SG  . CYS A 1 71  ? 11.715  1.245   -6.265  1.00 47.41  ? 72  CYS A SG  1 
ATOM   564  N  N   . THR A 1 72  ? 15.854  0.839   -7.980  1.00 25.23  ? 73  THR A N   1 
ATOM   565  C  CA  . THR A 1 72  ? 16.823  1.360   -8.933  1.00 27.47  ? 73  THR A CA  1 
ATOM   566  C  C   . THR A 1 72  ? 16.707  0.695   -10.296 1.00 24.70  ? 73  THR A C   1 
ATOM   567  O  O   . THR A 1 72  ? 16.572  -0.524  -10.399 1.00 25.52  ? 73  THR A O   1 
ATOM   568  C  CB  . THR A 1 72  ? 18.265  1.191   -8.418  1.00 28.02  ? 73  THR A CB  1 
ATOM   569  O  OG1 . THR A 1 72  ? 18.464  2.020   -7.266  1.00 40.32  ? 73  THR A OG1 1 
ATOM   570  C  CG2 . THR A 1 72  ? 19.266  1.580   -9.495  1.00 30.92  ? 73  THR A CG2 1 
ATOM   571  N  N   . GLN A 1 73  ? 16.764  1.512   -11.341 1.00 22.39  ? 74  GLN A N   1 
ATOM   572  C  CA  . GLN A 1 73  ? 16.719  0.994   -12.740 1.00 20.66  ? 74  GLN A CA  1 
ATOM   573  C  C   . GLN A 1 73  ? 15.538  0.098   -12.989 1.00 22.86  ? 74  GLN A C   1 
ATOM   574  O  O   . GLN A 1 73  ? 15.635  -0.985  -13.598 1.00 25.26  ? 74  GLN A O   1 
ATOM   575  C  CB  . GLN A 1 73  ? 18.007  0.276   -13.048 1.00 21.77  ? 74  GLN A CB  1 
ATOM   576  C  CG  . GLN A 1 73  ? 19.210  1.268   -13.144 1.00 23.34  ? 74  GLN A CG  1 
ATOM   577  C  CD  . GLN A 1 73  ? 20.549  0.616   -13.559 1.00 27.09  ? 74  GLN A CD  1 
ATOM   578  O  OE1 . GLN A 1 73  ? 21.554  1.317   -13.770 1.00 33.86  ? 74  GLN A OE1 1 
ATOM   579  N  NE2 . GLN A 1 73  ? 20.600  -0.665  -13.606 1.00 28.37  ? 74  GLN A NE2 1 
ATOM   580  N  N   . GLY A 1 74  ? 14.411  0.592   -12.510 1.00 23.38  ? 75  GLY A N   1 
ATOM   581  C  CA  . GLY A 1 74  ? 13.149  -0.017  -12.718 1.00 23.87  ? 75  GLY A CA  1 
ATOM   582  C  C   . GLY A 1 74  ? 12.845  -1.257  -11.904 1.00 23.38  ? 75  GLY A C   1 
ATOM   583  O  O   . GLY A 1 74  ? 11.860  -1.965  -12.217 1.00 25.08  ? 75  GLY A O   1 
ATOM   584  N  N   . THR A 1 75  ? 13.682  -1.585  -10.940 1.00 20.37  ? 76  THR A N   1 
ATOM   585  C  CA  . THR A 1 75  ? 13.553  -2.792  -10.166 1.00 21.36  ? 76  THR A CA  1 
ATOM   586  C  C   . THR A 1 75  ? 13.427  -2.455  -8.656  1.00 21.64  ? 76  THR A C   1 
ATOM   587  O  O   . THR A 1 75  ? 14.218  -1.704  -8.082  1.00 21.53  ? 76  THR A O   1 
ATOM   588  C  CB  . THR A 1 75  ? 14.726  -3.783  -10.427 1.00 23.72  ? 76  THR A CB  1 
ATOM   589  O  OG1 . THR A 1 75  ? 14.565  -4.418  -11.725 1.00 28.29  ? 76  THR A OG1 1 
ATOM   590  C  CG2 . THR A 1 75  ? 14.738  -4.885  -9.448  1.00 25.16  ? 76  THR A CG2 1 
ATOM   591  N  N   . LEU A 1 76  ? 12.420  -3.040  -8.035  1.00 20.55  ? 77  LEU A N   1 
ATOM   592  C  CA  . LEU A 1 76  ? 12.207  -2.852  -6.615  1.00 20.52  ? 77  LEU A CA  1 
ATOM   593  C  C   . LEU A 1 76  ? 12.493  -4.172  -5.909  1.00 21.49  ? 77  LEU A C   1 
ATOM   594  O  O   . LEU A 1 76  ? 11.878  -5.183  -6.274  1.00 22.31  ? 77  LEU A O   1 
ATOM   595  C  CB  . LEU A 1 76  ? 10.698  -2.520  -6.500  1.00 22.61  ? 77  LEU A CB  1 
ATOM   596  C  CG  . LEU A 1 76  ? 10.114  -2.141  -5.186  1.00 23.13  ? 77  LEU A CG  1 
ATOM   597  C  CD1 . LEU A 1 76  ? 10.889  -1.044  -4.503  1.00 25.24  ? 77  LEU A CD1 1 
ATOM   598  C  CD2 . LEU A 1 76  ? 8.591   -1.744  -5.427  1.00 23.41  ? 77  LEU A CD2 1 
ATOM   599  N  N   . THR A 1 77  ? 13.367  -4.166  -4.885  1.00 20.34  ? 78  THR A N   1 
ATOM   600  C  CA  . THR A 1 77  ? 13.832  -5.357  -4.186  1.00 22.82  ? 78  THR A CA  1 
ATOM   601  C  C   . THR A 1 77  ? 13.744  -5.139  -2.692  1.00 22.05  ? 78  THR A C   1 
ATOM   602  O  O   . THR A 1 77  ? 14.193  -4.105  -2.194  1.00 23.74  ? 78  THR A O   1 
ATOM   603  C  CB  . THR A 1 77  ? 15.340  -5.616  -4.464  1.00 24.28  ? 78  THR A CB  1 
ATOM   604  O  OG1 . THR A 1 77  ? 15.487  -5.784  -5.884  1.00 30.29  ? 78  THR A OG1 1 
ATOM   605  C  CG2 . THR A 1 77  ? 15.790  -6.895  -3.813  1.00 28.87  ? 78  THR A CG2 1 
ATOM   606  N  N   . CYS A 1 78  ? 13.199  -6.110  -1.982  1.00 19.51  ? 79  CYS A N   1 
ATOM   607  C  CA  . CYS A 1 78  ? 13.396  -6.140  -0.531  1.00 19.67  ? 79  CYS A CA  1 
ATOM   608  C  C   . CYS A 1 78  ? 14.704  -6.880  -0.240  1.00 21.74  ? 79  CYS A C   1 
ATOM   609  O  O   . CYS A 1 78  ? 14.927  -8.003  -0.762  1.00 21.26  ? 79  CYS A O   1 
ATOM   610  C  CB  . CYS A 1 78  ? 12.229  -6.874  0.154   1.00 19.71  ? 79  CYS A CB  1 
ATOM   611  S  SG  . CYS A 1 78  ? 10.704  -5.957  -0.040  1.00 17.51  ? 79  CYS A SG  1 
ATOM   612  N  N   . LYS A 1 79  ? 15.560  -6.286  0.571   1.00 22.36  ? 80  LYS A N   1 
ATOM   613  C  CA  . LYS A 1 79  ? 16.916  -6.842  0.830   1.00 28.14  ? 80  LYS A CA  1 
ATOM   614  C  C   . LYS A 1 79  ? 16.980  -7.928  1.884   1.00 30.71  ? 80  LYS A C   1 
ATOM   615  O  O   . LYS A 1 79  ? 16.021  -8.175  2.646   1.00 31.69  ? 80  LYS A O   1 
ATOM   616  C  CB  . LYS A 1 79  ? 17.799  -5.711  1.251   1.00 28.73  ? 80  LYS A CB  1 
ATOM   617  C  CG  . LYS A 1 79  ? 18.113  -4.784  0.104   1.00 33.47  ? 80  LYS A CG  1 
ATOM   618  C  CD  . LYS A 1 79  ? 19.141  -3.806  0.565   1.00 36.57  ? 80  LYS A CD  1 
ATOM   619  C  CE  . LYS A 1 79  ? 19.553  -2.876  -0.530  1.00 42.81  ? 80  LYS A CE  1 
ATOM   620  N  NZ  . LYS A 1 79  ? 20.582  -1.877  0.031   1.00 44.47  ? 80  LYS A NZ  1 
ATOM   621  N  N   . GLY A 1 80  ? 18.096  -8.645  1.942   1.00 31.58  ? 81  GLY A N   1 
ATOM   622  C  CA  . GLY A 1 80  ? 18.130  -9.812  2.846   1.00 33.86  ? 81  GLY A CA  1 
ATOM   623  C  C   . GLY A 1 80  ? 18.423  -9.505  4.318   1.00 34.64  ? 81  GLY A C   1 
ATOM   624  O  O   . GLY A 1 80  ? 18.341  -10.406 5.172   1.00 37.25  ? 81  GLY A O   1 
ATOM   625  N  N   . ASP A 1 81  ? 18.740  -8.266  4.669   1.00 33.62  ? 82  ASP A N   1 
ATOM   626  C  CA  . ASP A 1 81  ? 19.021  -8.008  6.106   1.00 35.12  ? 82  ASP A CA  1 
ATOM   627  C  C   . ASP A 1 81  ? 17.727  -7.814  6.956   1.00 33.41  ? 82  ASP A C   1 
ATOM   628  O  O   . ASP A 1 81  ? 17.792  -7.542  8.163   1.00 37.09  ? 82  ASP A O   1 
ATOM   629  C  CB  . ASP A 1 81  ? 19.940  -6.813  6.239   1.00 36.24  ? 82  ASP A CB  1 
ATOM   630  C  CG  . ASP A 1 81  ? 19.514  -5.686  5.360   1.00 40.07  ? 82  ASP A CG  1 
ATOM   631  O  OD1 . ASP A 1 81  ? 18.785  -5.944  4.376   1.00 43.02  ? 82  ASP A OD1 1 
ATOM   632  O  OD2 . ASP A 1 81  ? 19.899  -4.548  5.661   1.00 45.91  ? 82  ASP A OD2 1 
ATOM   633  N  N   . ASN A 1 82  ? 16.564  -7.995  6.351   1.00 28.72  ? 83  ASN A N   1 
ATOM   634  C  CA  . ASN A 1 82  ? 15.287  -7.795  7.066   1.00 25.46  ? 83  ASN A CA  1 
ATOM   635  C  C   . ASN A 1 82  ? 14.961  -8.960  8.000   1.00 24.38  ? 83  ASN A C   1 
ATOM   636  O  O   . ASN A 1 82  ? 15.131  -10.112 7.607   1.00 23.81  ? 83  ASN A O   1 
ATOM   637  C  CB  . ASN A 1 82  ? 14.120  -7.627  6.065   1.00 23.98  ? 83  ASN A CB  1 
ATOM   638  C  CG  . ASN A 1 82  ? 14.161  -6.290  5.336   1.00 22.14  ? 83  ASN A CG  1 
ATOM   639  O  OD1 . ASN A 1 82  ? 14.350  -5.251  5.953   1.00 20.61  ? 83  ASN A OD1 1 
ATOM   640  N  ND2 . ASN A 1 82  ? 14.045  -6.333  3.992   1.00 27.01  ? 83  ASN A ND2 1 
ATOM   641  N  N   . ASN A 1 83  ? 14.489  -8.664  9.220   1.00 23.22  ? 84  ASN A N   1 
ATOM   642  C  CA  . ASN A 1 83  ? 13.947  -9.716  10.108  1.00 21.98  ? 84  ASN A CA  1 
ATOM   643  C  C   . ASN A 1 83  ? 12.562  -10.139 9.605   1.00 21.85  ? 84  ASN A C   1 
ATOM   644  O  O   . ASN A 1 83  ? 12.090  -9.573  8.647   1.00 19.73  ? 84  ASN A O   1 
ATOM   645  C  CB  . ASN A 1 83  ? 13.979  -9.322  11.600  1.00 22.21  ? 84  ASN A CB  1 
ATOM   646  C  CG  . ASN A 1 83  ? 12.977  -8.212  11.995  1.00 24.86  ? 84  ASN A CG  1 
ATOM   647  O  OD1 . ASN A 1 83  ? 12.083  -7.870  11.256  1.00 20.63  ? 84  ASN A OD1 1 
ATOM   648  N  ND2 . ASN A 1 83  ? 13.157  -7.656  13.202  1.00 25.98  ? 84  ASN A ND2 1 
ATOM   649  N  N   . ALA A 1 84  ? 11.897  -11.059 10.288  1.00 20.21  ? 85  ALA A N   1 
ATOM   650  C  CA  . ALA A 1 84  ? 10.648  -11.642 9.809   1.00 19.55  ? 85  ALA A CA  1 
ATOM   651  C  C   . ALA A 1 84  ? 9.554   -10.572 9.657   1.00 19.35  ? 85  ALA A C   1 
ATOM   652  O  O   . ALA A 1 84  ? 8.880   -10.511 8.627   1.00 19.24  ? 85  ALA A O   1 
ATOM   653  C  CB  . ALA A 1 84  ? 10.165  -12.748 10.798  1.00 21.15  ? 85  ALA A CB  1 
ATOM   654  N  N   . CYS A 1 85  ? 9.426   -9.694  10.629  1.00 17.55  ? 86  CYS A N   1 
ATOM   655  C  CA  . CYS A 1 85  ? 8.473   -8.510  10.460  1.00 16.08  ? 86  CYS A CA  1 
ATOM   656  C  C   . CYS A 1 85  ? 8.850   -7.606  9.294   1.00 16.13  ? 86  CYS A C   1 
ATOM   657  O  O   . CYS A 1 85  ? 8.002   -7.295  8.452   1.00 14.88  ? 86  CYS A O   1 
ATOM   658  C  CB  . CYS A 1 85  ? 8.548   -7.673  11.737  1.00 16.70  ? 86  CYS A CB  1 
ATOM   659  S  SG  . CYS A 1 85  ? 7.491   -6.231  11.716  1.00 17.13  ? 86  CYS A SG  1 
ATOM   660  N  N   . ALA A 1 86  ? 10.106  -7.171  9.255   1.00 15.74  ? 87  ALA A N   1 
ATOM   661  C  CA  . ALA A 1 86  ? 10.545  -6.268  8.169   1.00 16.42  ? 87  ALA A CA  1 
ATOM   662  C  C   . ALA A 1 86  ? 10.363  -6.949  6.747   1.00 16.50  ? 87  ALA A C   1 
ATOM   663  O  O   . ALA A 1 86  ? 9.858   -6.271  5.784   1.00 17.05  ? 87  ALA A O   1 
ATOM   664  C  CB  . ALA A 1 86  ? 11.933  -5.775  8.439   1.00 17.91  ? 87  ALA A CB  1 
ATOM   665  N  N   . ALA A 1 87  ? 10.692  -8.232  6.636   1.00 15.88  ? 88  ALA A N   1 
ATOM   666  C  CA  . ALA A 1 87  ? 10.604  -8.967  5.339   1.00 16.91  ? 88  ALA A CA  1 
ATOM   667  C  C   . ALA A 1 87  ? 9.149   -9.040  4.894   1.00 17.43  ? 88  ALA A C   1 
ATOM   668  O  O   . ALA A 1 87  ? 8.845   -8.918  3.727   1.00 16.94  ? 88  ALA A O   1 
ATOM   669  C  CB  . ALA A 1 87  ? 11.119  -10.374 5.509   1.00 17.08  ? 88  ALA A CB  1 
ATOM   670  N  N   . SER A 1 88  ? 8.272   -9.328  5.838   1.00 16.16  ? 89  SER A N   1 
ATOM   671  C  CA  . SER A 1 88  ? 6.824   -9.449  5.531   1.00 17.18  ? 89  SER A CA  1 
ATOM   672  C  C   . SER A 1 88  ? 6.226   -8.117  5.137   1.00 16.84  ? 89  SER A C   1 
ATOM   673  O  O   . SER A 1 88  ? 5.516   -8.048  4.148   1.00 16.97  ? 89  SER A O   1 
ATOM   674  C  CB  . SER A 1 88  ? 6.008   -9.948  6.707   1.00 19.04  ? 89  SER A CB  1 
ATOM   675  O  OG  . SER A 1 88  ? 6.350   -11.312 6.923   1.00 27.16  ? 89  SER A OG  1 
ATOM   676  N  N   . VAL A 1 89  ? 6.518   -7.057  5.883   1.00 15.01  ? 90  VAL A N   1 
ATOM   677  C  CA  . VAL A 1 89  ? 5.916   -5.764  5.549   1.00 14.74  ? 90  VAL A CA  1 
ATOM   678  C  C   . VAL A 1 89  ? 6.524   -5.278  4.213   1.00 14.92  ? 90  VAL A C   1 
ATOM   679  O  O   . VAL A 1 89  ? 5.828   -4.717  3.412   1.00 13.38  ? 90  VAL A O   1 
ATOM   680  C  CB  . VAL A 1 89  ? 6.244   -4.750  6.656   1.00 16.39  ? 90  VAL A CB  1 
ATOM   681  C  CG1 . VAL A 1 89  ? 5.795   -3.361  6.282   1.00 18.12  ? 90  VAL A CG1 1 
ATOM   682  C  CG2 . VAL A 1 89  ? 5.517   -5.186  7.954   1.00 18.42  ? 90  VAL A CG2 1 
ATOM   683  N  N   . CYS A 1 90  ? 7.826   -5.495  4.049   1.00 14.14  ? 91  CYS A N   1 
ATOM   684  C  CA  . CYS A 1 90  ? 8.534   -5.094  2.845   1.00 14.75  ? 91  CYS A CA  1 
ATOM   685  C  C   . CYS A 1 90  ? 7.915   -5.778  1.638   1.00 14.72  ? 91  CYS A C   1 
ATOM   686  O  O   . CYS A 1 90  ? 7.748   -5.164  0.584   1.00 14.64  ? 91  CYS A O   1 
ATOM   687  C  CB  . CYS A 1 90  ? 10.017  -5.450  2.949   1.00 13.77  ? 91  CYS A CB  1 
ATOM   688  S  SG  . CYS A 1 90  ? 11.045  -4.768  1.626   1.00 16.01  ? 91  CYS A SG  1 
ATOM   689  N  N   . ASP A 1 91  ? 7.570   -7.051  1.797   1.00 15.85  ? 92  ASP A N   1 
ATOM   690  C  CA  . ASP A 1 91  ? 6.897   -7.791  0.696   1.00 18.00  ? 92  ASP A CA  1 
ATOM   691  C  C   . ASP A 1 91  ? 5.462   -7.281  0.439   1.00 17.22  ? 92  ASP A C   1 
ATOM   692  O  O   . ASP A 1 91  ? 5.103   -7.143  -0.727  1.00 17.88  ? 92  ASP A O   1 
ATOM   693  C  CB  . ASP A 1 91  ? 6.877   -9.279  0.981   1.00 18.71  ? 92  ASP A CB  1 
ATOM   694  C  CG  . ASP A 1 91  ? 7.465   -10.064 -0.152  1.00 30.39  ? 92  ASP A CG  1 
ATOM   695  O  OD1 . ASP A 1 91  ? 8.607   -9.694  -0.549  1.00 34.26  ? 92  ASP A OD1 1 
ATOM   696  O  OD2 . ASP A 1 91  ? 6.768   -10.996 -0.650  1.00 36.18  ? 92  ASP A OD2 1 
ATOM   697  N  N   . CYS A 1 92  ? 4.726   -6.932  1.494   1.00 15.13  ? 93  CYS A N   1 
ATOM   698  C  CA  . CYS A 1 92  ? 3.374   -6.400  1.344   1.00 14.46  ? 93  CYS A CA  1 
ATOM   699  C  C   . CYS A 1 92  ? 3.376   -5.130  0.488   1.00 13.75  ? 93  CYS A C   1 
ATOM   700  O  O   . CYS A 1 92  ? 2.604   -5.002  -0.462  1.00 14.74  ? 93  CYS A O   1 
ATOM   701  C  CB  . CYS A 1 92  ? 2.754   -6.112  2.712   1.00 14.73  ? 93  CYS A CB  1 
ATOM   702  S  SG  . CYS A 1 92  ? 2.570   -7.566  3.770   1.00 16.47  ? 93  CYS A SG  1 
ATOM   703  N  N   . ASP A 1 93  ? 4.282   -4.235  0.836   1.00 14.65  ? 94  ASP A N   1 
ATOM   704  C  CA  . ASP A 1 93  ? 4.486   -2.971  0.162   1.00 14.73  ? 94  ASP A CA  1 
ATOM   705  C  C   . ASP A 1 93  ? 4.922   -3.120  -1.295  1.00 15.63  ? 94  ASP A C   1 
ATOM   706  O  O   . ASP A 1 93  ? 4.355   -2.431  -2.219  1.00 15.65  ? 94  ASP A O   1 
ATOM   707  C  CB  . ASP A 1 93  ? 5.504   -2.097  0.946   1.00 13.52  ? 94  ASP A CB  1 
ATOM   708  C  CG  . ASP A 1 93  ? 4.858   -1.461  2.175   1.00 14.23  ? 94  ASP A CG  1 
ATOM   709  O  OD1 . ASP A 1 93  ? 3.661   -1.752  2.445   1.00 17.85  ? 94  ASP A OD1 1 
ATOM   710  O  OD2 . ASP A 1 93  ? 5.493   -0.733  2.936   1.00 13.86  ? 94  ASP A OD2 1 
ATOM   711  N  N   . ARG A 1 94  ? 5.918   -3.970  -1.503  1.00 15.14  ? 95  ARG A N   1 
ATOM   712  C  CA  . ARG A 1 94  ? 6.486   -4.165  -2.862  1.00 16.02  ? 95  ARG A CA  1 
ATOM   713  C  C   . ARG A 1 94  ? 5.424   -4.730  -3.787  1.00 16.88  ? 95  ARG A C   1 
ATOM   714  O  O   . ARG A 1 94  ? 5.243   -4.228  -4.921  1.00 17.94  ? 95  ARG A O   1 
ATOM   715  C  CB  . ARG A 1 94  ? 7.612   -5.206  -2.751  1.00 15.84  ? 95  ARG A CB  1 
ATOM   716  C  CG  . ARG A 1 94  ? 8.196   -5.501  -4.089  1.00 21.96  ? 95  ARG A CG  1 
ATOM   717  C  CD  . ARG A 1 94  ? 9.397   -6.444  -3.898  1.00 24.61  ? 95  ARG A CD  1 
ATOM   718  N  NE  . ARG A 1 94  ? 9.286   -7.366  -5.011  1.00 44.37  ? 95  ARG A NE  1 
ATOM   719  C  CZ  . ARG A 1 94  ? 8.661   -8.538  -4.940  1.00 45.68  ? 95  ARG A CZ  1 
ATOM   720  N  NH1 . ARG A 1 94  ? 8.179   -8.992  -3.792  1.00 48.93  ? 95  ARG A NH1 1 
ATOM   721  N  NH2 . ARG A 1 94  ? 8.564   -9.267  -6.015  1.00 49.74  ? 95  ARG A NH2 1 
ATOM   722  N  N   . LEU A 1 95  ? 4.698   -5.724  -3.268  1.00 16.97  ? 96  LEU A N   1 
ATOM   723  C  CA  . LEU A 1 95  ? 3.621   -6.394  -3.986  1.00 18.13  ? 96  LEU A CA  1 
ATOM   724  C  C   . LEU A 1 95  ? 2.549   -5.395  -4.411  1.00 17.99  ? 96  LEU A C   1 
ATOM   725  O  O   . LEU A 1 95  ? 2.116   -5.389  -5.563  1.00 19.07  ? 96  LEU A O   1 
ATOM   726  C  CB  . LEU A 1 95  ? 3.003   -7.495  -3.122  1.00 17.80  ? 96  LEU A CB  1 
ATOM   727  C  CG  . LEU A 1 95  ? 3.982   -8.383  -2.354  1.00 22.90  ? 96  LEU A CG  1 
ATOM   728  C  CD1 . LEU A 1 95  ? 3.269   -9.596  -1.776  1.00 27.15  ? 96  LEU A CD1 1 
ATOM   729  C  CD2 . LEU A 1 95  ? 5.136   -8.810  -3.247  1.00 27.67  ? 96  LEU A CD2 1 
ATOM   730  N  N   . ALA A 1 96  ? 2.173   -4.503  -3.510  1.00 17.84  ? 97  ALA A N   1 
ATOM   731  C  CA  . ALA A 1 96  ? 1.189   -3.441  -3.755  1.00 17.23  ? 97  ALA A CA  1 
ATOM   732  C  C   . ALA A 1 96  ? 1.723   -2.386  -4.760  1.00 18.44  ? 97  ALA A C   1 
ATOM   733  O  O   . ALA A 1 96  ? 0.997   -1.930  -5.675  1.00 19.52  ? 97  ALA A O   1 
ATOM   734  C  CB  . ALA A 1 96  ? 0.786   -2.761  -2.431  1.00 17.20  ? 97  ALA A CB  1 
ATOM   735  N  N   . ALA A 1 97  ? 2.972   -1.965  -4.625  1.00 18.98  ? 98  ALA A N   1 
ATOM   736  C  CA  . ALA A 1 97  ? 3.504   -0.989  -5.600  1.00 20.28  ? 98  ALA A CA  1 
ATOM   737  C  C   . ALA A 1 97  ? 3.520   -1.505  -7.043  1.00 22.13  ? 98  ALA A C   1 
ATOM   738  O  O   . ALA A 1 97  ? 3.159   -0.757  -8.001  1.00 22.40  ? 98  ALA A O   1 
ATOM   739  C  CB  . ALA A 1 97  ? 4.856   -0.447  -5.151  1.00 22.01  ? 98  ALA A CB  1 
ATOM   740  N  N   . ILE A 1 98  ? 3.858   -2.785  -7.204  1.00 23.07  ? 99  ILE A N   1 
ATOM   741  C  CA  . ILE A 1 98  ? 3.849   -3.430  -8.516  1.00 22.93  ? 99  ILE A CA  1 
ATOM   742  C  C   . ILE A 1 98  ? 2.409   -3.538  -9.006  1.00 23.57  ? 99  ILE A C   1 
ATOM   743  O  O   . ILE A 1 98  ? 2.144   -3.285  -10.176 1.00 24.67  ? 99  ILE A O   1 
ATOM   744  C  CB  . ILE A 1 98  ? 4.507   -4.787  -8.419  1.00 22.26  ? 99  ILE A CB  1 
ATOM   745  C  CG1 . ILE A 1 98  ? 6.027   -4.594  -8.202  1.00 24.92  ? 99  ILE A CG1 1 
ATOM   746  C  CG2 . ILE A 1 98  ? 4.278   -5.575  -9.700  1.00 26.77  ? 99  ILE A CG2 1 
ATOM   747  C  CD1 . ILE A 1 98  ? 6.715   -5.899  -7.684  1.00 26.09  ? 99  ILE A CD1 1 
ATOM   748  N  N   . CYS A 1 99  ? 1.481   -3.859  -8.111  1.00 21.16  ? 100 CYS A N   1 
ATOM   749  C  CA  . CYS A 1 99  ? 0.068   -3.932  -8.478  1.00 21.56  ? 100 CYS A CA  1 
ATOM   750  C  C   . CYS A 1 99  ? -0.470  -2.594  -8.995  1.00 21.99  ? 100 CYS A C   1 
ATOM   751  O  O   . CYS A 1 99  ? -1.172  -2.547  -10.005 1.00 23.27  ? 100 CYS A O   1 
ATOM   752  C  CB  . CYS A 1 99  ? -0.768  -4.410  -7.289  1.00 20.60  ? 100 CYS A CB  1 
ATOM   753  S  SG  . CYS A 1 99  ? -2.396  -5.060  -7.734  1.00 21.85  ? 100 CYS A SG  1 
ATOM   754  N  N   . PHE A 1 100 ? -0.138  -1.515  -8.293  1.00 20.19  ? 101 PHE A N   1 
ATOM   755  C  CA  . PHE A 1 100 ? -0.605  -0.187  -8.632  1.00 21.53  ? 101 PHE A CA  1 
ATOM   756  C  C   . PHE A 1 100 ? -0.106  0.189   -10.023 1.00 23.44  ? 101 PHE A C   1 
ATOM   757  O  O   . PHE A 1 100 ? -0.844  0.819   -10.791 1.00 24.06  ? 101 PHE A O   1 
ATOM   758  C  CB  . PHE A 1 100 ? -0.067  0.852   -7.648  1.00 21.65  ? 101 PHE A CB  1 
ATOM   759  C  CG  . PHE A 1 100 ? -0.652  0.802   -6.266  1.00 20.33  ? 101 PHE A CG  1 
ATOM   760  C  CD1 . PHE A 1 100 ? -1.569  -0.176  -5.864  1.00 24.53  ? 101 PHE A CD1 1 
ATOM   761  C  CD2 . PHE A 1 100 ? -0.222  1.740   -5.334  1.00 23.40  ? 101 PHE A CD2 1 
ATOM   762  C  CE1 . PHE A 1 100 ? -2.021  -0.219  -4.509  1.00 22.70  ? 101 PHE A CE1 1 
ATOM   763  C  CE2 . PHE A 1 100 ? -0.684  1.728   -4.040  1.00 24.58  ? 101 PHE A CE2 1 
ATOM   764  C  CZ  . PHE A 1 100 ? -1.590  0.732   -3.616  1.00 26.53  ? 101 PHE A CZ  1 
ATOM   765  N  N   . ALA A 1 101 ? 1.110   -0.226  -10.360 1.00 25.28  ? 102 ALA A N   1 
ATOM   766  C  CA  . ALA A 1 101 ? 1.675   0.132   -11.679 1.00 26.51  ? 102 ALA A CA  1 
ATOM   767  C  C   . ALA A 1 101 ? 0.907   -0.531  -12.835 1.00 28.48  ? 102 ALA A C   1 
ATOM   768  O  O   . ALA A 1 101 ? 0.836   0.040   -13.934 1.00 32.27  ? 102 ALA A O   1 
ATOM   769  C  CB  . ALA A 1 101 ? 3.097   -0.154  -11.752 1.00 25.39  ? 102 ALA A CB  1 
ATOM   770  N  N   . GLY A 1 102 ? 0.313   -1.689  -12.613 1.00 28.40  ? 103 GLY A N   1 
ATOM   771  C  CA  . GLY A 1 102 ? -0.437  -2.354  -13.638 1.00 29.58  ? 103 GLY A CA  1 
ATOM   772  C  C   . GLY A 1 102 ? -1.915  -2.070  -13.696 1.00 30.34  ? 103 GLY A C   1 
ATOM   773  O  O   . GLY A 1 102 ? -2.583  -2.479  -14.652 1.00 31.74  ? 103 GLY A O   1 
ATOM   774  N  N   . ALA A 1 103 ? -2.474  -1.464  -12.659 1.00 29.27  ? 104 ALA A N   1 
ATOM   775  C  CA  . ALA A 1 103 ? -3.909  -1.203  -12.599 1.00 30.87  ? 104 ALA A CA  1 
ATOM   776  C  C   . ALA A 1 103 ? -4.371  0.121   -13.260 1.00 30.59  ? 104 ALA A C   1 
ATOM   777  O  O   . ALA A 1 103 ? -3.695  1.150   -13.194 1.00 31.19  ? 104 ALA A O   1 
ATOM   778  C  CB  . ALA A 1 103 ? -4.414  -1.279  -11.122 1.00 30.12  ? 104 ALA A CB  1 
ATOM   779  N  N   . PRO A 1 104 ? -5.553  0.099   -13.893 1.00 31.80  ? 105 PRO A N   1 
ATOM   780  C  CA  . PRO A 1 104 ? -6.012  1.372   -14.456 1.00 33.24  ? 105 PRO A CA  1 
ATOM   781  C  C   . PRO A 1 104 ? -6.466  2.314   -13.347 1.00 33.46  ? 105 PRO A C   1 
ATOM   782  O  O   . PRO A 1 104 ? -7.001  1.853   -12.331 1.00 33.60  ? 105 PRO A O   1 
ATOM   783  C  CB  . PRO A 1 104 ? -7.214  0.960   -15.307 1.00 33.90  ? 105 PRO A CB  1 
ATOM   784  C  CG  . PRO A 1 104 ? -7.200  -0.478  -15.413 1.00 34.20  ? 105 PRO A CG  1 
ATOM   785  C  CD  . PRO A 1 104 ? -6.304  -1.061  -14.394 1.00 32.90  ? 105 PRO A CD  1 
ATOM   786  N  N   . TYR A 1 105 ? -6.274  3.615   -13.519 1.00 32.62  ? 106 TYR A N   1 
ATOM   787  C  CA  . TYR A 1 105 ? -6.711  4.571   -12.504 1.00 32.40  ? 106 TYR A CA  1 
ATOM   788  C  C   . TYR A 1 105 ? -7.964  5.324   -12.988 1.00 33.64  ? 106 TYR A C   1 
ATOM   789  O  O   . TYR A 1 105 ? -7.903  5.981   -14.024 1.00 33.93  ? 106 TYR A O   1 
ATOM   790  C  CB  . TYR A 1 105 ? -5.590  5.566   -12.178 1.00 31.45  ? 106 TYR A CB  1 
ATOM   791  C  CG  . TYR A 1 105 ? -5.868  6.448   -10.985 1.00 31.51  ? 106 TYR A CG  1 
ATOM   792  C  CD1 . TYR A 1 105 ? -6.755  7.542   -11.075 1.00 28.43  ? 106 TYR A CD1 1 
ATOM   793  C  CD2 . TYR A 1 105 ? -5.275  6.176   -9.751  1.00 26.36  ? 106 TYR A CD2 1 
ATOM   794  C  CE1 . TYR A 1 105 ? -7.012  8.346   -10.006 1.00 27.62  ? 106 TYR A CE1 1 
ATOM   795  C  CE2 . TYR A 1 105 ? -5.535  6.962   -8.645  1.00 23.56  ? 106 TYR A CE2 1 
ATOM   796  C  CZ  . TYR A 1 105 ? -6.435  8.051   -8.762  1.00 24.43  ? 106 TYR A CZ  1 
ATOM   797  O  OH  . TYR A 1 105 ? -6.717  8.835   -7.677  1.00 28.14  ? 106 TYR A OH  1 
ATOM   798  N  N   . ASN A 1 106 ? -9.057  5.265   -12.216 1.00 31.72  ? 107 ASN A N   1 
ATOM   799  C  CA  . ASN A 1 106 ? -10.314 5.824   -12.611 1.00 31.57  ? 107 ASN A CA  1 
ATOM   800  C  C   . ASN A 1 106 ? -10.620 6.976   -11.701 1.00 32.42  ? 107 ASN A C   1 
ATOM   801  O  O   . ASN A 1 106 ? -10.947 6.779   -10.509 1.00 29.96  ? 107 ASN A O   1 
ATOM   802  C  CB  . ASN A 1 106 ? -11.398 4.751   -12.534 1.00 32.45  ? 107 ASN A CB  1 
ATOM   803  C  CG  . ASN A 1 106 ? -12.817 5.306   -12.830 1.00 38.05  ? 107 ASN A CG  1 
ATOM   804  O  OD1 . ASN A 1 106 ? -13.064 6.539   -12.931 1.00 38.18  ? 107 ASN A OD1 1 
ATOM   805  N  ND2 . ASN A 1 106 ? -13.753 4.387   -12.969 1.00 41.12  ? 107 ASN A ND2 1 
ATOM   806  N  N   . ASP A 1 107 ? -10.552 8.195   -12.275 1.00 32.54  ? 108 ASP A N   1 
ATOM   807  C  CA  . ASP A 1 107 ? -10.790 9.433   -11.551 1.00 34.10  ? 108 ASP A CA  1 
ATOM   808  C  C   . ASP A 1 107 ? -12.071 9.404   -10.774 1.00 30.98  ? 108 ASP A C   1 
ATOM   809  O  O   . ASP A 1 107 ? -12.176 10.049  -9.738  1.00 32.73  ? 108 ASP A O   1 
ATOM   810  C  CB  . ASP A 1 107 ? -10.812 10.640  -12.504 1.00 35.91  ? 108 ASP A CB  1 
ATOM   811  C  CG  . ASP A 1 107 ? -9.466  10.910  -13.131 1.00 44.52  ? 108 ASP A CG  1 
ATOM   812  O  OD1 . ASP A 1 107 ? -8.408  10.772  -12.449 1.00 50.49  ? 108 ASP A OD1 1 
ATOM   813  O  OD2 . ASP A 1 107 ? -9.465  11.299  -14.326 1.00 52.63  ? 108 ASP A OD2 1 
ATOM   814  N  N   . ALA A 1 108 ? -13.058 8.672   -11.265 1.00 30.11  ? 109 ALA A N   1 
ATOM   815  C  CA  . ALA A 1 108 ? -14.369 8.732   -10.649 1.00 29.22  ? 109 ALA A CA  1 
ATOM   816  C  C   . ALA A 1 108 ? -14.320 7.984   -9.292  1.00 29.29  ? 109 ALA A C   1 
ATOM   817  O  O   . ALA A 1 108 ? -15.149 8.209   -8.403  1.00 28.03  ? 109 ALA A O   1 
ATOM   818  C  CB  . ALA A 1 108 ? -15.415 8.099   -11.549 1.00 30.37  ? 109 ALA A CB  1 
ATOM   819  N  N   . ASN A 1 109 ? -13.301 7.143   -9.121  1.00 27.83  ? 110 ASN A N   1 
ATOM   820  C  CA  . ASN A 1 109 ? -13.235 6.314   -7.907  1.00 27.01  ? 110 ASN A CA  1 
ATOM   821  C  C   . ASN A 1 109 ? -12.385 6.930   -6.794  1.00 25.61  ? 110 ASN A C   1 
ATOM   822  O  O   . ASN A 1 109 ? -12.268 6.372   -5.685  1.00 23.85  ? 110 ASN A O   1 
ATOM   823  C  CB  . ASN A 1 109 ? -12.714 4.943   -8.321  1.00 27.15  ? 110 ASN A CB  1 
ATOM   824  C  CG  . ASN A 1 109 ? -13.795 4.059   -8.946  1.00 29.22  ? 110 ASN A CG  1 
ATOM   825  O  OD1 . ASN A 1 109 ? -13.526 3.115   -9.706  1.00 31.83  ? 110 ASN A OD1 1 
ATOM   826  N  ND2 . ASN A 1 109 ? -15.008 4.320   -8.581  1.00 30.16  ? 110 ASN A ND2 1 
ATOM   827  N  N   . TYR A 1 110 ? -11.741 8.076   -7.079  1.00 24.92  ? 111 TYR A N   1 
ATOM   828  C  CA  . TYR A 1 110 ? -11.048 8.834   -6.034  1.00 25.05  ? 111 TYR A CA  1 
ATOM   829  C  C   . TYR A 1 110 ? -12.000 9.474   -5.018  1.00 25.89  ? 111 TYR A C   1 
ATOM   830  O  O   . TYR A 1 110 ? -13.050 9.993   -5.437  1.00 28.23  ? 111 TYR A O   1 
ATOM   831  C  CB  . TYR A 1 110 ? -10.138 9.919   -6.670  1.00 24.50  ? 111 TYR A CB  1 
ATOM   832  C  CG  . TYR A 1 110 ? -9.324  10.728  -5.679  1.00 28.21  ? 111 TYR A CG  1 
ATOM   833  C  CD1 . TYR A 1 110 ? -8.163  10.205  -5.064  1.00 29.94  ? 111 TYR A CD1 1 
ATOM   834  C  CD2 . TYR A 1 110 ? -9.675  12.033  -5.372  1.00 31.69  ? 111 TYR A CD2 1 
ATOM   835  C  CE1 . TYR A 1 110 ? -7.431  10.976  -4.153  1.00 34.61  ? 111 TYR A CE1 1 
ATOM   836  C  CE2 . TYR A 1 110 ? -8.960  12.775  -4.528  1.00 33.28  ? 111 TYR A CE2 1 
ATOM   837  C  CZ  . TYR A 1 110 ? -7.849  12.268  -3.902  1.00 36.45  ? 111 TYR A CZ  1 
ATOM   838  O  OH  . TYR A 1 110 ? -7.174  13.093  -3.021  1.00 41.35  ? 111 TYR A OH  1 
ATOM   839  N  N   . ASN A 1 111 ? -11.664 9.418   -3.716  1.00 23.09  ? 112 ASN A N   1 
ATOM   840  C  CA  . ASN A 1 111 ? -12.420 10.073  -2.630  1.00 24.81  ? 112 ASN A CA  1 
ATOM   841  C  C   . ASN A 1 111 ? -13.942 9.788   -2.692  1.00 24.74  ? 112 ASN A C   1 
ATOM   842  O  O   . ASN A 1 111 ? -14.762 10.704  -2.712  1.00 24.59  ? 112 ASN A O   1 
ATOM   843  C  CB  . ASN A 1 111 ? -12.129 11.596  -2.705  1.00 25.04  ? 112 ASN A CB  1 
ATOM   844  C  CG  . ASN A 1 111 ? -12.834 12.416  -1.650  1.00 27.93  ? 112 ASN A CG  1 
ATOM   845  O  OD1 . ASN A 1 111 ? -13.311 13.488  -1.957  1.00 30.97  ? 112 ASN A OD1 1 
ATOM   846  N  ND2 . ASN A 1 111 ? -12.818 11.983  -0.396  1.00 29.51  ? 112 ASN A ND2 1 
ATOM   847  N  N   . ILE A 1 112 ? -14.311 8.515   -2.737  1.00 23.26  ? 113 ILE A N   1 
ATOM   848  C  CA  . ILE A 1 112 ? -15.703 8.136   -2.754  1.00 21.89  ? 113 ILE A CA  1 
ATOM   849  C  C   . ILE A 1 112 ? -16.226 8.150   -1.304  1.00 21.27  ? 113 ILE A C   1 
ATOM   850  O  O   . ILE A 1 112 ? -15.445 8.155   -0.317  1.00 21.58  ? 113 ILE A O   1 
ATOM   851  C  CB  . ILE A 1 112 ? -15.997 6.773   -3.492  1.00 21.15  ? 113 ILE A CB  1 
ATOM   852  C  CG1 . ILE A 1 112 ? -15.244 5.593   -2.852  1.00 20.98  ? 113 ILE A CG1 1 
ATOM   853  C  CG2 . ILE A 1 112 ? -15.637 6.858   -4.930  1.00 23.45  ? 113 ILE A CG2 1 
ATOM   854  C  CD1 . ILE A 1 112 ? -15.825 4.177   -3.302  1.00 24.98  ? 113 ILE A CD1 1 
ATOM   855  N  N   . ASP A 1 113 ? -17.554 8.114   -1.167  1.00 19.94  ? 114 ASP A N   1 
ATOM   856  C  CA  . ASP A 1 113 ? -18.211 8.220   0.145   1.00 20.34  ? 114 ASP A CA  1 
ATOM   857  C  C   . ASP A 1 113 ? -18.242 6.837   0.772   1.00 20.80  ? 114 ASP A C   1 
ATOM   858  O  O   . ASP A 1 113 ? -19.095 5.993   0.474   1.00 21.20  ? 114 ASP A O   1 
ATOM   859  C  CB  . ASP A 1 113 ? -19.632 8.793   -0.085  1.00 21.10  ? 114 ASP A CB  1 
ATOM   860  C  CG  . ASP A 1 113 ? -20.376 9.034   1.192   1.00 21.53  ? 114 ASP A CG  1 
ATOM   861  O  OD1 . ASP A 1 113 ? -19.998 8.543   2.252   1.00 27.57  ? 114 ASP A OD1 1 
ATOM   862  O  OD2 . ASP A 1 113 ? -21.399 9.733   1.116   1.00 26.26  ? 114 ASP A OD2 1 
ATOM   863  N  N   . LEU A 1 114 ? -17.256 6.579   1.605   1.00 21.64  ? 115 LEU A N   1 
ATOM   864  C  CA  . LEU A 1 114 ? -17.053 5.288   2.197   1.00 22.62  ? 115 LEU A CA  1 
ATOM   865  C  C   . LEU A 1 114 ? -18.252 4.820   3.043   1.00 23.63  ? 115 LEU A C   1 
ATOM   866  O  O   . LEU A 1 114 ? -18.605 3.637   3.011   1.00 22.73  ? 115 LEU A O   1 
ATOM   867  C  CB  . LEU A 1 114 ? -15.830 5.441   3.145   1.00 23.77  ? 115 LEU A CB  1 
ATOM   868  C  CG  . LEU A 1 114 ? -14.511 5.922   2.538   1.00 26.76  ? 115 LEU A CG  1 
ATOM   869  C  CD1 . LEU A 1 114 ? -13.387 5.914   3.610   1.00 31.96  ? 115 LEU A CD1 1 
ATOM   870  C  CD2 . LEU A 1 114 ? -14.107 4.968   1.437   1.00 28.37  ? 115 LEU A CD2 1 
ATOM   871  N  N   . LYS A 1 115 ? -18.872 5.737   3.783   1.00 22.95  ? 116 LYS A N   1 
ATOM   872  C  CA  . LYS A 1 115 ? -20.053 5.407   4.607   1.00 23.99  ? 116 LYS A CA  1 
ATOM   873  C  C   . LYS A 1 115 ? -21.259 4.895   3.815   1.00 23.65  ? 116 LYS A C   1 
ATOM   874  O  O   . LYS A 1 115 ? -21.996 3.939   4.275   1.00 24.54  ? 116 LYS A O   1 
ATOM   875  C  CB  . LYS A 1 115 ? -20.442 6.596   5.498   1.00 24.19  ? 116 LYS A CB  1 
ATOM   876  C  CG  . LYS A 1 115 ? -19.382 6.962   6.547   1.00 30.57  ? 116 LYS A CG  1 
ATOM   877  C  CD  . LYS A 1 115 ? -19.738 8.222   7.357   1.00 35.24  ? 116 LYS A CD  1 
ATOM   878  C  CE  . LYS A 1 115 ? -18.498 8.980   7.826   1.00 38.54  ? 116 LYS A CE  1 
ATOM   879  N  NZ  . LYS A 1 115 ? -18.882 9.748   9.064   1.00 41.35  ? 116 LYS A NZ  1 
ATOM   880  N  N   . ALA A 1 116 ? -21.461 5.447   2.609   1.00 22.87  ? 117 ALA A N   1 
ATOM   881  C  CA  . ALA A 1 116 ? -22.612 5.059   1.752   1.00 21.28  ? 117 ALA A CA  1 
ATOM   882  C  C   . ALA A 1 116 ? -22.259 3.859   0.861   1.00 21.49  ? 117 ALA A C   1 
ATOM   883  O  O   . ALA A 1 116 ? -23.140 3.067   0.479   1.00 21.84  ? 117 ALA A O   1 
ATOM   884  C  CB  . ALA A 1 116 ? -22.987 6.207   0.859   1.00 23.12  ? 117 ALA A CB  1 
ATOM   885  N  N   . ARG A 1 117 ? -20.992 3.776   0.453   1.00 19.64  ? 118 ARG A N   1 
ATOM   886  C  CA  . ARG A 1 117 ? -20.614 2.906   -0.682  1.00 20.43  ? 118 ARG A CA  1 
ATOM   887  C  C   . ARG A 1 117 ? -19.768 1.682   -0.311  1.00 21.91  ? 118 ARG A C   1 
ATOM   888  O  O   . ARG A 1 117 ? -19.645 0.739   -1.104  1.00 22.32  ? 118 ARG A O   1 
ATOM   889  C  CB  . ARG A 1 117 ? -19.904 3.747   -1.752  1.00 20.37  ? 118 ARG A CB  1 
ATOM   890  C  CG  . ARG A 1 117 ? -20.970 4.633   -2.325  1.00 23.26  ? 118 ARG A CG  1 
ATOM   891  C  CD  . ARG A 1 117 ? -20.504 5.616   -3.336  1.00 30.01  ? 118 ARG A CD  1 
ATOM   892  N  NE  . ARG A 1 117 ? -20.125 4.911   -4.551  1.00 31.02  ? 118 ARG A NE  1 
ATOM   893  C  CZ  . ARG A 1 117 ? -19.484 5.511   -5.555  1.00 31.78  ? 118 ARG A CZ  1 
ATOM   894  N  NH1 . ARG A 1 117 ? -19.202 6.820   -5.462  1.00 30.33  ? 118 ARG A NH1 1 
ATOM   895  N  NH2 . ARG A 1 117 ? -19.144 4.822   -6.651  1.00 31.78  ? 118 ARG A NH2 1 
ATOM   896  N  N   . CYS A 1 118 ? -19.290 1.641   0.896   1.00 21.19  ? 119 CYS A N   1 
ATOM   897  C  CA  . CYS A 1 118 ? -18.336 0.582   1.280   1.00 24.45  ? 119 CYS A CA  1 
ATOM   898  C  C   . CYS A 1 118 ? -18.911 -0.259  2.433   1.00 28.62  ? 119 CYS A C   1 
ATOM   899  O  O   . CYS A 1 118 ? -18.200 -0.693  3.313   1.00 30.83  ? 119 CYS A O   1 
ATOM   900  C  CB  . CYS A 1 118 ? -16.938 1.172   1.577   1.00 23.04  ? 119 CYS A CB  1 
ATOM   901  S  SG  . CYS A 1 118 ? -16.271 2.095   0.176   1.00 21.56  ? 119 CYS A SG  1 
ATOM   902  N  N   . ASN A 1 119 ? -20.228 -0.453  2.408   1.00 32.20  ? 120 ASN A N   1 
ATOM   903  C  CA  . ASN A 1 119 ? -20.891 -1.380  3.328   1.00 37.04  ? 120 ASN A CA  1 
ATOM   904  C  C   . ASN A 1 119 ? -20.906 -2.755  2.732   1.00 36.83  ? 120 ASN A C   1 
ATOM   905  O  O   . ASN A 1 119 ? -20.566 -3.659  3.459   1.00 40.03  ? 120 ASN A O   1 
ATOM   906  C  CB  . ASN A 1 119 ? -22.326 -0.967  3.647   1.00 38.38  ? 120 ASN A CB  1 
ATOM   907  C  CG  . ASN A 1 119 ? -22.417 0.445   4.205   1.00 43.00  ? 120 ASN A CG  1 
ATOM   908  O  OD1 . ASN A 1 119 ? -21.697 0.815   5.156   1.00 50.34  ? 120 ASN A OD1 1 
ATOM   909  N  ND2 . ASN A 1 119 ? -23.312 1.256   3.605   1.00 50.81  ? 120 ASN A ND2 1 
ATOM   910  N  N   . LYS B 2 1   ? 7.656   9.883   8.702   1.00 121.55 ? 1   LYS B N   1 
ATOM   911  C  CA  . LYS B 2 1   ? 6.421   10.494  8.224   1.00 121.56 ? 1   LYS B CA  1 
ATOM   912  C  C   . LYS B 2 1   ? 5.776   11.353  9.307   1.00 121.61 ? 1   LYS B C   1 
ATOM   913  O  O   . LYS B 2 1   ? 5.876   12.580  9.282   1.00 121.64 ? 1   LYS B O   1 
ATOM   914  C  CB  . LYS B 2 1   ? 5.440   9.421   7.751   1.00 121.52 ? 1   LYS B CB  1 
ATOM   915  C  CG  . LYS B 2 1   ? 4.428   9.912   6.730   1.00 121.37 ? 1   LYS B CG  1 
ATOM   916  C  CD  . LYS B 2 1   ? 5.114   10.569  5.544   1.00 121.12 ? 1   LYS B CD  1 
ATOM   917  C  CE  . LYS B 2 1   ? 4.101   11.140  4.566   1.00 120.94 ? 1   LYS B CE  1 
ATOM   918  N  NZ  . LYS B 2 1   ? 4.735   12.066  3.587   1.00 120.81 ? 1   LYS B NZ  1 
ATOM   919  N  N   . GLY B 2 2   ? 5.115   10.700  10.257  1.00 121.67 ? 2   GLY B N   1 
ATOM   920  C  CA  . GLY B 2 2   ? 4.456   11.399  11.344  1.00 121.73 ? 2   GLY B CA  1 
ATOM   921  C  C   . GLY B 2 2   ? 2.967   11.205  11.563  1.00 121.76 ? 2   GLY B C   1 
ATOM   922  O  O   . GLY B 2 2   ? 2.529   10.896  12.670  1.00 121.76 ? 2   GLY B O   1 
ATOM   923  N  N   . ALA B 2 3   ? 2.191   11.387  10.499  1.00 121.77 ? 3   ALA B N   1 
ATOM   924  C  CA  . ALA B 2 3   ? 0.938   11.974  10.040  1.00 121.78 ? 3   ALA B CA  1 
ATOM   925  C  C   . ALA B 2 3   ? -0.043  10.918  9.542   1.00 121.79 ? 3   ALA B C   1 
ATOM   926  O  O   . ALA B 2 3   ? -1.045  10.630  10.197  1.00 121.83 ? 3   ALA B O   1 
ATOM   927  C  CB  . ALA B 2 3   ? 1.202   12.990  8.939   1.00 121.76 ? 3   ALA B CB  1 
ATOM   928  N  N   . ILE B 2 4   ? 0.251   10.345  8.379   1.00 121.80 ? 4   ILE B N   1 
ATOM   929  C  CA  . ILE B 2 4   ? -0.592  9.306   7.802   1.00 121.79 ? 4   ILE B CA  1 
ATOM   930  C  C   . ILE B 2 4   ? 0.187   8.385   6.869   1.00 121.82 ? 4   ILE B C   1 
ATOM   931  O  O   . ILE B 2 4   ? 1.411   8.286   6.959   1.00 121.83 ? 4   ILE B O   1 
ATOM   932  C  CB  . ILE B 2 4   ? -1.815  9.907   7.083   1.00 121.77 ? 4   ILE B CB  1 
ATOM   933  C  CG1 . ILE B 2 4   ? -1.626  11.411  6.875   1.00 121.73 ? 4   ILE B CG1 1 
ATOM   934  C  CG2 . ILE B 2 4   ? -3.086  9.627   7.870   1.00 121.73 ? 4   ILE B CG2 1 
ATOM   935  C  CD1 . ILE B 2 4   ? -2.587  12.262  7.676   1.00 121.75 ? 4   ILE B CD1 1 
ATOM   936  N  N   . ILE B 2 5   ? -0.530  7.711   5.975   1.00 121.85 ? 5   ILE B N   1 
ATOM   937  C  CA  . ILE B 2 5   ? -1.987  7.735   5.994   1.00 121.87 ? 5   ILE B CA  1 
ATOM   938  C  C   . ILE B 2 5   ? -2.561  6.370   5.627   1.00 121.88 ? 5   ILE B C   1 
ATOM   939  O  O   . ILE B 2 5   ? -3.194  5.710   6.450   1.00 121.88 ? 5   ILE B O   1 
ATOM   940  C  CB  . ILE B 2 5   ? -2.547  8.797   5.029   1.00 121.87 ? 5   ILE B CB  1 
ATOM   941  C  CG1 . ILE B 2 5   ? -1.518  9.905   4.799   1.00 121.85 ? 5   ILE B CG1 1 
ATOM   942  C  CG2 . ILE B 2 5   ? -3.846  9.374   5.570   1.00 121.90 ? 5   ILE B CG2 1 
ATOM   943  C  CD1 . ILE B 2 5   ? -0.244  9.426   4.136   1.00 121.86 ? 5   ILE B CD1 1 
ATOM   944  N  N   . GLY B 2 6   ? -2.334  5.954   4.385   1.00 121.88 ? 6   GLY B N   1 
ATOM   945  C  CA  . GLY B 2 6   ? -2.830  4.663   3.903   1.00 121.84 ? 6   GLY B CA  1 
ATOM   946  C  C   . GLY B 2 6   ? -1.760  3.591   3.954   1.00 121.82 ? 6   GLY B C   1 
ATOM   947  O  O   . GLY B 2 6   ? -0.709  3.785   4.574   1.00 121.85 ? 6   GLY B O   1 
ATOM   948  N  N   . LEU B 2 7   ? -2.112  2.345   3.647   1.00 121.75 ? 7   LEU B N   1 
ATOM   949  C  CA  . LEU B 2 7   ? -3.450  1.762   3.615   1.00 121.67 ? 7   LEU B CA  1 
ATOM   950  C  C   . LEU B 2 7   ? -4.111  0.997   4.814   1.00 121.63 ? 7   LEU B C   1 
ATOM   951  O  O   . LEU B 2 7   ? -5.201  1.360   5.255   1.00 121.64 ? 7   LEU B O   1 
ATOM   952  C  CB  . LEU B 2 7   ? -3.542  0.695   2.521   1.00 121.67 ? 7   LEU B CB  1 
ATOM   953  C  CG  . LEU B 2 7   ? -3.883  1.193   1.115   1.00 121.66 ? 7   LEU B CG  1 
ATOM   954  C  CD1 . LEU B 2 7   ? -2.863  2.220   0.647   1.00 121.54 ? 7   LEU B CD1 1 
ATOM   955  C  CD2 . LEU B 2 7   ? -3.965  0.030   0.139   1.00 121.53 ? 7   LEU B CD2 1 
ATOM   956  N  N   . MET B 2 8   ? -3.433  -0.037  5.304   1.00 121.58 ? 8   MET B N   1 
ATOM   957  C  CA  . MET B 2 8   ? -3.789  -0.697  6.555   1.00 121.51 ? 8   MET B CA  1 
ATOM   958  C  C   . MET B 2 8   ? -3.000  -1.989  6.738   1.00 121.55 ? 8   MET B C   1 
ATOM   959  O  O   . MET B 2 8   ? -3.376  -2.850  7.535   1.00 121.57 ? 8   MET B O   1 
ATOM   960  C  CB  . MET B 2 8   ? -5.290  -0.988  6.599   1.00 121.50 ? 8   MET B CB  1 
ATOM   961  C  CG  . MET B 2 8   ? -6.112  0.099   7.274   1.00 121.44 ? 8   MET B CG  1 
ATOM   962  S  SD  . MET B 2 8   ? -7.863  0.012   6.850   1.00 121.36 ? 8   MET B SD  1 
ATOM   963  C  CE  . MET B 2 8   ? -8.595  0.824   8.268   1.00 121.39 ? 8   MET B CE  1 
HETATM 964  CA CA  . CA  C 3 .   ? -6.996  0.533   3.895   1.00 47.09  ? 201 CA  A CA  1 
HETATM 965  O  O   . HOH D 4 .   ? -12.202 6.813   -1.811  1.00 22.34  ? 202 HOH A O   1 
HETATM 966  O  O   . HOH D 4 .   ? 5.498   -0.040  5.609   1.00 17.26  ? 203 HOH A O   1 
HETATM 967  O  O   . HOH D 4 .   ? -10.402 4.206   0.740   1.00 27.17  ? 204 HOH A O   1 
HETATM 968  O  O   . HOH D 4 .   ? -13.226 8.990   0.858   1.00 31.26  ? 205 HOH A O   1 
HETATM 969  O  O   . HOH D 4 .   ? 14.820  -4.403  12.403  1.00 47.52  ? 206 HOH A O   1 
HETATM 970  O  O   . HOH D 4 .   ? 10.351  -4.485  -9.570  1.00 32.06  ? 207 HOH A O   1 
HETATM 971  O  O   . HOH D 4 .   ? 0.786   -0.213  12.027  1.00 24.41  ? 208 HOH A O   1 
HETATM 972  O  O   . HOH D 4 .   ? 14.773  -5.911  10.354  1.00 35.43  ? 209 HOH A O   1 
HETATM 973  O  O   . HOH D 4 .   ? 7.271   -3.052  14.302  1.00 19.65  ? 210 HOH A O   1 
HETATM 974  O  O   . HOH D 4 .   ? 11.254  0.152   12.876  1.00 31.15  ? 212 HOH A O   1 
HETATM 975  O  O   . HOH D 4 .   ? -15.647 1.147   -10.674 1.00 44.30  ? 213 HOH A O   1 
HETATM 976  O  O   . HOH D 4 .   ? 16.362  0.833   2.570   1.00 32.77  ? 214 HOH A O   1 
HETATM 977  O  O   . HOH D 4 .   ? -8.629  -0.168  -11.571 1.00 35.83  ? 215 HOH A O   1 
HETATM 978  O  O   . HOH D 4 .   ? 8.902   -0.676  14.414  1.00 27.15  ? 217 HOH A O   1 
HETATM 979  O  O   . HOH D 4 .   ? 1.868   -7.415  -7.294  1.00 38.53  ? 218 HOH A O   1 
HETATM 980  O  O   . HOH D 4 .   ? -3.564  -16.082 10.253  1.00 48.05  ? 219 HOH A O   1 
HETATM 981  O  O   . HOH D 4 .   ? 1.749   -6.185  16.101  1.00 37.66  ? 220 HOH A O   1 
HETATM 982  O  O   . HOH D 4 .   ? -7.818  -1.825  5.138   1.00 42.02  ? 221 HOH A O   1 
HETATM 983  O  O   . HOH D 4 .   ? 0.319   -9.375  -0.794  1.00 32.89  ? 222 HOH A O   1 
HETATM 984  O  O   . HOH D 4 .   ? 10.769  -9.523  1.779   1.00 27.27  ? 223 HOH A O   1 
HETATM 985  O  O   . HOH D 4 .   ? -13.862 1.247   3.646   1.00 28.98  ? 224 HOH A O   1 
HETATM 986  O  O   . HOH D 4 .   ? 6.672   6.753   7.945   1.00 34.28  ? 225 HOH A O   1 
HETATM 987  O  O   . HOH D 4 .   ? 14.128  -4.706  15.700  1.00 62.31  ? 226 HOH A O   1 
HETATM 988  O  O   . HOH D 4 .   ? -9.844  9.860   8.506   1.00 61.72  ? 227 HOH A O   1 
HETATM 989  O  O   . HOH D 4 .   ? 12.313  -8.523  -3.227  1.00 31.37  ? 228 HOH A O   1 
HETATM 990  O  O   . HOH D 4 .   ? 4.169   11.434  -5.872  1.00 55.38  ? 229 HOH A O   1 
HETATM 991  O  O   . HOH D 4 .   ? 8.761   4.703   11.440  1.00 34.19  ? 230 HOH A O   1 
HETATM 992  O  O   . HOH D 4 .   ? 18.976  -0.728  2.465   1.00 54.27  ? 231 HOH A O   1 
HETATM 993  O  O   . HOH D 4 .   ? -2.658  2.868   -11.215 1.00 35.88  ? 232 HOH A O   1 
HETATM 994  O  O   . HOH D 4 .   ? -9.390  13.034  -0.201  1.00 52.36  ? 233 HOH A O   1 
HETATM 995  O  O   . HOH D 4 .   ? -12.333 -1.588  8.638   1.00 40.21  ? 234 HOH A O   1 
HETATM 996  O  O   . HOH D 4 .   ? 0.236   -6.400  -0.889  1.00 21.23  ? 235 HOH A O   1 
HETATM 997  O  O   . HOH D 4 .   ? -1.371  -5.746  -3.337  1.00 22.97  ? 236 HOH A O   1 
HETATM 998  O  O   . HOH D 4 .   ? 10.033  10.866  -6.576  1.00 35.60  ? 237 HOH A O   1 
HETATM 999  O  O   . HOH D 4 .   ? 10.277  -7.096  -7.406  1.00 41.80  ? 238 HOH A O   1 
HETATM 1000 O  O   . HOH D 4 .   ? 5.680   11.178  -7.976  1.00 55.75  ? 239 HOH A O   1 
HETATM 1001 O  O   . HOH D 4 .   ? -21.539 -6.961  -2.078  1.00 47.54  ? 240 HOH A O   1 
HETATM 1002 O  O   . HOH D 4 .   ? 10.269  -0.571  -14.810 1.00 66.80  ? 241 HOH A O   1 
HETATM 1003 O  O   . HOH D 4 .   ? 15.879  -3.975  8.048   1.00 44.15  ? 242 HOH A O   1 
HETATM 1004 O  O   . HOH D 4 .   ? -16.551 11.489  -4.760  1.00 27.85  ? 243 HOH A O   1 
HETATM 1005 O  O   . HOH D 4 .   ? 13.708  -12.769 7.547   1.00 48.01  ? 245 HOH A O   1 
HETATM 1006 O  O   . HOH D 4 .   ? 14.940  3.127   3.413   1.00 28.08  ? 246 HOH A O   1 
HETATM 1007 O  O   . HOH D 4 .   ? -0.175  -4.015  14.815  1.00 45.15  ? 247 HOH A O   1 
HETATM 1008 O  O   . HOH D 4 .   ? 3.619   -11.582 22.267  1.00 45.10  ? 248 HOH A O   1 
HETATM 1009 O  O   . HOH D 4 .   ? 23.023  -1.369  -5.242  1.00 70.18  ? 249 HOH A O   1 
HETATM 1010 O  O   . HOH D 4 .   ? 16.482  -3.019  -6.743  1.00 32.93  ? 250 HOH A O   1 
HETATM 1011 O  O   . HOH D 4 .   ? -7.743  -5.827  5.742   1.00 26.56  ? 251 HOH A O   1 
HETATM 1012 O  O   . HOH D 4 .   ? 2.085   -10.598 5.890   1.00 30.36  ? 252 HOH A O   1 
HETATM 1013 O  O   . HOH D 4 .   ? -17.586 11.882  9.494   1.00 67.61  ? 254 HOH A O   1 
HETATM 1014 O  O   . HOH D 4 .   ? -22.460 0.392   0.845   1.00 29.67  ? 255 HOH A O   1 
HETATM 1015 O  O   . HOH D 4 .   ? 9.622   -6.426  19.273  1.00 50.15  ? 257 HOH A O   1 
HETATM 1016 O  O   . HOH D 4 .   ? 1.416   -9.527  17.512  1.00 39.86  ? 258 HOH A O   1 
HETATM 1017 O  O   . HOH D 4 .   ? 9.009   -9.085  19.483  1.00 32.04  ? 259 HOH A O   1 
HETATM 1018 O  O   . HOH D 4 .   ? -18.293 8.903   3.911   1.00 48.70  ? 260 HOH A O   1 
HETATM 1019 O  O   . HOH D 4 .   ? 3.247   -3.311  18.644  1.00 43.18  ? 261 HOH A O   1 
HETATM 1020 O  O   . HOH D 4 .   ? 8.426   9.999   -8.639  1.00 52.20  ? 262 HOH A O   1 
HETATM 1021 O  O   . HOH D 4 .   ? 5.095   -13.730 6.390   1.00 58.69  ? 263 HOH A O   1 
HETATM 1022 O  O   . HOH D 4 .   ? -18.146 -1.066  -3.311  1.00 35.78  ? 264 HOH A O   1 
HETATM 1023 O  O   . HOH D 4 .   ? 1.778   -7.709  -10.471 1.00 69.26  ? 265 HOH A O   1 
HETATM 1024 O  O   . HOH D 4 .   ? -17.724 12.727  7.419   1.00 53.69  ? 266 HOH A O   1 
HETATM 1025 O  O   . HOH D 4 .   ? 13.497  -9.249  2.761   1.00 34.78  ? 267 HOH A O   1 
HETATM 1026 O  O   . HOH D 4 .   ? -24.999 -0.229  5.684   1.00 68.70  ? 268 HOH A O   1 
HETATM 1027 O  O   . HOH D 4 .   ? -10.795 11.386  2.772   1.00 53.08  ? 269 HOH A O   1 
HETATM 1028 O  O   . HOH D 4 .   ? 4.283   3.884   -14.024 1.00 47.99  ? 270 HOH A O   1 
HETATM 1029 O  O   . HOH D 4 .   ? 16.311  1.080   6.064   1.00 47.86  ? 271 HOH A O   1 
HETATM 1030 O  O   . HOH D 4 .   ? -10.170 6.406   2.181   1.00 48.47  ? 272 HOH A O   1 
HETATM 1031 O  O   . HOH D 4 .   ? -19.927 3.588   -9.796  1.00 48.71  ? 273 HOH A O   1 
HETATM 1032 O  O   . HOH D 4 .   ? -0.320  15.332  -4.557  1.00 50.45  ? 274 HOH A O   1 
HETATM 1033 O  O   . HOH D 4 .   ? 5.121   5.663   9.965   1.00 46.33  ? 275 HOH A O   1 
HETATM 1034 O  O   . HOH D 4 .   ? 4.167   -10.488 3.423   1.00 25.33  ? 276 HOH A O   1 
HETATM 1035 O  O   . HOH D 4 .   ? 16.344  5.021   -7.919  1.00 37.04  ? 277 HOH A O   1 
HETATM 1036 O  O   . HOH D 4 .   ? -4.306  -8.758  12.682  1.00 29.95  ? 278 HOH A O   1 
HETATM 1037 O  O   . HOH D 4 .   ? 12.206  5.702   6.753   1.00 56.20  ? 280 HOH A O   1 
HETATM 1038 O  O   . HOH D 4 .   ? 18.990  -1.580  6.364   1.00 67.70  ? 281 HOH A O   1 
HETATM 1039 O  O   . HOH D 4 .   ? -7.001  12.023  -10.944 1.00 78.17  ? 282 HOH A O   1 
HETATM 1040 O  O   . HOH D 4 .   ? -1.062  5.179   -12.571 1.00 56.94  ? 283 HOH A O   1 
HETATM 1041 O  O   . HOH D 4 .   ? 21.091  -2.597  3.921   1.00 50.07  ? 284 HOH A O   1 
HETATM 1042 O  O   . HOH D 4 .   ? 12.064  4.633   -10.915 1.00 49.10  ? 285 HOH A O   1 
HETATM 1043 O  O   . HOH D 4 .   ? 4.508   9.002   -6.847  1.00 103.09 ? 286 HOH A O   1 
HETATM 1044 O  O   . HOH D 4 .   ? -7.184  11.798  -8.401  1.00 56.99  ? 289 HOH A O   1 
HETATM 1045 O  O   . HOH D 4 .   ? -2.710  2.231   -15.612 1.00 82.48  ? 290 HOH A O   1 
HETATM 1046 O  O   . HOH D 4 .   ? -5.359  4.597   -15.899 1.00 89.12  ? 292 HOH A O   1 
HETATM 1047 O  O   . HOH D 4 .   ? -23.249 0.299   8.161   1.00 67.96  ? 293 HOH A O   1 
HETATM 1048 O  O   . HOH D 4 .   ? -1.556  -0.583  10.877  1.00 54.97  ? 294 HOH A O   1 
HETATM 1049 O  O   . HOH D 4 .   ? -14.078 11.361  -7.750  1.00 45.02  ? 295 HOH A O   1 
HETATM 1050 O  O   . HOH D 4 .   ? 14.909  -9.359  15.265  1.00 47.13  ? 296 HOH A O   1 
HETATM 1051 O  O   . HOH D 4 .   ? 1.635   -13.658 10.257  1.00 45.38  ? 297 HOH A O   1 
HETATM 1052 O  O   . HOH D 4 .   ? -0.819  -12.398 17.553  1.00 52.35  ? 298 HOH A O   1 
HETATM 1053 O  O   . HOH D 4 .   ? 2.560   -6.889  19.161  1.00 43.58  ? 299 HOH A O   1 
HETATM 1054 O  O   . HOH D 4 .   ? 19.222  1.392   4.676   1.00 78.86  ? 300 HOH A O   1 
HETATM 1055 O  O   . HOH D 4 .   ? -10.639 -1.717  -13.143 1.00 41.33  ? 301 HOH A O   1 
HETATM 1056 O  O   . HOH D 4 .   ? -9.963  8.255   -14.993 1.00 64.66  ? 302 HOH A O   1 
HETATM 1057 O  O   . HOH D 4 .   ? -3.096  -8.671  15.307  1.00 50.08  ? 303 HOH A O   1 
HETATM 1058 O  O   . HOH E 4 .   ? -3.932  -3.234  9.810   1.00 61.27  ? 279 HOH B O   1 
HETATM 1059 O  O   . HOH E 4 .   ? -5.829  -0.498  10.745  1.00 71.77  ? 305 HOH B O   1 
# 
